data_2HF5
#
_entry.id   2HF5
#
loop_
_entity.id
_entity.type
_entity.pdbx_description
1 polymer Calmodulin
2 non-polymer 'CALCIUM ION'
#
_entity_poly.entity_id   1
_entity_poly.type   'polypeptide(L)'
_entity_poly.pdbx_seq_one_letter_code
;AELQDMINEVDADGNGTIDFPEFLTMMARKMKDTDSEEEIREAFRVFDKDGNGYISAAELRHVMTNLG
;
_entity_poly.pdbx_strand_id   A
#
loop_
_chem_comp.id
_chem_comp.type
_chem_comp.name
_chem_comp.formula
CA non-polymer 'CALCIUM ION' 'Ca 2'
#
# COMPACT_ATOMS: atom_id res chain seq x y z
N ALA A 1 -4.33 16.35 8.85
CA ALA A 1 -3.14 15.65 9.39
C ALA A 1 -2.24 15.15 8.27
N GLU A 2 -0.94 15.24 8.48
CA GLU A 2 0.03 14.76 7.50
C GLU A 2 0.10 13.25 7.54
N LEU A 3 -0.29 12.57 6.46
CA LEU A 3 -0.19 11.12 6.39
C LEU A 3 1.26 10.67 6.25
N GLN A 4 2.17 11.64 6.24
CA GLN A 4 3.59 11.38 6.08
C GLN A 4 4.11 10.48 7.20
N ASP A 5 3.58 10.63 8.40
CA ASP A 5 4.01 9.82 9.52
C ASP A 5 3.55 8.37 9.32
N MET A 6 2.37 8.19 8.72
CA MET A 6 1.89 6.86 8.37
C MET A 6 2.75 6.27 7.27
N ILE A 7 3.20 7.15 6.36
CA ILE A 7 4.10 6.74 5.29
C ILE A 7 5.39 6.20 5.90
N ASN A 8 5.81 6.85 6.97
CA ASN A 8 7.06 6.50 7.65
C ASN A 8 6.92 5.22 8.45
N GLU A 9 5.71 4.91 8.87
CA GLU A 9 5.48 3.69 9.64
C GLU A 9 5.23 2.50 8.70
N VAL A 10 4.76 2.79 7.50
CA VAL A 10 4.51 1.73 6.52
C VAL A 10 5.78 1.43 5.73
N ASP A 11 6.58 2.47 5.54
CA ASP A 11 7.89 2.34 4.90
C ASP A 11 8.77 1.33 5.62
N ALA A 12 9.07 0.23 4.92
CA ALA A 12 9.82 -0.86 5.51
C ALA A 12 11.31 -0.77 5.16
N ASP A 13 11.59 -0.37 3.93
CA ASP A 13 12.97 -0.37 3.43
C ASP A 13 13.48 1.04 3.13
N GLY A 14 12.59 2.01 3.12
CA GLY A 14 13.00 3.39 2.93
C GLY A 14 12.75 3.94 1.54
N ASN A 15 12.03 3.21 0.69
CA ASN A 15 11.64 3.77 -0.60
C ASN A 15 10.42 4.69 -0.45
N GLY A 16 9.85 4.74 0.76
CA GLY A 16 8.80 5.69 1.07
C GLY A 16 7.45 5.25 0.56
N THR A 17 7.42 4.11 -0.08
CA THR A 17 6.19 3.55 -0.63
C THR A 17 6.21 2.04 -0.47
N ILE A 18 5.05 1.44 -0.44
CA ILE A 18 4.97 0.00 -0.38
C ILE A 18 5.25 -0.58 -1.75
N ASP A 19 5.98 -1.69 -1.77
CA ASP A 19 6.29 -2.39 -3.00
C ASP A 19 5.53 -3.70 -2.93
N PHE A 20 5.57 -4.51 -3.97
CA PHE A 20 4.87 -5.79 -3.95
C PHE A 20 5.31 -6.64 -2.75
N PRO A 21 6.63 -6.85 -2.54
CA PRO A 21 7.13 -7.59 -1.39
C PRO A 21 6.68 -6.96 -0.07
N GLU A 22 6.76 -5.64 0.03
CA GLU A 22 6.43 -4.93 1.26
C GLU A 22 4.94 -5.06 1.57
N PHE A 23 4.09 -4.80 0.58
CA PHE A 23 2.64 -4.89 0.77
C PHE A 23 2.27 -6.28 1.27
N LEU A 24 2.83 -7.29 0.63
CA LEU A 24 2.55 -8.67 0.98
C LEU A 24 3.08 -9.02 2.36
N THR A 25 4.25 -8.50 2.70
CA THR A 25 4.87 -8.82 3.97
C THR A 25 4.17 -8.10 5.13
N MET A 26 3.91 -6.81 4.94
CA MET A 26 3.17 -6.02 5.93
C MET A 26 1.77 -6.57 6.12
N MET A 27 1.21 -7.13 5.05
CA MET A 27 -0.10 -7.75 5.12
C MET A 27 -0.01 -9.05 5.93
N ALA A 28 0.66 -10.05 5.35
CA ALA A 28 0.89 -11.35 6.00
C ALA A 28 1.57 -11.23 7.35
N ARG A 29 2.11 -10.05 7.64
CA ARG A 29 2.76 -9.76 8.91
C ARG A 29 2.00 -10.40 10.07
N LYS A 30 0.70 -10.17 10.12
CA LYS A 30 -0.14 -10.86 11.08
C LYS A 30 -1.36 -11.49 10.40
N MET A 31 -1.91 -10.83 9.39
CA MET A 31 -3.09 -11.33 8.70
C MET A 31 -2.75 -11.77 7.28
N LYS A 32 -2.87 -13.04 6.98
CA LYS A 32 -2.55 -13.50 5.64
C LYS A 32 -3.81 -13.87 4.87
N ASP A 33 -4.04 -13.14 3.77
CA ASP A 33 -5.20 -13.36 2.92
C ASP A 33 -4.75 -13.96 1.57
N THR A 34 -5.10 -13.30 0.48
CA THR A 34 -4.78 -13.77 -0.86
C THR A 34 -3.34 -13.43 -1.23
N ASP A 35 -2.62 -14.39 -1.82
CA ASP A 35 -1.32 -14.08 -2.41
C ASP A 35 -1.25 -14.58 -3.85
N SER A 36 -1.91 -13.86 -4.73
CA SER A 36 -1.71 -14.01 -6.15
C SER A 36 -1.27 -12.67 -6.69
N GLU A 37 -0.12 -12.68 -7.33
CA GLU A 37 0.52 -11.45 -7.74
C GLU A 37 -0.37 -10.63 -8.65
N GLU A 38 -1.16 -11.30 -9.50
CA GLU A 38 -2.15 -10.62 -10.32
C GLU A 38 -3.09 -9.78 -9.47
N GLU A 39 -3.71 -10.42 -8.48
CA GLU A 39 -4.68 -9.76 -7.61
C GLU A 39 -4.01 -8.68 -6.78
N ILE A 40 -2.82 -8.98 -6.30
CA ILE A 40 -2.07 -8.04 -5.50
C ILE A 40 -1.69 -6.82 -6.35
N ARG A 41 -1.32 -7.09 -7.61
CA ARG A 41 -0.96 -6.05 -8.57
C ARG A 41 -2.18 -5.20 -8.91
N GLU A 42 -3.33 -5.86 -9.06
CA GLU A 42 -4.58 -5.15 -9.29
C GLU A 42 -4.86 -4.20 -8.14
N ALA A 43 -4.58 -4.66 -6.93
CA ALA A 43 -4.74 -3.83 -5.75
C ALA A 43 -3.84 -2.60 -5.83
N PHE A 44 -2.60 -2.79 -6.26
CA PHE A 44 -1.66 -1.68 -6.37
C PHE A 44 -2.18 -0.56 -7.25
N ARG A 45 -2.77 -0.89 -8.40
CA ARG A 45 -3.27 0.13 -9.30
C ARG A 45 -4.60 0.71 -8.79
N VAL A 46 -5.32 -0.07 -7.98
CA VAL A 46 -6.56 0.39 -7.37
C VAL A 46 -6.30 1.30 -6.18
N PHE A 47 -5.44 0.85 -5.28
CA PHE A 47 -5.14 1.58 -4.05
C PHE A 47 -4.52 2.94 -4.33
N ASP A 48 -3.51 2.94 -5.18
CA ASP A 48 -2.76 4.16 -5.48
C ASP A 48 -3.65 5.20 -6.17
N LYS A 49 -3.33 6.48 -5.92
CA LYS A 49 -4.07 7.59 -6.51
C LYS A 49 -3.76 7.70 -8.01
N ASP A 50 -2.50 7.48 -8.33
CA ASP A 50 -1.99 7.65 -9.68
C ASP A 50 -1.88 6.30 -10.38
N GLY A 51 -2.28 5.24 -9.67
CA GLY A 51 -2.06 3.88 -10.13
C GLY A 51 -0.64 3.59 -10.57
N ASN A 52 0.36 4.25 -9.95
CA ASN A 52 1.74 4.11 -10.40
C ASN A 52 2.39 2.78 -9.99
N GLY A 53 1.59 1.79 -9.66
CA GLY A 53 2.12 0.47 -9.38
C GLY A 53 2.70 0.34 -7.98
N TYR A 54 2.25 1.20 -7.08
CA TYR A 54 2.75 1.21 -5.71
C TYR A 54 1.65 1.67 -4.77
N ILE A 55 1.70 1.24 -3.52
CA ILE A 55 0.69 1.61 -2.54
C ILE A 55 1.32 2.40 -1.40
N SER A 56 1.06 3.69 -1.37
CA SER A 56 1.59 4.55 -0.31
C SER A 56 0.49 4.88 0.69
N ALA A 57 0.86 5.54 1.79
CA ALA A 57 -0.10 5.85 2.85
C ALA A 57 -1.20 6.79 2.34
N ALA A 58 -0.80 7.92 1.77
CA ALA A 58 -1.74 8.84 1.15
C ALA A 58 -2.66 8.12 0.16
N GLU A 59 -2.09 7.18 -0.59
CA GLU A 59 -2.86 6.40 -1.55
C GLU A 59 -3.84 5.51 -0.84
N LEU A 60 -3.40 4.95 0.29
CA LEU A 60 -4.25 4.12 1.11
C LEU A 60 -5.54 4.84 1.43
N ARG A 61 -5.43 6.10 1.80
CA ARG A 61 -6.62 6.84 2.20
C ARG A 61 -7.49 7.14 0.98
N HIS A 62 -6.86 7.42 -0.16
CA HIS A 62 -7.57 7.59 -1.43
C HIS A 62 -8.54 6.45 -1.69
N VAL A 63 -8.04 5.24 -1.61
CA VAL A 63 -8.82 4.07 -1.95
C VAL A 63 -9.63 3.54 -0.77
N MET A 64 -9.03 3.59 0.40
CA MET A 64 -9.55 2.94 1.60
C MET A 64 -10.81 3.63 2.13
N THR A 65 -10.66 4.80 2.73
CA THR A 65 -11.80 5.47 3.35
C THR A 65 -11.96 6.92 2.87
N ASN A 66 -10.84 7.57 2.58
CA ASN A 66 -10.82 9.01 2.31
C ASN A 66 -10.78 9.27 0.81
N LEU A 67 -10.65 10.52 0.43
CA LEU A 67 -10.53 10.89 -0.96
C LEU A 67 -9.08 11.17 -1.28
N GLY A 68 -8.60 10.55 -2.33
CA GLY A 68 -7.24 10.76 -2.75
C GLY A 68 -7.17 11.33 -4.15
CA CA B . 10.19 -0.40 0.22
CA CA C . 0.47 6.87 -6.24
N ALA A 1 -3.10 11.73 11.80
CA ALA A 1 -3.71 11.34 10.51
C ALA A 1 -2.94 11.94 9.33
N GLU A 2 -1.66 12.24 9.56
CA GLU A 2 -0.82 12.84 8.54
C GLU A 2 -0.29 11.76 7.61
N LEU A 3 -0.32 12.05 6.31
CA LEU A 3 0.10 11.10 5.29
C LEU A 3 1.57 10.74 5.45
N GLN A 4 2.40 11.73 5.76
CA GLN A 4 3.82 11.50 5.96
C GLN A 4 4.05 10.54 7.13
N ASP A 5 3.28 10.75 8.20
CA ASP A 5 3.37 9.91 9.38
C ASP A 5 3.08 8.45 9.04
N MET A 6 1.99 8.25 8.31
CA MET A 6 1.60 6.91 7.90
C MET A 6 2.60 6.32 6.91
N ILE A 7 3.21 7.17 6.09
CA ILE A 7 4.26 6.74 5.17
C ILE A 7 5.43 6.20 5.98
N ASN A 8 5.81 6.95 7.00
CA ASN A 8 6.96 6.61 7.83
C ASN A 8 6.74 5.30 8.54
N GLU A 9 5.49 4.98 8.86
CA GLU A 9 5.16 3.75 9.57
C GLU A 9 5.09 2.54 8.63
N VAL A 10 4.69 2.77 7.39
CA VAL A 10 4.51 1.67 6.45
C VAL A 10 5.78 1.41 5.64
N ASP A 11 6.54 2.46 5.40
CA ASP A 11 7.81 2.38 4.66
C ASP A 11 8.83 1.47 5.35
N ALA A 12 8.73 0.19 5.01
CA ALA A 12 9.56 -0.85 5.64
C ALA A 12 11.00 -0.86 5.13
N ASP A 13 11.19 -0.67 3.83
CA ASP A 13 12.54 -0.73 3.27
C ASP A 13 13.19 0.63 3.30
N GLY A 14 12.37 1.65 3.44
CA GLY A 14 12.85 3.00 3.40
C GLY A 14 12.75 3.58 2.00
N ASN A 15 12.18 2.80 1.09
CA ASN A 15 12.03 3.22 -0.31
C ASN A 15 10.88 4.21 -0.49
N GLY A 16 10.19 4.54 0.60
CA GLY A 16 9.24 5.65 0.60
C GLY A 16 7.85 5.24 0.12
N THR A 17 7.69 3.96 -0.12
CA THR A 17 6.42 3.45 -0.60
C THR A 17 6.36 1.96 -0.32
N ILE A 18 5.18 1.39 -0.38
CA ILE A 18 5.05 -0.04 -0.33
C ILE A 18 5.32 -0.60 -1.72
N ASP A 19 6.11 -1.66 -1.77
CA ASP A 19 6.39 -2.35 -3.01
C ASP A 19 5.72 -3.70 -2.93
N PHE A 20 5.76 -4.48 -3.99
CA PHE A 20 5.06 -5.77 -4.01
C PHE A 20 5.45 -6.66 -2.82
N PRO A 21 6.75 -6.87 -2.55
CA PRO A 21 7.18 -7.63 -1.37
C PRO A 21 6.69 -6.99 -0.06
N GLU A 22 6.76 -5.65 0.01
CA GLU A 22 6.34 -4.92 1.19
C GLU A 22 4.85 -5.13 1.48
N PHE A 23 4.01 -4.86 0.49
CA PHE A 23 2.56 -4.95 0.66
C PHE A 23 2.15 -6.32 1.12
N LEU A 24 2.71 -7.35 0.49
CA LEU A 24 2.39 -8.71 0.83
C LEU A 24 2.77 -9.03 2.27
N THR A 25 3.90 -8.53 2.70
CA THR A 25 4.38 -8.80 4.04
C THR A 25 3.61 -7.97 5.07
N MET A 26 3.38 -6.70 4.75
CA MET A 26 2.58 -5.81 5.59
C MET A 26 1.13 -6.29 5.70
N MET A 27 0.65 -6.93 4.64
CA MET A 27 -0.67 -7.54 4.67
C MET A 27 -0.64 -8.76 5.59
N ALA A 28 0.10 -9.79 5.16
CA ALA A 28 0.30 -11.00 5.95
C ALA A 28 0.82 -10.73 7.35
N ARG A 29 1.30 -9.52 7.57
CA ARG A 29 1.73 -9.09 8.90
C ARG A 29 0.70 -9.50 9.94
N LYS A 30 -0.55 -9.16 9.67
CA LYS A 30 -1.66 -9.59 10.49
C LYS A 30 -2.70 -10.36 9.66
N MET A 31 -3.11 -9.81 8.52
CA MET A 31 -4.19 -10.43 7.75
C MET A 31 -3.63 -11.11 6.50
N LYS A 32 -3.67 -12.43 6.45
CA LYS A 32 -3.24 -13.12 5.25
C LYS A 32 -4.41 -13.81 4.56
N ASP A 33 -4.73 -13.36 3.36
CA ASP A 33 -5.89 -13.87 2.66
C ASP A 33 -5.51 -14.38 1.26
N THR A 34 -5.25 -13.45 0.35
CA THR A 34 -4.92 -13.81 -1.01
C THR A 34 -3.53 -13.29 -1.39
N ASP A 35 -2.68 -14.17 -1.92
CA ASP A 35 -1.43 -13.73 -2.50
C ASP A 35 -1.28 -14.25 -3.93
N SER A 36 -1.98 -13.60 -4.84
CA SER A 36 -1.80 -13.85 -6.26
C SER A 36 -1.25 -12.59 -6.87
N GLU A 37 -0.06 -12.72 -7.45
CA GLU A 37 0.71 -11.57 -7.91
C GLU A 37 -0.09 -10.67 -8.86
N GLU A 38 -0.93 -11.28 -9.70
CA GLU A 38 -1.81 -10.51 -10.56
C GLU A 38 -2.82 -9.69 -9.74
N GLU A 39 -3.44 -10.34 -8.77
CA GLU A 39 -4.46 -9.74 -7.95
C GLU A 39 -3.85 -8.66 -7.05
N ILE A 40 -2.66 -8.95 -6.54
CA ILE A 40 -1.95 -8.00 -5.70
C ILE A 40 -1.52 -6.79 -6.53
N ARG A 41 -1.10 -7.06 -7.76
CA ARG A 41 -0.72 -5.99 -8.69
C ARG A 41 -1.94 -5.14 -9.01
N GLU A 42 -3.07 -5.80 -9.20
CA GLU A 42 -4.31 -5.10 -9.49
C GLU A 42 -4.75 -4.30 -8.28
N ALA A 43 -4.44 -4.83 -7.10
CA ALA A 43 -4.71 -4.15 -5.84
C ALA A 43 -3.86 -2.88 -5.73
N PHE A 44 -2.60 -2.98 -6.16
CA PHE A 44 -1.72 -1.81 -6.20
C PHE A 44 -2.34 -0.70 -7.03
N ARG A 45 -2.95 -1.08 -8.13
CA ARG A 45 -3.59 -0.12 -9.03
C ARG A 45 -4.89 0.42 -8.43
N VAL A 46 -5.55 -0.39 -7.62
CA VAL A 46 -6.80 0.02 -6.97
C VAL A 46 -6.54 0.91 -5.77
N PHE A 47 -5.64 0.48 -4.88
CA PHE A 47 -5.32 1.26 -3.69
C PHE A 47 -4.70 2.60 -4.06
N ASP A 48 -3.79 2.58 -5.02
CA ASP A 48 -3.14 3.80 -5.48
C ASP A 48 -4.16 4.72 -6.14
N LYS A 49 -3.99 6.02 -5.91
CA LYS A 49 -4.89 7.02 -6.46
C LYS A 49 -4.43 7.46 -7.84
N ASP A 50 -3.13 7.41 -8.04
CA ASP A 50 -2.51 7.77 -9.31
C ASP A 50 -2.09 6.53 -10.08
N GLY A 51 -2.26 5.38 -9.43
CA GLY A 51 -1.91 4.09 -10.00
C GLY A 51 -0.49 3.97 -10.52
N ASN A 52 0.50 4.57 -9.84
CA ASN A 52 1.89 4.46 -10.28
C ASN A 52 2.47 3.07 -10.02
N GLY A 53 1.68 2.19 -9.41
CA GLY A 53 2.12 0.82 -9.23
C GLY A 53 2.79 0.60 -7.89
N TYR A 54 2.49 1.48 -6.93
CA TYR A 54 3.10 1.42 -5.61
C TYR A 54 2.12 2.00 -4.60
N ILE A 55 2.10 1.41 -3.42
CA ILE A 55 1.09 1.77 -2.43
C ILE A 55 1.70 2.57 -1.29
N SER A 56 1.47 3.87 -1.31
CA SER A 56 1.93 4.76 -0.26
C SER A 56 0.78 5.14 0.66
N ALA A 57 1.08 5.88 1.72
CA ALA A 57 0.07 6.28 2.70
C ALA A 57 -1.04 7.11 2.04
N ALA A 58 -0.65 8.19 1.37
CA ALA A 58 -1.60 9.03 0.65
C ALA A 58 -2.53 8.22 -0.26
N GLU A 59 -1.95 7.24 -0.95
CA GLU A 59 -2.74 6.36 -1.82
C GLU A 59 -3.75 5.61 -0.99
N LEU A 60 -3.26 5.07 0.13
CA LEU A 60 -4.07 4.24 1.01
C LEU A 60 -5.24 5.04 1.55
N ARG A 61 -4.95 6.22 2.10
CA ARG A 61 -5.98 7.02 2.72
C ARG A 61 -6.94 7.58 1.68
N HIS A 62 -6.49 7.66 0.44
CA HIS A 62 -7.33 8.17 -0.65
C HIS A 62 -8.37 7.13 -1.02
N VAL A 63 -7.95 5.87 -1.01
CA VAL A 63 -8.83 4.78 -1.40
C VAL A 63 -9.63 4.27 -0.20
N MET A 64 -8.99 4.35 0.97
CA MET A 64 -9.47 3.67 2.16
C MET A 64 -10.60 4.43 2.86
N THR A 65 -10.30 5.52 3.58
CA THR A 65 -11.37 6.28 4.25
C THR A 65 -11.27 7.79 4.00
N ASN A 66 -10.06 8.26 3.76
CA ASN A 66 -9.76 9.69 3.68
C ASN A 66 -10.02 10.25 2.29
N LEU A 67 -9.51 11.46 2.05
CA LEU A 67 -9.77 12.22 0.82
C LEU A 67 -9.74 11.34 -0.42
N GLY A 68 -10.89 11.20 -1.07
CA GLY A 68 -10.98 10.42 -2.27
C GLY A 68 -11.40 11.26 -3.45
CA CA B . 9.72 -1.40 0.08
CA CA C . 0.43 6.30 -6.65
N ALA A 1 -4.81 15.42 9.23
CA ALA A 1 -4.23 14.07 9.25
C ALA A 1 -2.89 14.04 8.53
N GLU A 2 -1.86 13.56 9.21
CA GLU A 2 -0.53 13.54 8.64
C GLU A 2 -0.28 12.22 7.91
N LEU A 3 -0.15 12.32 6.60
CA LEU A 3 0.07 11.15 5.77
C LEU A 3 1.52 10.71 5.83
N GLN A 4 2.42 11.65 6.11
CA GLN A 4 3.84 11.36 6.19
C GLN A 4 4.13 10.41 7.34
N ASP A 5 3.38 10.57 8.44
CA ASP A 5 3.52 9.68 9.60
C ASP A 5 3.06 8.27 9.26
N MET A 6 1.97 8.17 8.49
CA MET A 6 1.48 6.88 8.05
C MET A 6 2.48 6.25 7.09
N ILE A 7 3.16 7.09 6.32
CA ILE A 7 4.21 6.63 5.44
C ILE A 7 5.37 6.07 6.27
N ASN A 8 5.72 6.80 7.33
CA ASN A 8 6.84 6.43 8.21
C ASN A 8 6.64 5.03 8.78
N GLU A 9 5.38 4.69 9.05
CA GLU A 9 5.07 3.41 9.66
C GLU A 9 5.19 2.27 8.64
N VAL A 10 4.85 2.54 7.39
CA VAL A 10 4.75 1.48 6.39
C VAL A 10 6.04 1.32 5.61
N ASP A 11 6.74 2.42 5.46
CA ASP A 11 7.96 2.49 4.68
C ASP A 11 9.08 1.64 5.26
N ALA A 12 9.10 0.39 4.82
CA ALA A 12 10.10 -0.58 5.26
C ALA A 12 11.43 -0.43 4.54
N ASP A 13 11.40 -0.20 3.22
CA ASP A 13 12.65 -0.10 2.45
C ASP A 13 13.22 1.30 2.60
N GLY A 14 12.36 2.22 3.00
CA GLY A 14 12.75 3.61 3.10
C GLY A 14 12.59 4.31 1.78
N ASN A 15 11.93 3.64 0.83
CA ASN A 15 11.71 4.19 -0.49
C ASN A 15 10.44 5.06 -0.52
N GLY A 16 9.75 5.13 0.62
CA GLY A 16 8.64 6.06 0.76
C GLY A 16 7.34 5.51 0.24
N THR A 17 7.31 4.21 0.00
CA THR A 17 6.13 3.57 -0.53
C THR A 17 6.15 2.08 -0.22
N ILE A 18 4.98 1.49 -0.09
CA ILE A 18 4.89 0.06 0.04
C ILE A 18 5.10 -0.55 -1.35
N ASP A 19 5.83 -1.65 -1.37
CA ASP A 19 6.15 -2.31 -2.61
C ASP A 19 5.48 -3.66 -2.58
N PHE A 20 5.66 -4.45 -3.61
CA PHE A 20 5.15 -5.82 -3.59
C PHE A 20 5.67 -6.58 -2.36
N PRO A 21 7.00 -6.56 -2.08
CA PRO A 21 7.56 -7.17 -0.87
C PRO A 21 6.89 -6.67 0.41
N GLU A 22 6.85 -5.35 0.61
CA GLU A 22 6.30 -4.79 1.84
C GLU A 22 4.83 -5.14 2.03
N PHE A 23 4.02 -4.89 1.00
CA PHE A 23 2.58 -5.05 1.12
C PHE A 23 2.22 -6.48 1.48
N LEU A 24 2.83 -7.43 0.78
CA LEU A 24 2.57 -8.84 1.01
C LEU A 24 3.12 -9.33 2.34
N THR A 25 4.36 -8.97 2.62
CA THR A 25 5.01 -9.46 3.81
C THR A 25 4.40 -8.84 5.07
N MET A 26 4.17 -7.53 5.04
CA MET A 26 3.51 -6.85 6.14
C MET A 26 2.04 -7.26 6.26
N MET A 27 1.47 -7.76 5.17
CA MET A 27 0.15 -8.38 5.26
C MET A 27 0.27 -9.68 6.06
N ALA A 28 0.95 -10.66 5.47
CA ALA A 28 1.21 -11.96 6.11
C ALA A 28 1.87 -11.81 7.47
N ARG A 29 2.41 -10.62 7.74
CA ARG A 29 2.99 -10.30 9.04
C ARG A 29 2.09 -10.83 10.16
N LYS A 30 0.81 -10.50 10.09
CA LYS A 30 -0.16 -11.05 11.01
C LYS A 30 -1.40 -11.58 10.28
N MET A 31 -1.92 -10.77 9.37
CA MET A 31 -3.22 -11.06 8.75
C MET A 31 -3.04 -11.51 7.30
N LYS A 32 -3.43 -12.73 6.97
CA LYS A 32 -3.33 -13.15 5.59
C LYS A 32 -4.72 -13.19 4.96
N ASP A 33 -4.92 -12.36 3.95
CA ASP A 33 -6.18 -12.27 3.23
C ASP A 33 -5.91 -11.73 1.84
N THR A 34 -5.38 -12.58 0.98
CA THR A 34 -4.92 -12.17 -0.33
C THR A 34 -5.83 -12.65 -1.43
N ASP A 35 -5.53 -12.17 -2.61
CA ASP A 35 -5.95 -12.80 -3.83
C ASP A 35 -4.69 -13.12 -4.63
N SER A 36 -4.88 -13.64 -5.82
CA SER A 36 -3.78 -13.97 -6.71
C SER A 36 -2.85 -12.78 -6.92
N GLU A 37 -1.57 -13.06 -7.14
CA GLU A 37 -0.56 -12.02 -7.32
C GLU A 37 -1.02 -10.99 -8.34
N GLU A 38 -1.57 -11.48 -9.43
CA GLU A 38 -2.06 -10.62 -10.51
C GLU A 38 -3.15 -9.69 -10.02
N GLU A 39 -4.02 -10.21 -9.16
CA GLU A 39 -5.08 -9.42 -8.56
C GLU A 39 -4.50 -8.39 -7.61
N ILE A 40 -3.44 -8.77 -6.90
CA ILE A 40 -2.75 -7.87 -5.99
C ILE A 40 -2.12 -6.71 -6.76
N ARG A 41 -1.64 -6.99 -7.96
CA ARG A 41 -1.11 -5.94 -8.83
C ARG A 41 -2.22 -4.98 -9.24
N GLU A 42 -3.42 -5.52 -9.45
CA GLU A 42 -4.58 -4.69 -9.72
C GLU A 42 -4.99 -3.96 -8.45
N ALA A 43 -4.68 -4.55 -7.31
CA ALA A 43 -4.94 -3.91 -6.02
C ALA A 43 -4.01 -2.73 -5.82
N PHE A 44 -2.73 -2.89 -6.16
CA PHE A 44 -1.78 -1.78 -6.14
C PHE A 44 -2.27 -0.63 -7.00
N ARG A 45 -2.94 -1.00 -8.09
CA ARG A 45 -3.54 -0.03 -9.01
C ARG A 45 -4.74 0.66 -8.37
N VAL A 46 -5.51 -0.06 -7.56
CA VAL A 46 -6.72 0.49 -6.93
C VAL A 46 -6.40 1.15 -5.58
N PHE A 47 -5.34 0.71 -4.92
CA PHE A 47 -4.91 1.28 -3.66
C PHE A 47 -4.00 2.49 -3.88
N ASP A 48 -4.04 2.99 -5.10
CA ASP A 48 -3.22 4.13 -5.50
C ASP A 48 -4.12 5.16 -6.18
N LYS A 49 -3.81 6.44 -6.00
CA LYS A 49 -4.56 7.51 -6.62
C LYS A 49 -4.28 7.52 -8.12
N ASP A 50 -3.03 7.21 -8.45
CA ASP A 50 -2.52 7.32 -9.81
C ASP A 50 -2.14 5.95 -10.40
N GLY A 51 -2.37 4.90 -9.61
CA GLY A 51 -1.95 3.55 -9.97
C GLY A 51 -0.54 3.46 -10.54
N ASN A 52 0.46 4.07 -9.90
CA ASN A 52 1.85 3.98 -10.39
C ASN A 52 2.47 2.63 -10.08
N GLY A 53 1.69 1.73 -9.49
CA GLY A 53 2.15 0.38 -9.25
C GLY A 53 2.77 0.22 -7.88
N TYR A 54 2.41 1.13 -6.98
CA TYR A 54 2.94 1.13 -5.62
C TYR A 54 1.90 1.70 -4.69
N ILE A 55 1.84 1.17 -3.49
CA ILE A 55 0.85 1.61 -2.53
C ILE A 55 1.52 2.39 -1.41
N SER A 56 1.39 3.70 -1.46
CA SER A 56 1.92 4.54 -0.41
C SER A 56 0.78 4.96 0.51
N ALA A 57 1.13 5.49 1.67
CA ALA A 57 0.13 5.88 2.66
C ALA A 57 -0.87 6.85 2.06
N ALA A 58 -0.36 7.94 1.49
CA ALA A 58 -1.18 8.93 0.79
C ALA A 58 -2.11 8.26 -0.22
N GLU A 59 -1.56 7.37 -1.03
CA GLU A 59 -2.34 6.67 -2.04
C GLU A 59 -3.44 5.86 -1.37
N LEU A 60 -3.03 5.13 -0.35
CA LEU A 60 -3.90 4.18 0.34
C LEU A 60 -5.11 4.89 0.91
N ARG A 61 -4.86 6.00 1.59
CA ARG A 61 -5.92 6.69 2.30
C ARG A 61 -6.90 7.36 1.34
N HIS A 62 -6.40 8.24 0.47
CA HIS A 62 -7.25 9.01 -0.44
C HIS A 62 -8.10 8.10 -1.31
N VAL A 63 -7.53 6.97 -1.70
CA VAL A 63 -8.22 6.09 -2.62
C VAL A 63 -9.19 5.18 -1.86
N MET A 64 -8.72 4.64 -0.74
CA MET A 64 -9.47 3.68 0.03
C MET A 64 -10.62 4.31 0.82
N THR A 65 -10.32 5.07 1.88
CA THR A 65 -11.37 5.52 2.78
C THR A 65 -11.33 7.03 3.07
N ASN A 66 -10.13 7.56 3.30
CA ASN A 66 -9.98 8.90 3.85
C ASN A 66 -9.29 9.82 2.85
N LEU A 67 -8.90 11.00 3.31
CA LEU A 67 -8.05 11.85 2.51
C LEU A 67 -6.61 11.37 2.61
N GLY A 68 -5.97 11.28 1.46
CA GLY A 68 -4.59 10.85 1.41
C GLY A 68 -3.79 11.77 0.53
CA CA B . 8.82 0.00 -0.09
CA CA C . 0.44 6.33 -7.04
N ALA A 1 -4.50 11.07 11.55
CA ALA A 1 -3.16 10.57 11.19
C ALA A 1 -2.66 11.22 9.90
N GLU A 2 -1.44 11.73 9.93
CA GLU A 2 -0.87 12.41 8.78
C GLU A 2 -0.42 11.39 7.74
N LEU A 3 -0.78 11.66 6.49
CA LEU A 3 -0.56 10.72 5.39
C LEU A 3 0.92 10.46 5.14
N GLN A 4 1.75 11.49 5.24
CA GLN A 4 3.18 11.32 5.05
C GLN A 4 3.76 10.52 6.19
N ASP A 5 3.27 10.79 7.40
CA ASP A 5 3.72 10.09 8.60
C ASP A 5 3.40 8.61 8.49
N MET A 6 2.18 8.33 8.03
CA MET A 6 1.74 6.96 7.81
C MET A 6 2.62 6.27 6.76
N ILE A 7 3.11 7.05 5.79
CA ILE A 7 3.99 6.51 4.76
C ILE A 7 5.31 6.07 5.39
N ASN A 8 5.75 6.85 6.35
CA ASN A 8 7.02 6.63 7.02
C ASN A 8 6.93 5.44 7.98
N GLU A 9 5.71 5.15 8.42
CA GLU A 9 5.46 4.01 9.30
C GLU A 9 5.22 2.74 8.48
N VAL A 10 4.66 2.91 7.29
CA VAL A 10 4.38 1.79 6.40
C VAL A 10 5.64 1.33 5.67
N ASP A 11 6.54 2.26 5.37
CA ASP A 11 7.80 1.91 4.71
C ASP A 11 8.61 0.97 5.58
N ALA A 12 8.85 -0.19 5.01
CA ALA A 12 9.53 -1.28 5.69
C ALA A 12 10.99 -1.33 5.27
N ASP A 13 11.20 -1.11 3.98
CA ASP A 13 12.52 -1.31 3.39
C ASP A 13 13.29 -0.01 3.21
N GLY A 14 12.57 1.11 3.20
CA GLY A 14 13.24 2.37 2.94
C GLY A 14 13.26 2.68 1.46
N ASN A 15 12.10 3.10 0.97
CA ASN A 15 11.97 3.40 -0.46
C ASN A 15 11.02 4.57 -0.71
N GLY A 16 10.24 4.95 0.32
CA GLY A 16 9.31 6.05 0.20
C GLY A 16 7.88 5.57 0.00
N THR A 17 7.72 4.25 -0.03
CA THR A 17 6.42 3.66 -0.33
C THR A 17 6.37 2.21 0.15
N ILE A 18 5.27 1.53 -0.12
CA ILE A 18 5.22 0.10 0.00
C ILE A 18 5.58 -0.51 -1.37
N ASP A 19 6.29 -1.62 -1.34
CA ASP A 19 6.68 -2.34 -2.53
C ASP A 19 5.91 -3.64 -2.50
N PHE A 20 6.04 -4.48 -3.51
CA PHE A 20 5.33 -5.75 -3.53
C PHE A 20 5.63 -6.59 -2.27
N PRO A 21 6.91 -6.90 -1.96
CA PRO A 21 7.27 -7.62 -0.73
C PRO A 21 6.75 -6.95 0.53
N GLU A 22 6.82 -5.62 0.56
CA GLU A 22 6.36 -4.86 1.73
C GLU A 22 4.87 -5.06 1.92
N PHE A 23 4.10 -4.82 0.86
CA PHE A 23 2.66 -4.89 0.91
C PHE A 23 2.20 -6.28 1.32
N LEU A 24 2.72 -7.29 0.65
CA LEU A 24 2.33 -8.67 0.92
C LEU A 24 2.57 -9.06 2.36
N THR A 25 3.68 -8.64 2.91
CA THR A 25 4.04 -9.02 4.26
C THR A 25 3.18 -8.27 5.27
N MET A 26 2.97 -6.98 5.03
CA MET A 26 2.17 -6.14 5.92
C MET A 26 0.67 -6.43 5.76
N MET A 27 0.28 -6.90 4.59
CA MET A 27 -1.11 -7.30 4.38
C MET A 27 -1.39 -8.59 5.14
N ALA A 28 -0.76 -9.68 4.69
CA ALA A 28 -0.82 -10.96 5.39
C ALA A 28 -0.39 -10.86 6.85
N ARG A 29 0.23 -9.74 7.22
CA ARG A 29 0.65 -9.53 8.59
C ARG A 29 -0.52 -9.77 9.54
N LYS A 30 -1.70 -9.31 9.13
CA LYS A 30 -2.91 -9.54 9.90
C LYS A 30 -4.00 -10.19 9.05
N MET A 31 -4.34 -9.58 7.92
CA MET A 31 -5.41 -10.10 7.08
C MET A 31 -4.86 -10.72 5.78
N LYS A 32 -5.03 -12.01 5.62
CA LYS A 32 -4.63 -12.67 4.39
C LYS A 32 -5.84 -13.19 3.62
N ASP A 33 -5.97 -12.81 2.35
CA ASP A 33 -7.04 -13.34 1.52
C ASP A 33 -6.52 -13.77 0.15
N THR A 34 -5.99 -12.83 -0.63
CA THR A 34 -5.57 -13.13 -1.99
C THR A 34 -4.09 -12.87 -2.20
N ASP A 35 -3.37 -13.85 -2.74
CA ASP A 35 -1.99 -13.63 -3.16
C ASP A 35 -1.76 -14.13 -4.58
N SER A 36 -2.25 -13.37 -5.54
CA SER A 36 -1.89 -13.56 -6.93
C SER A 36 -1.34 -12.26 -7.48
N GLU A 37 -0.08 -12.34 -7.92
CA GLU A 37 0.73 -11.16 -8.22
C GLU A 37 0.01 -10.21 -9.18
N GLU A 38 -0.68 -10.77 -10.17
CA GLU A 38 -1.42 -9.96 -11.13
C GLU A 38 -2.55 -9.20 -10.45
N GLU A 39 -3.25 -9.88 -9.56
CA GLU A 39 -4.34 -9.26 -8.82
C GLU A 39 -3.79 -8.30 -7.77
N ILE A 40 -2.59 -8.58 -7.29
CA ILE A 40 -1.92 -7.69 -6.37
C ILE A 40 -1.46 -6.43 -7.09
N ARG A 41 -1.06 -6.58 -8.36
CA ARG A 41 -0.76 -5.43 -9.21
C ARG A 41 -2.01 -4.58 -9.38
N GLU A 42 -3.16 -5.25 -9.46
CA GLU A 42 -4.43 -4.58 -9.57
C GLU A 42 -4.77 -3.94 -8.23
N ALA A 43 -4.25 -4.53 -7.16
CA ALA A 43 -4.43 -4.00 -5.83
C ALA A 43 -3.58 -2.73 -5.66
N PHE A 44 -2.34 -2.79 -6.13
CA PHE A 44 -1.48 -1.60 -6.16
C PHE A 44 -2.15 -0.47 -6.93
N ARG A 45 -2.93 -0.85 -7.93
CA ARG A 45 -3.66 0.10 -8.74
C ARG A 45 -4.91 0.64 -8.02
N VAL A 46 -5.56 -0.22 -7.24
CA VAL A 46 -6.80 0.15 -6.57
C VAL A 46 -6.51 0.82 -5.21
N PHE A 47 -5.36 0.50 -4.64
CA PHE A 47 -4.92 1.10 -3.38
C PHE A 47 -4.08 2.34 -3.63
N ASP A 48 -4.16 2.85 -4.85
CA ASP A 48 -3.43 4.05 -5.23
C ASP A 48 -4.39 5.02 -5.92
N LYS A 49 -4.18 6.30 -5.67
CA LYS A 49 -4.99 7.36 -6.25
C LYS A 49 -4.72 7.44 -7.75
N ASP A 50 -3.46 7.23 -8.09
CA ASP A 50 -2.95 7.41 -9.45
C ASP A 50 -2.46 6.11 -10.06
N GLY A 51 -2.60 5.03 -9.29
CA GLY A 51 -2.08 3.71 -9.66
C GLY A 51 -0.68 3.72 -10.24
N ASN A 52 0.30 4.37 -9.58
CA ASN A 52 1.67 4.41 -10.09
C ASN A 52 2.44 3.11 -9.81
N GLY A 53 1.71 2.03 -9.59
CA GLY A 53 2.34 0.73 -9.39
C GLY A 53 2.98 0.58 -8.03
N TYR A 54 2.54 1.40 -7.07
CA TYR A 54 3.07 1.36 -5.72
C TYR A 54 2.01 1.85 -4.75
N ILE A 55 2.02 1.29 -3.56
CA ILE A 55 1.01 1.62 -2.57
C ILE A 55 1.62 2.43 -1.42
N SER A 56 1.36 3.72 -1.42
CA SER A 56 1.81 4.57 -0.34
C SER A 56 0.65 4.85 0.60
N ALA A 57 0.93 5.31 1.80
CA ALA A 57 -0.11 5.57 2.79
C ALA A 57 -1.15 6.58 2.26
N ALA A 58 -0.67 7.73 1.82
CA ALA A 58 -1.55 8.73 1.20
C ALA A 58 -2.42 8.12 0.10
N GLU A 59 -1.82 7.25 -0.71
CA GLU A 59 -2.56 6.56 -1.77
C GLU A 59 -3.62 5.68 -1.13
N LEU A 60 -3.20 4.94 -0.09
CA LEU A 60 -4.05 3.96 0.59
C LEU A 60 -5.33 4.61 1.08
N ARG A 61 -5.18 5.74 1.73
CA ARG A 61 -6.31 6.38 2.36
C ARG A 61 -7.16 7.13 1.36
N HIS A 62 -6.55 8.02 0.60
CA HIS A 62 -7.26 8.86 -0.36
C HIS A 62 -8.13 8.03 -1.31
N VAL A 63 -7.62 6.88 -1.72
CA VAL A 63 -8.33 6.07 -2.69
C VAL A 63 -9.35 5.17 -1.99
N MET A 64 -8.93 4.53 -0.90
CA MET A 64 -9.71 3.50 -0.24
C MET A 64 -10.88 4.07 0.55
N THR A 65 -10.62 4.92 1.54
CA THR A 65 -11.68 5.39 2.43
C THR A 65 -11.77 6.92 2.48
N ASN A 66 -10.60 7.57 2.44
CA ASN A 66 -10.50 9.02 2.60
C ASN A 66 -10.94 9.74 1.32
N LEU A 67 -10.78 11.07 1.30
CA LEU A 67 -11.13 11.87 0.14
C LEU A 67 -10.34 11.40 -1.07
N GLY A 68 -11.01 11.25 -2.21
CA GLY A 68 -10.32 10.83 -3.41
C GLY A 68 -9.25 11.83 -3.84
CA CA B . 9.24 0.52 1.36
CA CA C . 0.07 6.59 -6.69
N ALA A 1 -3.39 12.83 12.23
CA ALA A 1 -3.22 11.67 11.32
C ALA A 1 -2.65 12.16 9.99
N GLU A 2 -1.36 12.44 9.99
CA GLU A 2 -0.71 12.99 8.81
C GLU A 2 -0.29 11.86 7.89
N LEU A 3 -0.41 12.10 6.59
CA LEU A 3 -0.13 11.07 5.59
C LEU A 3 1.35 10.74 5.52
N GLN A 4 2.18 11.66 6.00
CA GLN A 4 3.62 11.42 6.08
C GLN A 4 3.92 10.37 7.14
N ASP A 5 3.22 10.44 8.26
CA ASP A 5 3.42 9.48 9.35
C ASP A 5 3.04 8.08 8.91
N MET A 6 1.99 8.00 8.11
CA MET A 6 1.53 6.71 7.59
C MET A 6 2.58 6.15 6.63
N ILE A 7 3.28 7.04 5.93
CA ILE A 7 4.38 6.64 5.07
C ILE A 7 5.48 6.01 5.91
N ASN A 8 5.81 6.68 7.01
CA ASN A 8 6.90 6.25 7.88
C ASN A 8 6.57 4.93 8.55
N GLU A 9 5.28 4.64 8.68
CA GLU A 9 4.83 3.40 9.27
C GLU A 9 4.98 2.24 8.29
N VAL A 10 4.76 2.53 7.02
CA VAL A 10 4.66 1.48 6.00
C VAL A 10 5.98 1.29 5.25
N ASP A 11 6.72 2.37 5.12
CA ASP A 11 7.96 2.38 4.37
C ASP A 11 9.07 1.60 5.09
N ALA A 12 9.02 0.30 4.91
CA ALA A 12 9.95 -0.63 5.54
C ALA A 12 11.32 -0.63 4.84
N ASP A 13 11.31 -0.55 3.53
CA ASP A 13 12.56 -0.65 2.77
C ASP A 13 13.20 0.72 2.56
N GLY A 14 12.40 1.77 2.71
CA GLY A 14 12.94 3.11 2.73
C GLY A 14 12.80 3.87 1.41
N ASN A 15 12.10 3.31 0.44
CA ASN A 15 11.89 4.02 -0.83
C ASN A 15 10.76 5.04 -0.71
N GLY A 16 10.04 5.01 0.40
CA GLY A 16 8.98 5.98 0.61
C GLY A 16 7.61 5.46 0.19
N THR A 17 7.53 4.15 -0.01
CA THR A 17 6.31 3.54 -0.49
C THR A 17 6.29 2.05 -0.15
N ILE A 18 5.12 1.46 -0.16
CA ILE A 18 5.01 0.03 0.02
C ILE A 18 5.31 -0.65 -1.30
N ASP A 19 5.96 -1.80 -1.20
CA ASP A 19 6.41 -2.54 -2.36
C ASP A 19 5.66 -3.84 -2.37
N PHE A 20 5.87 -4.67 -3.38
CA PHE A 20 5.31 -6.01 -3.35
C PHE A 20 5.81 -6.78 -2.12
N PRO A 21 7.14 -6.83 -1.87
CA PRO A 21 7.68 -7.42 -0.65
C PRO A 21 7.02 -6.88 0.62
N GLU A 22 6.96 -5.54 0.74
CA GLU A 22 6.38 -4.92 1.93
C GLU A 22 4.89 -5.24 2.04
N PHE A 23 4.12 -4.93 0.99
CA PHE A 23 2.67 -5.05 1.05
C PHE A 23 2.25 -6.48 1.33
N LEU A 24 2.81 -7.43 0.57
CA LEU A 24 2.47 -8.82 0.75
C LEU A 24 2.78 -9.31 2.16
N THR A 25 3.92 -8.91 2.69
CA THR A 25 4.32 -9.36 4.01
C THR A 25 3.53 -8.64 5.09
N MET A 26 3.36 -7.32 4.94
CA MET A 26 2.59 -6.52 5.88
C MET A 26 1.12 -6.90 5.84
N MET A 27 0.65 -7.39 4.70
CA MET A 27 -0.67 -7.95 4.62
C MET A 27 -0.69 -9.24 5.42
N ALA A 28 0.06 -10.22 4.93
CA ALA A 28 0.25 -11.52 5.59
C ALA A 28 0.64 -11.40 7.05
N ARG A 29 1.07 -10.22 7.48
CA ARG A 29 1.36 -9.99 8.89
C ARG A 29 0.24 -10.55 9.75
N LYS A 30 -1.00 -10.21 9.38
CA LYS A 30 -2.18 -10.75 10.02
C LYS A 30 -3.20 -11.24 9.00
N MET A 31 -3.32 -10.54 7.87
CA MET A 31 -4.40 -10.78 6.92
C MET A 31 -3.93 -11.57 5.70
N LYS A 32 -4.43 -12.79 5.55
CA LYS A 32 -4.28 -13.50 4.29
C LYS A 32 -5.65 -13.66 3.63
N ASP A 33 -5.82 -13.08 2.47
CA ASP A 33 -7.09 -13.14 1.77
C ASP A 33 -6.93 -13.82 0.41
N THR A 34 -6.61 -13.02 -0.59
CA THR A 34 -6.36 -13.53 -1.92
C THR A 34 -4.86 -13.59 -2.18
N ASP A 35 -4.30 -14.78 -2.34
CA ASP A 35 -2.86 -14.87 -2.53
C ASP A 35 -2.54 -15.26 -3.96
N SER A 36 -2.74 -14.31 -4.87
CA SER A 36 -2.18 -14.37 -6.20
C SER A 36 -1.67 -12.98 -6.57
N GLU A 37 -0.45 -12.94 -7.07
CA GLU A 37 0.26 -11.68 -7.28
C GLU A 37 -0.50 -10.76 -8.23
N GLU A 38 -1.20 -11.34 -9.20
CA GLU A 38 -1.98 -10.56 -10.14
C GLU A 38 -3.05 -9.74 -9.43
N GLU A 39 -3.80 -10.39 -8.56
CA GLU A 39 -4.87 -9.72 -7.82
C GLU A 39 -4.30 -8.64 -6.91
N ILE A 40 -3.19 -8.97 -6.29
CA ILE A 40 -2.52 -8.05 -5.39
C ILE A 40 -1.95 -6.88 -6.19
N ARG A 41 -1.47 -7.19 -7.39
CA ARG A 41 -0.90 -6.17 -8.28
C ARG A 41 -1.99 -5.25 -8.81
N GLU A 42 -3.17 -5.81 -9.11
CA GLU A 42 -4.29 -4.98 -9.50
C GLU A 42 -4.75 -4.16 -8.31
N ALA A 43 -4.56 -4.69 -7.12
CA ALA A 43 -4.83 -3.94 -5.91
C ALA A 43 -3.85 -2.77 -5.80
N PHE A 44 -2.59 -3.02 -6.15
CA PHE A 44 -1.57 -1.97 -6.16
C PHE A 44 -2.00 -0.77 -7.02
N ARG A 45 -2.51 -1.06 -8.21
CA ARG A 45 -2.91 0.02 -9.12
C ARG A 45 -4.22 0.66 -8.65
N VAL A 46 -5.04 -0.09 -7.92
CA VAL A 46 -6.30 0.44 -7.40
C VAL A 46 -6.09 1.27 -6.14
N PHE A 47 -5.32 0.74 -5.19
CA PHE A 47 -5.07 1.41 -3.93
C PHE A 47 -4.39 2.74 -4.16
N ASP A 48 -3.44 2.77 -5.09
CA ASP A 48 -2.73 3.99 -5.42
C ASP A 48 -3.69 5.03 -6.00
N LYS A 49 -3.48 6.29 -5.59
CA LYS A 49 -4.34 7.40 -5.99
C LYS A 49 -3.99 7.85 -7.41
N ASP A 50 -2.71 7.75 -7.74
CA ASP A 50 -2.22 8.12 -9.06
C ASP A 50 -2.15 6.90 -9.97
N GLY A 51 -2.60 5.76 -9.45
CA GLY A 51 -2.46 4.49 -10.14
C GLY A 51 -1.03 4.19 -10.58
N ASN A 52 -0.02 4.69 -9.87
CA ASN A 52 1.36 4.55 -10.31
C ASN A 52 1.94 3.15 -10.03
N GLY A 53 1.14 2.26 -9.46
CA GLY A 53 1.54 0.86 -9.35
C GLY A 53 2.14 0.48 -8.01
N TYR A 54 2.66 1.46 -7.29
CA TYR A 54 3.06 1.23 -5.90
C TYR A 54 2.05 1.83 -4.95
N ILE A 55 2.05 1.36 -3.72
CA ILE A 55 1.08 1.83 -2.73
C ILE A 55 1.77 2.63 -1.63
N SER A 56 1.67 3.95 -1.70
CA SER A 56 2.18 4.81 -0.65
C SER A 56 1.05 5.16 0.34
N ALA A 57 1.35 5.96 1.36
CA ALA A 57 0.39 6.20 2.44
C ALA A 57 -0.86 6.95 1.98
N ALA A 58 -0.67 8.12 1.39
CA ALA A 58 -1.79 8.92 0.87
C ALA A 58 -2.68 8.11 -0.05
N GLU A 59 -2.09 7.16 -0.75
CA GLU A 59 -2.83 6.31 -1.65
C GLU A 59 -3.86 5.50 -0.89
N LEU A 60 -3.42 4.97 0.26
CA LEU A 60 -4.29 4.15 1.11
C LEU A 60 -5.58 4.87 1.39
N ARG A 61 -5.47 6.13 1.79
CA ARG A 61 -6.65 6.88 2.21
C ARG A 61 -7.57 7.18 1.05
N HIS A 62 -7.01 7.59 -0.10
CA HIS A 62 -7.80 7.84 -1.31
C HIS A 62 -8.73 6.68 -1.62
N VAL A 63 -8.17 5.50 -1.58
CA VAL A 63 -8.90 4.33 -2.00
C VAL A 63 -9.74 3.77 -0.86
N MET A 64 -9.19 3.86 0.34
CA MET A 64 -9.77 3.20 1.50
C MET A 64 -10.99 3.94 2.06
N THR A 65 -10.80 5.07 2.74
CA THR A 65 -11.93 5.74 3.38
C THR A 65 -11.98 7.25 3.09
N ASN A 66 -10.90 7.82 2.58
CA ASN A 66 -10.80 9.26 2.39
C ASN A 66 -10.66 9.61 0.92
N LEU A 67 -10.47 10.88 0.62
CA LEU A 67 -10.16 11.31 -0.72
C LEU A 67 -8.71 11.70 -0.82
N GLY A 68 -7.95 10.82 -1.43
CA GLY A 68 -6.53 11.01 -1.61
C GLY A 68 -5.77 10.97 -0.30
CA CA B . 8.80 0.15 0.04
CA CA C . 0.58 6.70 -5.98
N ALA A 1 -3.92 16.33 7.57
CA ALA A 1 -3.74 14.87 7.80
C ALA A 1 -2.28 14.49 7.62
N GLU A 2 -1.70 13.89 8.65
CA GLU A 2 -0.31 13.46 8.58
C GLU A 2 -0.16 12.16 7.80
N LEU A 3 -0.01 12.30 6.49
CA LEU A 3 0.21 11.16 5.62
C LEU A 3 1.64 10.66 5.79
N GLN A 4 2.54 11.59 6.07
CA GLN A 4 3.95 11.26 6.30
C GLN A 4 4.08 10.36 7.52
N ASP A 5 3.20 10.56 8.50
CA ASP A 5 3.13 9.70 9.67
C ASP A 5 2.91 8.24 9.27
N MET A 6 1.89 8.02 8.45
CA MET A 6 1.57 6.68 7.98
C MET A 6 2.67 6.17 7.06
N ILE A 7 3.32 7.08 6.34
CA ILE A 7 4.44 6.72 5.49
C ILE A 7 5.58 6.19 6.36
N ASN A 8 5.91 6.95 7.40
CA ASN A 8 7.01 6.59 8.30
C ASN A 8 6.80 5.24 8.95
N GLU A 9 5.55 4.83 9.14
CA GLU A 9 5.26 3.51 9.70
C GLU A 9 5.34 2.42 8.63
N VAL A 10 4.72 2.66 7.49
CA VAL A 10 4.57 1.62 6.47
C VAL A 10 5.82 1.49 5.59
N ASP A 11 6.52 2.59 5.38
CA ASP A 11 7.74 2.60 4.59
C ASP A 11 8.87 1.87 5.31
N ALA A 12 8.82 0.55 5.23
CA ALA A 12 9.76 -0.33 5.92
C ALA A 12 11.16 -0.30 5.33
N ASP A 13 11.27 -0.07 4.04
CA ASP A 13 12.55 -0.14 3.35
C ASP A 13 13.14 1.25 3.12
N GLY A 14 12.30 2.27 3.21
CA GLY A 14 12.78 3.63 3.10
C GLY A 14 12.62 4.20 1.71
N ASN A 15 12.00 3.45 0.80
CA ASN A 15 11.78 3.94 -0.56
C ASN A 15 10.58 4.90 -0.62
N GLY A 16 9.88 5.04 0.50
CA GLY A 16 8.80 6.01 0.60
C GLY A 16 7.47 5.43 0.20
N THR A 17 7.44 4.11 0.03
CA THR A 17 6.27 3.45 -0.50
C THR A 17 6.30 1.98 -0.15
N ILE A 18 5.19 1.31 -0.37
CA ILE A 18 5.13 -0.12 -0.29
C ILE A 18 5.35 -0.71 -1.69
N ASP A 19 6.11 -1.79 -1.75
CA ASP A 19 6.38 -2.48 -3.01
C ASP A 19 5.68 -3.82 -2.92
N PHE A 20 5.73 -4.62 -3.96
CA PHE A 20 5.07 -5.93 -3.94
C PHE A 20 5.52 -6.78 -2.74
N PRO A 21 6.84 -6.94 -2.50
CA PRO A 21 7.32 -7.65 -1.31
C PRO A 21 6.83 -7.02 -0.01
N GLU A 22 6.86 -5.69 0.06
CA GLU A 22 6.43 -4.98 1.26
C GLU A 22 4.95 -5.23 1.55
N PHE A 23 4.11 -4.99 0.55
CA PHE A 23 2.66 -5.06 0.70
C PHE A 23 2.22 -6.44 1.17
N LEU A 24 2.71 -7.48 0.51
CA LEU A 24 2.31 -8.84 0.84
C LEU A 24 2.79 -9.24 2.22
N THR A 25 4.00 -8.83 2.58
CA THR A 25 4.57 -9.19 3.87
C THR A 25 3.86 -8.45 5.00
N MET A 26 3.71 -7.13 4.85
CA MET A 26 3.05 -6.29 5.84
C MET A 26 1.56 -6.62 5.95
N MET A 27 0.95 -7.01 4.84
CA MET A 27 -0.43 -7.45 4.89
C MET A 27 -0.55 -8.72 5.74
N ALA A 28 0.03 -9.81 5.24
CA ALA A 28 0.06 -11.08 5.97
C ALA A 28 0.72 -10.98 7.34
N ARG A 29 1.46 -9.89 7.55
CA ARG A 29 2.11 -9.63 8.82
C ARG A 29 1.12 -9.75 9.97
N LYS A 30 0.00 -9.07 9.83
CA LYS A 30 -1.05 -9.10 10.85
C LYS A 30 -2.39 -9.47 10.21
N MET A 31 -2.67 -8.88 9.06
CA MET A 31 -3.90 -9.13 8.32
C MET A 31 -3.81 -10.43 7.56
N LYS A 32 -4.85 -10.73 6.79
CA LYS A 32 -4.88 -11.93 5.95
C LYS A 32 -3.73 -11.91 4.95
N ASP A 33 -3.33 -13.08 4.46
CA ASP A 33 -2.40 -13.15 3.36
C ASP A 33 -3.20 -13.35 2.09
N THR A 34 -2.80 -12.67 1.04
CA THR A 34 -3.50 -12.79 -0.22
C THR A 34 -2.57 -13.32 -1.29
N ASP A 35 -2.53 -14.62 -1.46
CA ASP A 35 -1.76 -15.20 -2.55
C ASP A 35 -2.61 -15.14 -3.81
N SER A 36 -2.39 -14.09 -4.58
CA SER A 36 -3.24 -13.77 -5.70
C SER A 36 -2.48 -12.76 -6.57
N GLU A 37 -1.41 -13.24 -7.18
CA GLU A 37 -0.42 -12.40 -7.81
C GLU A 37 -1.02 -11.32 -8.71
N GLU A 38 -1.92 -11.71 -9.60
CA GLU A 38 -2.58 -10.76 -10.49
C GLU A 38 -3.46 -9.78 -9.71
N GLU A 39 -4.11 -10.28 -8.68
CA GLU A 39 -5.03 -9.49 -7.86
C GLU A 39 -4.28 -8.41 -7.10
N ILE A 40 -3.06 -8.73 -6.65
CA ILE A 40 -2.28 -7.77 -5.88
C ILE A 40 -1.78 -6.66 -6.78
N ARG A 41 -1.47 -6.98 -8.04
CA ARG A 41 -1.12 -5.95 -9.02
C ARG A 41 -2.29 -5.00 -9.21
N GLU A 42 -3.49 -5.56 -9.27
CA GLU A 42 -4.69 -4.75 -9.42
C GLU A 42 -4.98 -4.02 -8.13
N ALA A 43 -4.52 -4.59 -7.01
CA ALA A 43 -4.66 -3.95 -5.71
C ALA A 43 -3.77 -2.73 -5.64
N PHE A 44 -2.53 -2.87 -6.10
CA PHE A 44 -1.61 -1.73 -6.19
C PHE A 44 -2.21 -0.63 -7.04
N ARG A 45 -2.89 -1.03 -8.11
CA ARG A 45 -3.54 -0.09 -9.02
C ARG A 45 -4.79 0.52 -8.38
N VAL A 46 -5.49 -0.24 -7.55
CA VAL A 46 -6.71 0.22 -6.90
C VAL A 46 -6.40 1.10 -5.69
N PHE A 47 -5.51 0.62 -4.82
CA PHE A 47 -5.13 1.35 -3.62
C PHE A 47 -4.46 2.66 -3.99
N ASP A 48 -3.59 2.60 -4.98
CA ASP A 48 -2.95 3.79 -5.50
C ASP A 48 -3.99 4.69 -6.15
N LYS A 49 -3.81 6.00 -6.00
CA LYS A 49 -4.74 6.96 -6.57
C LYS A 49 -4.31 7.31 -7.99
N ASP A 50 -3.01 7.18 -8.25
CA ASP A 50 -2.45 7.48 -9.56
C ASP A 50 -2.07 6.20 -10.30
N GLY A 51 -2.27 5.07 -9.62
CA GLY A 51 -1.92 3.77 -10.17
C GLY A 51 -0.50 3.65 -10.68
N ASN A 52 0.49 4.26 -10.00
CA ASN A 52 1.89 4.13 -10.42
C ASN A 52 2.45 2.75 -10.07
N GLY A 53 1.62 1.88 -9.52
CA GLY A 53 2.03 0.52 -9.28
C GLY A 53 2.63 0.34 -7.91
N TYR A 54 2.31 1.24 -7.00
CA TYR A 54 2.87 1.23 -5.65
C TYR A 54 1.87 1.78 -4.66
N ILE A 55 1.91 1.28 -3.44
CA ILE A 55 0.95 1.66 -2.43
C ILE A 55 1.63 2.44 -1.30
N SER A 56 1.43 3.74 -1.28
CA SER A 56 1.97 4.58 -0.23
C SER A 56 0.83 5.08 0.66
N ALA A 57 1.16 5.85 1.69
CA ALA A 57 0.16 6.31 2.66
C ALA A 57 -0.91 7.19 1.99
N ALA A 58 -0.45 8.23 1.31
CA ALA A 58 -1.34 9.10 0.54
C ALA A 58 -2.28 8.30 -0.36
N GLU A 59 -1.72 7.32 -1.05
CA GLU A 59 -2.49 6.43 -1.92
C GLU A 59 -3.51 5.68 -1.07
N LEU A 60 -3.02 5.14 0.03
CA LEU A 60 -3.82 4.31 0.93
C LEU A 60 -5.07 5.05 1.34
N ARG A 61 -4.90 6.27 1.80
CA ARG A 61 -6.03 7.03 2.31
C ARG A 61 -7.04 7.33 1.22
N HIS A 62 -6.54 7.77 0.06
CA HIS A 62 -7.40 8.05 -1.10
C HIS A 62 -8.34 6.88 -1.40
N VAL A 63 -7.82 5.67 -1.33
CA VAL A 63 -8.63 4.49 -1.64
C VAL A 63 -9.40 4.03 -0.39
N MET A 64 -8.77 4.22 0.76
CA MET A 64 -9.23 3.61 1.99
C MET A 64 -10.42 4.35 2.59
N THR A 65 -10.21 5.53 3.19
CA THR A 65 -11.32 6.26 3.79
C THR A 65 -11.32 7.75 3.41
N ASN A 66 -10.24 8.21 2.78
CA ASN A 66 -10.05 9.64 2.51
C ASN A 66 -10.57 9.99 1.12
N LEU A 67 -10.33 11.23 0.70
CA LEU A 67 -10.75 11.74 -0.61
C LEU A 67 -10.40 10.75 -1.72
N GLY A 68 -11.41 10.32 -2.46
CA GLY A 68 -11.20 9.41 -3.55
C GLY A 68 -11.94 9.84 -4.80
CA CA B . 9.05 0.46 0.71
CA CA C . 0.52 6.16 -6.89
N ALA A 1 -4.76 14.43 9.46
CA ALA A 1 -3.68 13.48 9.74
C ALA A 1 -2.64 13.50 8.62
N GLU A 2 -1.40 13.80 8.98
CA GLU A 2 -0.33 13.87 8.00
C GLU A 2 -0.02 12.50 7.40
N LEU A 3 0.17 12.50 6.09
CA LEU A 3 0.31 11.26 5.32
C LEU A 3 1.69 10.65 5.52
N GLN A 4 2.70 11.50 5.69
CA GLN A 4 4.06 11.04 5.83
C GLN A 4 4.23 10.17 7.08
N ASP A 5 3.46 10.45 8.11
CA ASP A 5 3.52 9.68 9.35
C ASP A 5 3.14 8.23 9.08
N MET A 6 2.01 8.04 8.41
CA MET A 6 1.54 6.70 8.07
C MET A 6 2.48 6.05 7.06
N ILE A 7 3.05 6.86 6.17
CA ILE A 7 4.04 6.36 5.21
C ILE A 7 5.25 5.81 5.95
N ASN A 8 5.68 6.57 6.94
CA ASN A 8 6.90 6.30 7.68
C ASN A 8 6.80 5.01 8.50
N GLU A 9 5.64 4.76 9.09
CA GLU A 9 5.45 3.56 9.92
C GLU A 9 5.42 2.31 9.06
N VAL A 10 4.83 2.44 7.88
CA VAL A 10 4.50 1.28 7.06
C VAL A 10 5.62 0.97 6.08
N ASP A 11 6.33 1.99 5.63
CA ASP A 11 7.53 1.79 4.81
C ASP A 11 8.51 0.91 5.57
N ALA A 12 8.86 -0.20 4.96
CA ALA A 12 9.63 -1.23 5.64
C ALA A 12 11.11 -1.06 5.37
N ASP A 13 11.40 -0.49 4.22
CA ASP A 13 12.78 -0.28 3.79
C ASP A 13 13.11 1.21 3.74
N GLY A 14 12.11 2.05 4.00
CA GLY A 14 12.33 3.48 3.99
C GLY A 14 12.66 4.02 2.61
N ASN A 15 12.17 3.36 1.57
CA ASN A 15 12.41 3.79 0.20
C ASN A 15 11.37 4.82 -0.23
N GLY A 16 10.51 5.22 0.69
CA GLY A 16 9.57 6.28 0.44
C GLY A 16 8.18 5.76 0.11
N THR A 17 8.05 4.45 0.00
CA THR A 17 6.79 3.85 -0.43
C THR A 17 6.73 2.38 -0.02
N ILE A 18 5.59 1.77 -0.29
CA ILE A 18 5.46 0.34 -0.21
C ILE A 18 5.70 -0.25 -1.59
N ASP A 19 6.42 -1.36 -1.63
CA ASP A 19 6.67 -2.08 -2.87
C ASP A 19 5.87 -3.35 -2.85
N PHE A 20 5.88 -4.11 -3.94
CA PHE A 20 5.19 -5.39 -3.95
C PHE A 20 5.67 -6.28 -2.79
N PRO A 21 7.00 -6.49 -2.62
CA PRO A 21 7.54 -7.21 -1.46
C PRO A 21 7.04 -6.63 -0.14
N GLU A 22 7.17 -5.31 0.03
CA GLU A 22 6.77 -4.66 1.29
C GLU A 22 5.29 -4.89 1.59
N PHE A 23 4.43 -4.62 0.62
CA PHE A 23 2.99 -4.70 0.81
C PHE A 23 2.59 -6.10 1.25
N LEU A 24 3.08 -7.10 0.53
CA LEU A 24 2.75 -8.48 0.83
C LEU A 24 3.26 -8.89 2.20
N THR A 25 4.50 -8.52 2.51
CA THR A 25 5.10 -8.91 3.76
C THR A 25 4.44 -8.21 4.94
N MET A 26 4.21 -6.90 4.80
CA MET A 26 3.51 -6.14 5.82
C MET A 26 2.01 -6.48 5.85
N MET A 27 1.53 -7.08 4.78
CA MET A 27 0.17 -7.60 4.78
C MET A 27 0.15 -8.87 5.62
N ALA A 28 0.81 -9.91 5.13
CA ALA A 28 0.99 -11.17 5.85
C ALA A 28 1.56 -10.96 7.24
N ARG A 29 2.14 -9.79 7.47
CA ARG A 29 2.61 -9.40 8.79
C ARG A 29 1.55 -9.73 9.82
N LYS A 30 0.31 -9.35 9.51
CA LYS A 30 -0.83 -9.67 10.34
C LYS A 30 -1.98 -10.30 9.53
N MET A 31 -2.37 -9.63 8.45
CA MET A 31 -3.58 -9.97 7.72
C MET A 31 -3.27 -10.61 6.37
N LYS A 32 -3.60 -11.89 6.20
CA LYS A 32 -3.42 -12.53 4.90
C LYS A 32 -4.76 -12.90 4.28
N ASP A 33 -4.95 -12.50 3.02
CA ASP A 33 -6.15 -12.87 2.26
C ASP A 33 -5.78 -13.28 0.85
N THR A 34 -5.62 -12.29 -0.01
CA THR A 34 -5.27 -12.52 -1.40
C THR A 34 -3.76 -12.65 -1.59
N ASP A 35 -3.31 -13.82 -2.00
CA ASP A 35 -1.93 -13.93 -2.45
C ASP A 35 -1.87 -14.60 -3.82
N SER A 36 -2.28 -13.85 -4.82
CA SER A 36 -1.95 -14.14 -6.19
C SER A 36 -1.72 -12.84 -6.92
N GLU A 37 -0.65 -12.81 -7.70
CA GLU A 37 -0.11 -11.56 -8.23
C GLU A 37 -1.15 -10.77 -8.99
N GLU A 38 -2.06 -11.45 -9.69
CA GLU A 38 -3.11 -10.77 -10.43
C GLU A 38 -3.93 -9.85 -9.53
N GLU A 39 -4.42 -10.38 -8.43
CA GLU A 39 -5.27 -9.61 -7.53
C GLU A 39 -4.47 -8.49 -6.90
N ILE A 40 -3.21 -8.78 -6.56
CA ILE A 40 -2.34 -7.80 -5.96
C ILE A 40 -2.05 -6.68 -6.96
N ARG A 41 -1.88 -7.04 -8.23
CA ARG A 41 -1.68 -6.05 -9.29
C ARG A 41 -2.88 -5.12 -9.38
N GLU A 42 -4.06 -5.70 -9.31
CA GLU A 42 -5.29 -4.93 -9.38
C GLU A 42 -5.42 -4.08 -8.13
N ALA A 43 -4.90 -4.59 -7.02
CA ALA A 43 -4.95 -3.89 -5.75
C ALA A 43 -4.05 -2.67 -5.78
N PHE A 44 -2.80 -2.84 -6.22
CA PHE A 44 -1.87 -1.71 -6.34
C PHE A 44 -2.42 -0.63 -7.26
N ARG A 45 -3.23 -1.03 -8.22
CA ARG A 45 -3.88 -0.12 -9.14
C ARG A 45 -5.09 0.59 -8.48
N VAL A 46 -5.79 -0.11 -7.59
CA VAL A 46 -6.97 0.45 -6.93
C VAL A 46 -6.59 1.24 -5.67
N PHE A 47 -5.60 0.72 -4.95
CA PHE A 47 -5.18 1.30 -3.67
C PHE A 47 -4.30 2.53 -3.89
N ASP A 48 -4.30 3.04 -5.10
CA ASP A 48 -3.45 4.16 -5.48
C ASP A 48 -4.29 5.21 -6.21
N LYS A 49 -3.90 6.48 -6.10
CA LYS A 49 -4.58 7.56 -6.81
C LYS A 49 -4.26 7.47 -8.29
N ASP A 50 -3.02 7.11 -8.56
CA ASP A 50 -2.44 7.15 -9.90
C ASP A 50 -2.07 5.75 -10.40
N GLY A 51 -2.29 4.75 -9.55
CA GLY A 51 -1.87 3.38 -9.81
C GLY A 51 -0.45 3.23 -10.32
N ASN A 52 0.54 3.91 -9.71
CA ASN A 52 1.94 3.81 -10.14
C ASN A 52 2.59 2.50 -9.71
N GLY A 53 1.78 1.50 -9.37
CA GLY A 53 2.31 0.20 -9.01
C GLY A 53 2.93 0.17 -7.63
N TYR A 54 2.56 1.12 -6.80
CA TYR A 54 3.07 1.21 -5.44
C TYR A 54 2.00 1.77 -4.53
N ILE A 55 1.88 1.20 -3.35
CA ILE A 55 0.82 1.57 -2.43
C ILE A 55 1.39 2.34 -1.24
N SER A 56 1.23 3.64 -1.25
CA SER A 56 1.74 4.49 -0.19
C SER A 56 0.58 5.07 0.61
N ALA A 57 0.90 5.62 1.78
CA ALA A 57 -0.11 6.00 2.77
C ALA A 57 -1.04 7.12 2.31
N ALA A 58 -0.66 7.79 1.23
CA ALA A 58 -1.53 8.83 0.67
C ALA A 58 -2.49 8.16 -0.30
N GLU A 59 -1.93 7.17 -1.01
CA GLU A 59 -2.69 6.31 -1.90
C GLU A 59 -3.74 5.56 -1.10
N LEU A 60 -3.34 5.16 0.11
CA LEU A 60 -4.24 4.49 1.03
C LEU A 60 -5.46 5.37 1.23
N ARG A 61 -5.24 6.65 1.40
CA ARG A 61 -6.33 7.59 1.62
C ARG A 61 -7.30 7.56 0.43
N HIS A 62 -6.76 7.65 -0.77
CA HIS A 62 -7.54 7.58 -2.00
C HIS A 62 -8.50 6.39 -2.02
N VAL A 63 -7.98 5.21 -1.72
CA VAL A 63 -8.77 3.99 -1.83
C VAL A 63 -9.59 3.75 -0.56
N MET A 64 -9.02 4.12 0.57
CA MET A 64 -9.54 3.73 1.87
C MET A 64 -10.71 4.61 2.31
N THR A 65 -10.47 5.86 2.70
CA THR A 65 -11.57 6.71 3.17
C THR A 65 -11.62 8.09 2.49
N ASN A 66 -10.47 8.57 2.02
CA ASN A 66 -10.39 9.94 1.52
C ASN A 66 -10.75 10.01 0.03
N LEU A 67 -10.58 11.19 -0.57
CA LEU A 67 -10.96 11.46 -1.94
C LEU A 67 -10.50 10.36 -2.90
N GLY A 68 -11.43 9.90 -3.74
CA GLY A 68 -11.11 8.90 -4.73
C GLY A 68 -11.39 9.39 -6.13
CA CA B . 9.36 0.82 1.26
CA CA C . 0.36 6.18 -6.90
N ALA A 1 -4.34 13.11 11.80
CA ALA A 1 -3.57 11.96 11.31
C ALA A 1 -3.27 12.09 9.82
N GLU A 2 -2.22 12.82 9.51
CA GLU A 2 -1.76 12.96 8.14
C GLU A 2 -0.93 11.74 7.78
N LEU A 3 -1.18 11.18 6.60
CA LEU A 3 -0.58 9.91 6.21
C LEU A 3 0.94 9.95 6.05
N GLN A 4 1.54 11.13 6.20
CA GLN A 4 3.00 11.24 6.15
C GLN A 4 3.64 10.34 7.20
N ASP A 5 3.17 10.46 8.43
CA ASP A 5 3.67 9.62 9.53
C ASP A 5 3.36 8.16 9.27
N MET A 6 2.21 7.92 8.64
CA MET A 6 1.79 6.58 8.29
C MET A 6 2.73 5.98 7.24
N ILE A 7 3.28 6.84 6.38
CA ILE A 7 4.28 6.41 5.42
C ILE A 7 5.50 5.90 6.17
N ASN A 8 5.90 6.67 7.18
CA ASN A 8 7.09 6.37 7.96
C ASN A 8 6.91 5.08 8.77
N GLU A 9 5.66 4.74 9.09
CA GLU A 9 5.38 3.53 9.85
C GLU A 9 5.25 2.31 8.93
N VAL A 10 4.59 2.47 7.80
CA VAL A 10 4.27 1.34 6.94
C VAL A 10 5.39 1.04 5.93
N ASP A 11 6.08 2.08 5.47
CA ASP A 11 7.24 1.88 4.59
C ASP A 11 8.28 1.03 5.29
N ALA A 12 8.64 -0.06 4.63
CA ALA A 12 9.50 -1.06 5.24
C ALA A 12 10.95 -0.82 4.83
N ASP A 13 11.13 -0.27 3.64
CA ASP A 13 12.45 -0.08 3.09
C ASP A 13 12.79 1.41 2.98
N GLY A 14 11.79 2.27 3.13
CA GLY A 14 12.05 3.70 3.05
C GLY A 14 12.11 4.23 1.63
N ASN A 15 11.55 3.51 0.67
CA ASN A 15 11.50 3.98 -0.72
C ASN A 15 10.37 4.99 -0.93
N GLY A 16 9.61 5.25 0.14
CA GLY A 16 8.56 6.25 0.08
C GLY A 16 7.21 5.64 -0.21
N THR A 17 7.18 4.31 -0.33
CA THR A 17 5.95 3.63 -0.70
C THR A 17 6.01 2.17 -0.28
N ILE A 18 4.93 1.46 -0.54
CA ILE A 18 4.91 0.03 -0.40
C ILE A 18 5.23 -0.61 -1.74
N ASP A 19 6.01 -1.68 -1.71
CA ASP A 19 6.36 -2.42 -2.90
C ASP A 19 5.68 -3.77 -2.79
N PHE A 20 5.71 -4.59 -3.81
CA PHE A 20 5.08 -5.90 -3.73
C PHE A 20 5.59 -6.71 -2.52
N PRO A 21 6.92 -6.79 -2.31
CA PRO A 21 7.48 -7.40 -1.09
C PRO A 21 6.95 -6.75 0.18
N GLU A 22 6.93 -5.41 0.22
CA GLU A 22 6.50 -4.72 1.43
C GLU A 22 5.07 -5.05 1.81
N PHE A 23 4.15 -4.88 0.87
CA PHE A 23 2.73 -5.10 1.12
C PHE A 23 2.47 -6.52 1.59
N LEU A 24 3.04 -7.49 0.88
CA LEU A 24 2.83 -8.89 1.19
C LEU A 24 3.45 -9.29 2.51
N THR A 25 4.68 -8.86 2.75
CA THR A 25 5.37 -9.25 3.96
C THR A 25 4.80 -8.51 5.18
N MET A 26 4.55 -7.21 5.03
CA MET A 26 3.87 -6.43 6.08
C MET A 26 2.50 -7.00 6.36
N MET A 27 1.87 -7.58 5.35
CA MET A 27 0.62 -8.30 5.56
C MET A 27 0.88 -9.51 6.46
N ALA A 28 1.61 -10.49 5.92
CA ALA A 28 1.94 -11.71 6.66
C ALA A 28 2.67 -11.44 7.97
N ARG A 29 3.19 -10.23 8.11
CA ARG A 29 3.87 -9.80 9.33
C ARG A 29 3.08 -10.22 10.56
N LYS A 30 1.78 -9.89 10.59
CA LYS A 30 0.90 -10.36 11.64
C LYS A 30 -0.37 -10.99 11.07
N MET A 31 -1.02 -10.27 10.17
CA MET A 31 -2.30 -10.75 9.63
C MET A 31 -2.13 -11.18 8.17
N LYS A 32 -2.21 -12.47 7.90
CA LYS A 32 -2.13 -12.91 6.52
C LYS A 32 -3.49 -13.37 6.06
N ASP A 33 -4.06 -12.68 5.09
CA ASP A 33 -5.42 -12.94 4.66
C ASP A 33 -5.47 -13.23 3.16
N THR A 34 -5.07 -12.24 2.37
CA THR A 34 -5.22 -12.33 0.94
C THR A 34 -3.96 -12.83 0.25
N ASP A 35 -3.94 -14.13 -0.05
CA ASP A 35 -2.96 -14.65 -0.99
C ASP A 35 -3.62 -14.73 -2.36
N SER A 36 -3.30 -13.75 -3.19
CA SER A 36 -4.06 -13.47 -4.41
C SER A 36 -3.19 -12.59 -5.29
N GLU A 37 -2.17 -13.21 -5.87
CA GLU A 37 -1.14 -12.51 -6.62
C GLU A 37 -1.73 -11.52 -7.64
N GLU A 38 -2.63 -11.98 -8.50
CA GLU A 38 -3.30 -11.10 -9.45
C GLU A 38 -4.04 -9.95 -8.74
N GLU A 39 -4.73 -10.26 -7.65
CA GLU A 39 -5.43 -9.24 -6.88
C GLU A 39 -4.47 -8.24 -6.27
N ILE A 40 -3.32 -8.71 -5.79
CA ILE A 40 -2.32 -7.83 -5.22
C ILE A 40 -1.82 -6.82 -6.25
N ARG A 41 -1.64 -7.29 -7.49
CA ARG A 41 -1.23 -6.39 -8.58
C ARG A 41 -2.31 -5.34 -8.79
N GLU A 42 -3.54 -5.82 -8.86
CA GLU A 42 -4.69 -4.97 -9.06
C GLU A 42 -4.82 -3.97 -7.93
N ALA A 43 -4.50 -4.42 -6.71
CA ALA A 43 -4.57 -3.58 -5.54
C ALA A 43 -3.60 -2.41 -5.67
N PHE A 44 -2.38 -2.70 -6.06
CA PHE A 44 -1.37 -1.67 -6.25
C PHE A 44 -1.85 -0.59 -7.22
N ARG A 45 -2.49 -0.99 -8.30
CA ARG A 45 -2.99 -0.04 -9.28
C ARG A 45 -4.28 0.64 -8.83
N VAL A 46 -5.13 -0.08 -8.10
CA VAL A 46 -6.41 0.45 -7.63
C VAL A 46 -6.24 1.35 -6.41
N PHE A 47 -5.50 0.87 -5.43
CA PHE A 47 -5.28 1.59 -4.18
C PHE A 47 -4.59 2.93 -4.45
N ASP A 48 -3.66 2.91 -5.38
CA ASP A 48 -2.97 4.11 -5.80
C ASP A 48 -3.93 5.13 -6.41
N LYS A 49 -3.65 6.41 -6.14
CA LYS A 49 -4.44 7.51 -6.71
C LYS A 49 -4.08 7.68 -8.18
N ASP A 50 -2.78 7.62 -8.42
CA ASP A 50 -2.20 7.93 -9.72
C ASP A 50 -1.88 6.65 -10.49
N GLY A 51 -2.09 5.52 -9.83
CA GLY A 51 -1.81 4.22 -10.41
C GLY A 51 -0.36 4.01 -10.83
N ASN A 52 0.62 4.56 -10.10
CA ASN A 52 2.02 4.34 -10.45
C ASN A 52 2.50 2.94 -10.06
N GLY A 53 1.58 2.08 -9.64
CA GLY A 53 1.93 0.69 -9.43
C GLY A 53 2.50 0.41 -8.06
N TYR A 54 2.17 1.27 -7.09
CA TYR A 54 2.73 1.17 -5.74
C TYR A 54 1.74 1.73 -4.74
N ILE A 55 1.77 1.22 -3.51
CA ILE A 55 0.80 1.60 -2.51
C ILE A 55 1.45 2.41 -1.40
N SER A 56 1.25 3.72 -1.43
CA SER A 56 1.75 4.59 -0.38
C SER A 56 0.63 4.91 0.62
N ALA A 57 0.99 5.45 1.77
CA ALA A 57 -0.01 5.82 2.77
C ALA A 57 -1.03 6.80 2.17
N ALA A 58 -0.54 7.83 1.50
CA ALA A 58 -1.41 8.75 0.77
C ALA A 58 -2.35 8.01 -0.18
N GLU A 59 -1.80 7.07 -0.93
CA GLU A 59 -2.61 6.26 -1.85
C GLU A 59 -3.67 5.51 -1.05
N LEU A 60 -3.24 4.99 0.09
CA LEU A 60 -4.11 4.24 0.98
C LEU A 60 -5.28 5.09 1.41
N ARG A 61 -5.01 6.32 1.85
CA ARG A 61 -6.07 7.18 2.36
C ARG A 61 -7.16 7.33 1.28
N HIS A 62 -6.73 7.66 0.07
CA HIS A 62 -7.63 7.78 -1.08
C HIS A 62 -8.55 6.58 -1.24
N VAL A 63 -7.96 5.41 -1.30
CA VAL A 63 -8.69 4.21 -1.67
C VAL A 63 -9.38 3.59 -0.46
N MET A 64 -8.74 3.73 0.68
CA MET A 64 -9.18 3.09 1.91
C MET A 64 -10.39 3.80 2.52
N THR A 65 -10.18 4.98 3.12
CA THR A 65 -11.28 5.68 3.77
C THR A 65 -11.38 7.17 3.39
N ASN A 66 -10.23 7.83 3.24
CA ASN A 66 -10.20 9.29 3.10
C ASN A 66 -10.15 9.75 1.65
N LEU A 67 -10.00 11.04 1.49
CA LEU A 67 -9.91 11.66 0.19
C LEU A 67 -8.61 11.27 -0.51
N GLY A 68 -8.64 11.30 -1.81
CA GLY A 68 -7.43 11.12 -2.59
C GLY A 68 -6.56 12.35 -2.55
CA CA B . 8.80 0.90 0.88
CA CA C . 0.58 6.50 -6.97
N ALA A 1 -2.87 17.51 8.91
CA ALA A 1 -2.61 16.06 8.81
C ALA A 1 -1.77 15.73 7.58
N GLU A 2 -0.47 15.89 7.70
CA GLU A 2 0.46 15.53 6.64
C GLU A 2 0.75 14.04 6.73
N LEU A 3 0.34 13.32 5.69
CA LEU A 3 0.33 11.85 5.68
C LEU A 3 1.72 11.21 5.76
N GLN A 4 2.78 12.00 5.89
CA GLN A 4 4.12 11.45 6.03
C GLN A 4 4.20 10.51 7.23
N ASP A 5 3.34 10.73 8.23
CA ASP A 5 3.30 9.88 9.41
C ASP A 5 2.98 8.43 9.02
N MET A 6 1.91 8.25 8.26
CA MET A 6 1.51 6.92 7.82
C MET A 6 2.50 6.40 6.79
N ILE A 7 3.14 7.30 6.08
CA ILE A 7 4.20 6.93 5.14
C ILE A 7 5.38 6.34 5.89
N ASN A 8 5.69 6.93 7.03
CA ASN A 8 6.80 6.47 7.86
C ASN A 8 6.42 5.20 8.63
N GLU A 9 5.13 4.92 8.70
CA GLU A 9 4.66 3.66 9.27
C GLU A 9 4.74 2.51 8.26
N VAL A 10 4.90 2.85 6.99
CA VAL A 10 4.82 1.86 5.91
C VAL A 10 6.17 1.64 5.23
N ASP A 11 6.99 2.68 5.18
CA ASP A 11 8.31 2.60 4.53
C ASP A 11 9.25 1.57 5.19
N ALA A 12 9.04 0.30 4.86
CA ALA A 12 9.89 -0.78 5.39
C ALA A 12 11.26 -0.75 4.73
N ASP A 13 11.31 -0.33 3.47
CA ASP A 13 12.59 -0.13 2.78
C ASP A 13 13.05 1.29 3.06
N GLY A 14 12.10 2.10 3.50
CA GLY A 14 12.33 3.52 3.62
C GLY A 14 12.20 4.22 2.29
N ASN A 15 11.70 3.49 1.29
CA ASN A 15 11.51 4.05 -0.04
C ASN A 15 10.23 4.86 -0.14
N GLY A 16 9.50 4.95 0.98
CA GLY A 16 8.37 5.87 1.07
C GLY A 16 7.12 5.30 0.45
N THR A 17 7.20 4.07 -0.01
CA THR A 17 6.09 3.42 -0.67
C THR A 17 6.16 1.92 -0.40
N ILE A 18 5.01 1.29 -0.34
CA ILE A 18 4.95 -0.14 -0.18
C ILE A 18 5.26 -0.78 -1.51
N ASP A 19 5.95 -1.89 -1.47
CA ASP A 19 6.35 -2.60 -2.67
C ASP A 19 5.61 -3.92 -2.66
N PHE A 20 5.74 -4.71 -3.70
CA PHE A 20 5.13 -6.04 -3.68
C PHE A 20 5.63 -6.84 -2.46
N PRO A 21 6.97 -6.91 -2.23
CA PRO A 21 7.52 -7.55 -1.03
C PRO A 21 6.95 -6.98 0.28
N GLU A 22 6.92 -5.66 0.42
CA GLU A 22 6.39 -5.05 1.65
C GLU A 22 4.91 -5.33 1.83
N PHE A 23 4.12 -5.06 0.79
CA PHE A 23 2.67 -5.19 0.88
C PHE A 23 2.28 -6.60 1.26
N LEU A 24 2.90 -7.57 0.59
CA LEU A 24 2.64 -8.96 0.87
C LEU A 24 3.04 -9.33 2.29
N THR A 25 4.15 -8.81 2.75
CA THR A 25 4.62 -9.12 4.09
C THR A 25 3.71 -8.49 5.15
N MET A 26 3.35 -7.24 4.94
CA MET A 26 2.45 -6.54 5.83
C MET A 26 1.05 -7.15 5.81
N MET A 27 0.64 -7.65 4.64
CA MET A 27 -0.62 -8.37 4.53
C MET A 27 -0.49 -9.75 5.14
N ALA A 28 0.74 -10.24 5.17
CA ALA A 28 1.02 -11.58 5.66
C ALA A 28 1.16 -11.51 7.17
N ARG A 29 1.41 -10.29 7.63
CA ARG A 29 1.71 -10.01 9.02
C ARG A 29 0.74 -10.69 9.97
N LYS A 30 -0.56 -10.51 9.73
CA LYS A 30 -1.54 -11.18 10.55
C LYS A 30 -2.32 -12.25 9.78
N MET A 31 -2.91 -11.90 8.65
CA MET A 31 -3.73 -12.86 7.93
C MET A 31 -3.09 -13.21 6.61
N LYS A 32 -2.50 -14.40 6.48
CA LYS A 32 -1.95 -14.79 5.21
C LYS A 32 -2.67 -16.01 4.64
N ASP A 33 -3.32 -15.81 3.51
CA ASP A 33 -3.98 -16.90 2.80
C ASP A 33 -3.98 -16.61 1.31
N THR A 34 -4.20 -15.35 0.96
CA THR A 34 -4.26 -14.92 -0.42
C THR A 34 -2.96 -15.23 -1.17
N ASP A 35 -3.09 -16.02 -2.21
CA ASP A 35 -2.07 -16.10 -3.23
C ASP A 35 -2.71 -15.69 -4.52
N SER A 36 -2.36 -14.51 -4.99
CA SER A 36 -3.11 -13.87 -6.05
C SER A 36 -2.28 -12.75 -6.64
N GLU A 37 -1.17 -13.12 -7.28
CA GLU A 37 -0.22 -12.14 -7.78
C GLU A 37 -0.89 -11.08 -8.67
N GLU A 38 -1.68 -11.52 -9.64
CA GLU A 38 -2.39 -10.61 -10.51
C GLU A 38 -3.36 -9.72 -9.71
N GLU A 39 -4.00 -10.31 -8.70
CA GLU A 39 -4.89 -9.55 -7.83
C GLU A 39 -4.12 -8.53 -7.00
N ILE A 40 -2.92 -8.91 -6.58
CA ILE A 40 -2.07 -8.00 -5.84
C ILE A 40 -1.67 -6.83 -6.73
N ARG A 41 -1.41 -7.11 -8.01
CA ARG A 41 -1.07 -6.07 -8.96
C ARG A 41 -2.27 -5.15 -9.19
N GLU A 42 -3.44 -5.77 -9.30
CA GLU A 42 -4.69 -5.05 -9.44
C GLU A 42 -4.90 -4.16 -8.22
N ALA A 43 -4.61 -4.71 -7.05
CA ALA A 43 -4.72 -3.97 -5.80
C ALA A 43 -3.78 -2.77 -5.79
N PHE A 44 -2.57 -2.98 -6.31
CA PHE A 44 -1.59 -1.89 -6.43
C PHE A 44 -2.14 -0.75 -7.27
N ARG A 45 -2.95 -1.06 -8.29
CA ARG A 45 -3.59 -0.04 -9.09
C ARG A 45 -4.70 0.65 -8.30
N VAL A 46 -5.43 -0.13 -7.51
CA VAL A 46 -6.60 0.35 -6.80
C VAL A 46 -6.18 1.19 -5.60
N PHE A 47 -5.22 0.70 -4.85
CA PHE A 47 -4.78 1.34 -3.62
C PHE A 47 -3.88 2.55 -3.88
N ASP A 48 -3.90 3.05 -5.10
CA ASP A 48 -3.06 4.17 -5.51
C ASP A 48 -3.94 5.27 -6.09
N LYS A 49 -3.61 6.51 -5.76
CA LYS A 49 -4.37 7.67 -6.23
C LYS A 49 -4.08 7.92 -7.70
N ASP A 50 -2.85 7.63 -8.09
CA ASP A 50 -2.39 7.87 -9.46
C ASP A 50 -1.94 6.58 -10.14
N GLY A 51 -2.29 5.46 -9.51
CA GLY A 51 -1.99 4.12 -10.03
C GLY A 51 -0.61 3.93 -10.62
N ASN A 52 0.43 4.42 -9.95
CA ASN A 52 1.81 4.27 -10.46
C ASN A 52 2.34 2.86 -10.20
N GLY A 53 1.51 1.99 -9.66
CA GLY A 53 1.91 0.61 -9.47
C GLY A 53 2.55 0.37 -8.13
N TYR A 54 2.26 1.25 -7.18
CA TYR A 54 2.83 1.18 -5.84
C TYR A 54 1.85 1.76 -4.83
N ILE A 55 1.82 1.18 -3.66
CA ILE A 55 0.84 1.54 -2.66
C ILE A 55 1.52 2.28 -1.50
N SER A 56 1.35 3.59 -1.46
CA SER A 56 1.92 4.39 -0.40
C SER A 56 0.82 4.84 0.56
N ALA A 57 1.16 5.59 1.58
CA ALA A 57 0.21 5.97 2.61
C ALA A 57 -0.87 6.91 2.08
N ALA A 58 -0.46 8.03 1.49
CA ALA A 58 -1.40 8.96 0.86
C ALA A 58 -2.32 8.23 -0.10
N GLU A 59 -1.73 7.33 -0.88
CA GLU A 59 -2.47 6.48 -1.80
C GLU A 59 -3.53 5.70 -1.04
N LEU A 60 -3.05 5.02 -0.01
CA LEU A 60 -3.87 4.10 0.76
C LEU A 60 -5.04 4.84 1.36
N ARG A 61 -4.77 5.96 2.01
CA ARG A 61 -5.83 6.69 2.71
C ARG A 61 -6.89 7.19 1.74
N HIS A 62 -6.46 7.98 0.75
CA HIS A 62 -7.39 8.59 -0.22
C HIS A 62 -8.34 7.57 -0.82
N VAL A 63 -7.80 6.41 -1.11
CA VAL A 63 -8.58 5.39 -1.78
C VAL A 63 -9.35 4.54 -0.77
N MET A 64 -8.71 4.26 0.37
CA MET A 64 -9.25 3.35 1.37
C MET A 64 -10.45 3.97 2.08
N THR A 65 -10.20 4.95 2.95
CA THR A 65 -11.28 5.55 3.73
C THR A 65 -11.20 7.08 3.75
N ASN A 66 -9.99 7.60 3.94
CA ASN A 66 -9.79 9.01 4.27
C ASN A 66 -9.26 9.80 3.09
N LEU A 67 -8.91 11.04 3.34
CA LEU A 67 -8.26 11.84 2.32
C LEU A 67 -6.79 11.46 2.21
N GLY A 68 -6.32 11.42 0.99
CA GLY A 68 -4.94 11.11 0.73
C GLY A 68 -4.36 12.10 -0.25
CA CA B . 9.04 -0.42 -0.07
CA CA C . 0.74 6.58 -6.72
N ALA A 1 -2.72 16.36 8.01
CA ALA A 1 -2.97 14.93 8.27
C ALA A 1 -1.67 14.17 8.34
N GLU A 2 -1.60 13.18 9.21
CA GLU A 2 -0.39 12.41 9.39
C GLU A 2 -0.29 11.26 8.38
N LEU A 3 -0.24 11.60 7.10
CA LEU A 3 -0.01 10.61 6.06
C LEU A 3 1.45 10.22 6.00
N GLN A 4 2.31 11.21 6.15
CA GLN A 4 3.76 10.98 6.20
C GLN A 4 4.08 10.01 7.33
N ASP A 5 3.35 10.15 8.43
CA ASP A 5 3.49 9.25 9.57
C ASP A 5 3.16 7.81 9.17
N MET A 6 1.98 7.62 8.57
CA MET A 6 1.56 6.31 8.10
C MET A 6 2.51 5.80 7.03
N ILE A 7 2.96 6.72 6.16
CA ILE A 7 3.89 6.38 5.08
C ILE A 7 5.16 5.75 5.65
N ASN A 8 5.66 6.34 6.73
CA ASN A 8 6.94 5.95 7.30
C ASN A 8 6.82 4.73 8.19
N GLU A 9 5.61 4.47 8.69
CA GLU A 9 5.38 3.33 9.56
C GLU A 9 5.24 2.06 8.75
N VAL A 10 4.68 2.21 7.55
CA VAL A 10 4.42 1.07 6.69
C VAL A 10 5.59 0.81 5.74
N ASP A 11 6.30 1.87 5.37
CA ASP A 11 7.51 1.73 4.54
C ASP A 11 8.55 0.90 5.27
N ALA A 12 8.93 -0.19 4.65
CA ALA A 12 9.78 -1.18 5.30
C ALA A 12 11.22 -0.98 4.90
N ASP A 13 11.41 -0.51 3.69
CA ASP A 13 12.73 -0.36 3.11
C ASP A 13 13.15 1.10 3.03
N GLY A 14 12.19 2.01 3.18
CA GLY A 14 12.51 3.42 3.15
C GLY A 14 12.57 4.00 1.74
N ASN A 15 11.96 3.33 0.76
CA ASN A 15 11.91 3.85 -0.61
C ASN A 15 10.82 4.92 -0.77
N GLY A 16 10.10 5.18 0.32
CA GLY A 16 9.10 6.23 0.31
C GLY A 16 7.71 5.71 -0.03
N THR A 17 7.60 4.39 -0.17
CA THR A 17 6.34 3.77 -0.54
C THR A 17 6.34 2.30 -0.16
N ILE A 18 5.23 1.64 -0.43
CA ILE A 18 5.16 0.20 -0.30
C ILE A 18 5.45 -0.43 -1.65
N ASP A 19 6.18 -1.53 -1.63
CA ASP A 19 6.48 -2.27 -2.85
C ASP A 19 5.73 -3.58 -2.74
N PHE A 20 5.75 -4.41 -3.77
CA PHE A 20 5.07 -5.70 -3.69
C PHE A 20 5.56 -6.51 -2.48
N PRO A 21 6.89 -6.68 -2.29
CA PRO A 21 7.43 -7.33 -1.09
C PRO A 21 6.94 -6.69 0.20
N GLU A 22 6.98 -5.36 0.27
CA GLU A 22 6.61 -4.64 1.48
C GLU A 22 5.16 -4.90 1.87
N PHE A 23 4.26 -4.66 0.93
CA PHE A 23 2.82 -4.79 1.19
C PHE A 23 2.48 -6.18 1.71
N LEU A 24 3.02 -7.20 1.06
CA LEU A 24 2.74 -8.57 1.45
C LEU A 24 3.28 -8.89 2.84
N THR A 25 4.49 -8.42 3.12
CA THR A 25 5.12 -8.73 4.39
C THR A 25 4.44 -7.97 5.53
N MET A 26 4.17 -6.69 5.32
CA MET A 26 3.43 -5.86 6.27
C MET A 26 2.01 -6.36 6.46
N MET A 27 1.44 -6.94 5.42
CA MET A 27 0.15 -7.59 5.54
C MET A 27 0.28 -8.80 6.47
N ALA A 28 1.03 -9.79 6.01
CA ALA A 28 1.34 -10.99 6.79
C ALA A 28 1.92 -10.68 8.16
N ARG A 29 2.38 -9.44 8.34
CA ARG A 29 2.89 -9.00 9.62
C ARG A 29 1.92 -9.39 10.73
N LYS A 30 0.64 -9.07 10.52
CA LYS A 30 -0.40 -9.47 11.45
C LYS A 30 -1.37 -10.44 10.79
N MET A 31 -1.94 -10.05 9.65
CA MET A 31 -2.97 -10.87 9.00
C MET A 31 -2.46 -11.40 7.67
N LYS A 32 -2.29 -12.70 7.53
CA LYS A 32 -1.98 -13.26 6.22
C LYS A 32 -3.14 -14.06 5.69
N ASP A 33 -3.71 -13.55 4.62
CA ASP A 33 -4.87 -14.15 3.97
C ASP A 33 -5.17 -13.34 2.72
N THR A 34 -4.51 -13.68 1.63
CA THR A 34 -4.59 -12.86 0.44
C THR A 34 -5.16 -13.61 -0.74
N ASP A 35 -5.43 -12.84 -1.77
CA ASP A 35 -5.69 -13.38 -3.08
C ASP A 35 -4.36 -13.54 -3.83
N SER A 36 -4.47 -13.80 -5.11
CA SER A 36 -3.32 -14.01 -5.97
C SER A 36 -2.49 -12.73 -6.09
N GLU A 37 -1.25 -12.86 -6.54
CA GLU A 37 -0.42 -11.70 -6.80
C GLU A 37 -1.08 -10.81 -7.85
N GLU A 38 -1.79 -11.42 -8.80
CA GLU A 38 -2.54 -10.68 -9.81
C GLU A 38 -3.54 -9.73 -9.17
N GLU A 39 -4.25 -10.20 -8.15
CA GLU A 39 -5.17 -9.33 -7.43
C GLU A 39 -4.40 -8.24 -6.70
N ILE A 40 -3.23 -8.60 -6.22
CA ILE A 40 -2.38 -7.67 -5.48
C ILE A 40 -1.84 -6.58 -6.40
N ARG A 41 -1.45 -6.93 -7.61
CA ARG A 41 -0.96 -5.93 -8.55
C ARG A 41 -2.10 -5.00 -8.96
N GLU A 42 -3.30 -5.56 -9.06
CA GLU A 42 -4.48 -4.74 -9.33
C GLU A 42 -4.77 -3.85 -8.14
N ALA A 43 -4.48 -4.36 -6.95
CA ALA A 43 -4.66 -3.60 -5.73
C ALA A 43 -3.68 -2.44 -5.69
N PHE A 44 -2.43 -2.69 -6.09
CA PHE A 44 -1.43 -1.63 -6.19
C PHE A 44 -1.90 -0.52 -7.12
N ARG A 45 -2.59 -0.89 -8.19
CA ARG A 45 -3.10 0.09 -9.14
C ARG A 45 -4.33 0.82 -8.59
N VAL A 46 -5.15 0.11 -7.82
CA VAL A 46 -6.41 0.69 -7.31
C VAL A 46 -6.20 1.44 -5.99
N PHE A 47 -5.35 0.93 -5.12
CA PHE A 47 -5.08 1.59 -3.85
C PHE A 47 -4.24 2.84 -4.05
N ASP A 48 -3.40 2.85 -5.07
CA ASP A 48 -2.72 4.07 -5.45
C ASP A 48 -3.68 5.06 -6.11
N LYS A 49 -3.42 6.36 -5.92
CA LYS A 49 -4.27 7.42 -6.47
C LYS A 49 -4.18 7.42 -7.98
N ASP A 50 -2.96 7.31 -8.47
CA ASP A 50 -2.65 7.44 -9.88
C ASP A 50 -2.23 6.10 -10.46
N GLY A 51 -2.51 5.04 -9.71
CA GLY A 51 -2.18 3.68 -10.11
C GLY A 51 -0.76 3.49 -10.59
N ASN A 52 0.24 4.14 -9.97
CA ASN A 52 1.63 3.99 -10.40
C ASN A 52 2.24 2.67 -9.91
N GLY A 53 1.42 1.69 -9.59
CA GLY A 53 1.92 0.37 -9.27
C GLY A 53 2.54 0.27 -7.89
N TYR A 54 2.17 1.19 -7.00
CA TYR A 54 2.71 1.22 -5.65
C TYR A 54 1.64 1.73 -4.70
N ILE A 55 1.65 1.23 -3.47
CA ILE A 55 0.65 1.63 -2.50
C ILE A 55 1.28 2.47 -1.40
N SER A 56 1.07 3.77 -1.47
CA SER A 56 1.57 4.66 -0.43
C SER A 56 0.42 5.03 0.51
N ALA A 57 0.75 5.46 1.72
CA ALA A 57 -0.28 5.83 2.70
C ALA A 57 -1.27 6.84 2.12
N ALA A 58 -0.73 7.94 1.58
CA ALA A 58 -1.53 8.96 0.92
C ALA A 58 -2.48 8.35 -0.11
N GLU A 59 -1.96 7.45 -0.93
CA GLU A 59 -2.76 6.79 -1.95
C GLU A 59 -3.84 5.95 -1.29
N LEU A 60 -3.42 5.17 -0.30
CA LEU A 60 -4.26 4.21 0.40
C LEU A 60 -5.50 4.91 0.94
N ARG A 61 -5.31 6.11 1.46
CA ARG A 61 -6.38 6.83 2.10
C ARG A 61 -7.31 7.47 1.07
N HIS A 62 -6.74 8.32 0.22
CA HIS A 62 -7.53 9.13 -0.72
C HIS A 62 -8.43 8.25 -1.59
N VAL A 63 -7.94 7.09 -1.93
CA VAL A 63 -8.68 6.21 -2.81
C VAL A 63 -9.67 5.36 -2.00
N MET A 64 -9.21 4.82 -0.88
CA MET A 64 -10.00 3.87 -0.12
C MET A 64 -11.14 4.56 0.67
N THR A 65 -10.82 5.23 1.77
CA THR A 65 -11.86 5.86 2.60
C THR A 65 -11.53 7.29 3.01
N ASN A 66 -10.29 7.51 3.42
CA ASN A 66 -9.89 8.75 4.06
C ASN A 66 -9.36 9.73 3.03
N LEU A 67 -8.81 10.85 3.48
CA LEU A 67 -8.19 11.79 2.57
C LEU A 67 -6.72 11.45 2.42
N GLY A 68 -6.28 11.44 1.19
CA GLY A 68 -4.90 11.15 0.91
C GLY A 68 -4.29 12.22 0.04
CA CA B . 9.10 0.85 0.95
CA CA C . 0.30 6.89 -6.82
N ALA A 1 -4.09 17.65 8.56
CA ALA A 1 -2.97 16.71 8.84
C ALA A 1 -2.52 16.01 7.57
N GLU A 2 -1.21 15.99 7.35
CA GLU A 2 -0.65 15.30 6.20
C GLU A 2 -0.34 13.85 6.58
N LEU A 3 -0.47 12.95 5.61
CA LEU A 3 -0.45 11.52 5.89
C LEU A 3 0.98 10.96 5.84
N GLN A 4 1.96 11.84 5.64
CA GLN A 4 3.36 11.42 5.54
C GLN A 4 3.80 10.57 6.74
N ASP A 5 3.19 10.79 7.90
CA ASP A 5 3.53 10.03 9.10
C ASP A 5 3.17 8.55 8.90
N MET A 6 1.98 8.31 8.36
CA MET A 6 1.55 6.95 8.06
C MET A 6 2.48 6.36 7.00
N ILE A 7 2.95 7.22 6.10
CA ILE A 7 3.88 6.80 5.05
C ILE A 7 5.19 6.34 5.67
N ASN A 8 5.56 6.99 6.76
CA ASN A 8 6.82 6.70 7.44
C ASN A 8 6.71 5.41 8.24
N GLU A 9 5.48 5.02 8.59
CA GLU A 9 5.27 3.75 9.26
C GLU A 9 5.22 2.61 8.25
N VAL A 10 4.69 2.89 7.07
CA VAL A 10 4.60 1.89 6.01
C VAL A 10 5.96 1.70 5.34
N ASP A 11 6.74 2.77 5.32
CA ASP A 11 8.13 2.69 4.85
C ASP A 11 8.90 1.71 5.72
N ALA A 12 9.26 0.59 5.15
CA ALA A 12 9.84 -0.52 5.90
C ALA A 12 11.36 -0.51 5.83
N ASP A 13 11.89 -0.30 4.63
CA ASP A 13 13.33 -0.34 4.41
C ASP A 13 13.81 0.96 3.77
N GLY A 14 12.87 1.82 3.43
CA GLY A 14 13.22 3.02 2.71
C GLY A 14 12.82 2.92 1.26
N ASN A 15 11.52 3.09 1.02
CA ASN A 15 10.96 3.00 -0.32
C ASN A 15 10.20 4.28 -0.67
N GLY A 16 9.67 4.92 0.38
CA GLY A 16 8.82 6.08 0.17
C GLY A 16 7.42 5.61 -0.17
N THR A 17 7.30 4.29 -0.27
CA THR A 17 6.09 3.60 -0.66
C THR A 17 6.17 2.16 -0.17
N ILE A 18 5.13 1.40 -0.39
CA ILE A 18 5.18 -0.03 -0.21
C ILE A 18 5.46 -0.69 -1.56
N ASP A 19 6.19 -1.79 -1.56
CA ASP A 19 6.49 -2.50 -2.79
C ASP A 19 5.72 -3.81 -2.73
N PHE A 20 5.77 -4.62 -3.78
CA PHE A 20 4.98 -5.85 -3.83
C PHE A 20 5.27 -6.79 -2.64
N PRO A 21 6.53 -7.19 -2.40
CA PRO A 21 6.86 -8.08 -1.28
C PRO A 21 6.52 -7.43 0.06
N GLU A 22 6.67 -6.12 0.14
CA GLU A 22 6.40 -5.41 1.38
C GLU A 22 4.91 -5.31 1.67
N PHE A 23 4.11 -5.03 0.65
CA PHE A 23 2.65 -5.02 0.80
C PHE A 23 2.16 -6.39 1.23
N LEU A 24 2.73 -7.41 0.62
CA LEU A 24 2.37 -8.78 0.95
C LEU A 24 2.73 -9.12 2.38
N THR A 25 3.81 -8.53 2.87
CA THR A 25 4.26 -8.80 4.22
C THR A 25 3.46 -7.98 5.24
N MET A 26 3.19 -6.72 4.93
CA MET A 26 2.35 -5.87 5.77
C MET A 26 0.92 -6.39 5.79
N MET A 27 0.50 -7.03 4.71
CA MET A 27 -0.78 -7.73 4.68
C MET A 27 -0.72 -8.91 5.65
N ALA A 28 0.09 -9.90 5.29
CA ALA A 28 0.31 -11.09 6.11
C ALA A 28 0.77 -10.76 7.53
N ARG A 29 1.18 -9.52 7.75
CA ARG A 29 1.57 -9.07 9.07
C ARG A 29 0.54 -9.52 10.10
N LYS A 30 -0.73 -9.32 9.76
CA LYS A 30 -1.82 -9.89 10.55
C LYS A 30 -2.66 -10.84 9.71
N MET A 31 -3.12 -10.39 8.55
CA MET A 31 -4.08 -11.15 7.75
C MET A 31 -3.44 -11.65 6.46
N LYS A 32 -3.39 -12.96 6.26
CA LYS A 32 -2.91 -13.46 4.99
C LYS A 32 -4.10 -13.71 4.05
N ASP A 33 -4.16 -12.94 2.98
CA ASP A 33 -5.22 -13.08 2.00
C ASP A 33 -4.65 -13.75 0.75
N THR A 34 -5.17 -13.39 -0.42
CA THR A 34 -4.67 -13.91 -1.68
C THR A 34 -3.20 -13.55 -1.88
N ASP A 35 -2.40 -14.50 -2.34
CA ASP A 35 -1.05 -14.19 -2.79
C ASP A 35 -0.79 -14.76 -4.17
N SER A 36 -1.33 -14.07 -5.16
CA SER A 36 -0.97 -14.27 -6.55
C SER A 36 -0.71 -12.89 -7.14
N GLU A 37 0.45 -12.75 -7.75
CA GLU A 37 0.99 -11.45 -8.08
C GLU A 37 -0.01 -10.59 -8.84
N GLU A 38 -0.71 -11.19 -9.80
CA GLU A 38 -1.60 -10.43 -10.69
C GLU A 38 -2.70 -9.73 -9.91
N GLU A 39 -3.29 -10.43 -8.95
CA GLU A 39 -4.35 -9.86 -8.14
C GLU A 39 -3.78 -8.75 -7.26
N ILE A 40 -2.58 -9.00 -6.75
CA ILE A 40 -1.89 -8.03 -5.92
C ILE A 40 -1.53 -6.80 -6.75
N ARG A 41 -1.17 -7.04 -8.01
CA ARG A 41 -0.85 -5.97 -8.95
C ARG A 41 -2.05 -5.06 -9.18
N GLU A 42 -3.22 -5.67 -9.33
CA GLU A 42 -4.44 -4.90 -9.53
C GLU A 42 -4.80 -4.15 -8.26
N ALA A 43 -4.41 -4.71 -7.12
CA ALA A 43 -4.62 -4.07 -5.85
C ALA A 43 -3.73 -2.84 -5.73
N PHE A 44 -2.48 -2.98 -6.15
CA PHE A 44 -1.55 -1.85 -6.21
C PHE A 44 -2.12 -0.70 -7.04
N ARG A 45 -2.86 -1.05 -8.08
CA ARG A 45 -3.50 -0.03 -8.91
C ARG A 45 -4.67 0.62 -8.18
N VAL A 46 -5.41 -0.17 -7.40
CA VAL A 46 -6.64 0.31 -6.77
C VAL A 46 -6.34 0.98 -5.42
N PHE A 47 -5.20 0.65 -4.85
CA PHE A 47 -4.77 1.22 -3.58
C PHE A 47 -3.80 2.37 -3.78
N ASP A 48 -3.75 2.87 -5.01
CA ASP A 48 -2.91 4.02 -5.34
C ASP A 48 -3.77 5.09 -6.00
N LYS A 49 -3.61 6.32 -5.53
CA LYS A 49 -4.48 7.43 -5.95
C LYS A 49 -4.17 7.83 -7.39
N ASP A 50 -2.90 7.75 -7.76
CA ASP A 50 -2.47 8.10 -9.11
C ASP A 50 -2.09 6.85 -9.91
N GLY A 51 -2.47 5.68 -9.40
CA GLY A 51 -2.23 4.41 -10.06
C GLY A 51 -0.82 4.19 -10.57
N ASN A 52 0.19 4.67 -9.84
CA ASN A 52 1.59 4.56 -10.30
C ASN A 52 2.22 3.19 -10.01
N GLY A 53 1.40 2.17 -9.76
CA GLY A 53 1.93 0.82 -9.63
C GLY A 53 2.55 0.52 -8.29
N TYR A 54 2.15 1.26 -7.27
CA TYR A 54 2.72 1.13 -5.93
C TYR A 54 1.67 1.50 -4.90
N ILE A 55 1.88 1.10 -3.66
CA ILE A 55 0.94 1.44 -2.60
C ILE A 55 1.63 2.19 -1.47
N SER A 56 1.42 3.48 -1.41
CA SER A 56 1.93 4.27 -0.31
C SER A 56 0.80 4.55 0.67
N ALA A 57 1.13 5.05 1.85
CA ALA A 57 0.11 5.30 2.86
C ALA A 57 -0.89 6.35 2.40
N ALA A 58 -0.37 7.52 2.02
CA ALA A 58 -1.21 8.58 1.46
C ALA A 58 -2.05 8.09 0.30
N GLU A 59 -1.48 7.18 -0.49
CA GLU A 59 -2.19 6.53 -1.57
C GLU A 59 -3.38 5.75 -1.03
N LEU A 60 -3.11 4.94 0.00
CA LEU A 60 -4.11 4.04 0.57
C LEU A 60 -5.35 4.80 0.96
N ARG A 61 -5.17 5.94 1.58
CA ARG A 61 -6.29 6.69 2.08
C ARG A 61 -6.98 7.46 0.97
N HIS A 62 -6.20 8.25 0.24
CA HIS A 62 -6.76 9.19 -0.72
C HIS A 62 -7.45 8.48 -1.89
N VAL A 63 -7.03 7.27 -2.19
CA VAL A 63 -7.72 6.49 -3.23
C VAL A 63 -8.92 5.75 -2.63
N MET A 64 -8.68 5.09 -1.49
CA MET A 64 -9.67 4.20 -0.89
C MET A 64 -10.87 4.96 -0.32
N THR A 65 -10.65 5.94 0.54
CA THR A 65 -11.74 6.67 1.17
C THR A 65 -11.60 8.18 1.01
N ASN A 66 -10.38 8.69 1.18
CA ASN A 66 -10.11 10.12 1.10
C ASN A 66 -10.18 10.63 -0.34
N LEU A 67 -9.82 11.90 -0.53
CA LEU A 67 -9.86 12.52 -1.85
C LEU A 67 -8.48 12.45 -2.51
N GLY A 68 -8.42 11.82 -3.68
CA GLY A 68 -7.16 11.74 -4.40
C GLY A 68 -7.33 11.03 -5.73
CA CA B . 11.41 -2.04 0.50
CA CA C . 0.38 6.56 -6.30
N ALA A 1 -4.02 13.80 12.44
CA ALA A 1 -3.50 12.73 11.58
C ALA A 1 -3.00 13.31 10.26
N GLU A 2 -1.79 12.95 9.89
CA GLU A 2 -1.17 13.45 8.67
C GLU A 2 -0.54 12.29 7.88
N LEU A 3 -0.40 12.50 6.58
CA LEU A 3 -0.13 11.40 5.65
C LEU A 3 1.31 10.90 5.71
N GLN A 4 2.26 11.77 5.99
CA GLN A 4 3.67 11.38 5.99
C GLN A 4 3.96 10.43 7.15
N ASP A 5 3.24 10.62 8.25
CA ASP A 5 3.38 9.75 9.42
C ASP A 5 3.04 8.32 9.05
N MET A 6 1.87 8.15 8.43
CA MET A 6 1.42 6.83 8.00
C MET A 6 2.36 6.27 6.95
N ILE A 7 2.97 7.14 6.15
CA ILE A 7 3.96 6.70 5.18
C ILE A 7 5.14 6.05 5.91
N ASN A 8 5.56 6.71 6.99
CA ASN A 8 6.76 6.30 7.72
C ASN A 8 6.53 5.01 8.49
N GLU A 9 5.28 4.71 8.79
CA GLU A 9 4.96 3.45 9.47
C GLU A 9 4.93 2.30 8.47
N VAL A 10 4.87 2.61 7.18
CA VAL A 10 4.67 1.58 6.17
C VAL A 10 5.91 1.36 5.29
N ASP A 11 6.67 2.43 5.03
CA ASP A 11 7.86 2.30 4.18
C ASP A 11 8.99 1.55 4.88
N ALA A 12 8.95 0.24 4.76
CA ALA A 12 9.93 -0.66 5.35
C ALA A 12 11.29 -0.56 4.66
N ASP A 13 11.31 -0.23 3.36
CA ASP A 13 12.58 -0.05 2.66
C ASP A 13 13.10 1.34 2.97
N GLY A 14 12.20 2.17 3.49
CA GLY A 14 12.49 3.57 3.64
C GLY A 14 12.41 4.29 2.31
N ASN A 15 11.80 3.63 1.34
CA ASN A 15 11.66 4.20 0.01
C ASN A 15 10.40 5.06 -0.11
N GLY A 16 9.65 5.17 0.98
CA GLY A 16 8.52 6.07 1.03
C GLY A 16 7.29 5.50 0.36
N THR A 17 7.31 4.20 0.10
CA THR A 17 6.21 3.53 -0.55
C THR A 17 6.24 2.05 -0.25
N ILE A 18 5.07 1.44 -0.17
CA ILE A 18 4.99 0.01 -0.05
C ILE A 18 5.23 -0.60 -1.43
N ASP A 19 5.94 -1.70 -1.45
CA ASP A 19 6.29 -2.35 -2.69
C ASP A 19 5.59 -3.68 -2.70
N PHE A 20 5.65 -4.41 -3.79
CA PHE A 20 5.08 -5.75 -3.83
C PHE A 20 5.60 -6.62 -2.67
N PRO A 21 6.94 -6.66 -2.45
CA PRO A 21 7.50 -7.36 -1.29
C PRO A 21 6.89 -6.90 0.04
N GLU A 22 6.92 -5.58 0.30
CA GLU A 22 6.41 -5.06 1.56
C GLU A 22 4.93 -5.37 1.76
N PHE A 23 4.11 -5.04 0.76
CA PHE A 23 2.66 -5.14 0.89
C PHE A 23 2.25 -6.57 1.19
N LEU A 24 2.80 -7.51 0.44
CA LEU A 24 2.51 -8.91 0.63
C LEU A 24 3.02 -9.43 1.97
N THR A 25 4.25 -9.07 2.31
CA THR A 25 4.86 -9.55 3.52
C THR A 25 4.22 -8.94 4.77
N MET A 26 4.03 -7.63 4.75
CA MET A 26 3.36 -6.93 5.85
C MET A 26 1.93 -7.43 6.03
N MET A 27 1.33 -7.89 4.94
CA MET A 27 0.02 -8.49 5.00
C MET A 27 0.10 -9.87 5.65
N ALA A 28 0.69 -10.83 4.94
CA ALA A 28 0.89 -12.19 5.44
C ALA A 28 1.63 -12.23 6.76
N ARG A 29 2.27 -11.10 7.11
CA ARG A 29 2.90 -10.93 8.41
C ARG A 29 2.03 -11.52 9.50
N LYS A 30 0.74 -11.19 9.48
CA LYS A 30 -0.23 -11.84 10.35
C LYS A 30 -1.47 -12.32 9.58
N MET A 31 -1.90 -11.54 8.60
CA MET A 31 -3.16 -11.83 7.92
C MET A 31 -2.94 -12.29 6.48
N LYS A 32 -3.25 -13.54 6.18
CA LYS A 32 -3.34 -13.99 4.80
C LYS A 32 -4.78 -14.36 4.48
N ASP A 33 -5.37 -13.65 3.54
CA ASP A 33 -6.78 -13.87 3.22
C ASP A 33 -7.06 -13.52 1.76
N THR A 34 -6.11 -12.87 1.12
CA THR A 34 -6.29 -12.39 -0.24
C THR A 34 -6.32 -13.50 -1.27
N ASP A 35 -6.76 -13.09 -2.43
CA ASP A 35 -6.70 -13.89 -3.63
C ASP A 35 -5.30 -13.81 -4.25
N SER A 36 -5.24 -13.98 -5.55
CA SER A 36 -3.98 -14.25 -6.25
C SER A 36 -3.05 -13.03 -6.22
N GLU A 37 -1.77 -13.27 -6.48
CA GLU A 37 -0.80 -12.19 -6.56
C GLU A 37 -1.21 -11.18 -7.64
N GLU A 38 -1.86 -11.66 -8.69
CA GLU A 38 -2.35 -10.79 -9.75
C GLU A 38 -3.41 -9.82 -9.21
N GLU A 39 -4.25 -10.30 -8.31
CA GLU A 39 -5.22 -9.43 -7.64
C GLU A 39 -4.49 -8.39 -6.81
N ILE A 40 -3.34 -8.77 -6.29
CA ILE A 40 -2.49 -7.85 -5.54
C ILE A 40 -1.93 -6.77 -6.47
N ARG A 41 -1.63 -7.15 -7.71
CA ARG A 41 -1.14 -6.18 -8.70
C ARG A 41 -2.21 -5.13 -8.98
N GLU A 42 -3.43 -5.61 -9.16
CA GLU A 42 -4.57 -4.72 -9.40
C GLU A 42 -4.88 -3.94 -8.13
N ALA A 43 -4.53 -4.51 -6.98
CA ALA A 43 -4.70 -3.84 -5.72
C ALA A 43 -3.75 -2.65 -5.62
N PHE A 44 -2.51 -2.84 -6.06
CA PHE A 44 -1.54 -1.75 -6.13
C PHE A 44 -2.05 -0.62 -7.00
N ARG A 45 -2.77 -0.98 -8.04
CA ARG A 45 -3.36 -0.01 -8.95
C ARG A 45 -4.62 0.65 -8.36
N VAL A 46 -5.35 -0.09 -7.53
CA VAL A 46 -6.56 0.44 -6.89
C VAL A 46 -6.21 1.23 -5.63
N PHE A 47 -5.30 0.70 -4.82
CA PHE A 47 -4.91 1.31 -3.55
C PHE A 47 -3.99 2.50 -3.77
N ASP A 48 -3.99 2.99 -5.00
CA ASP A 48 -3.17 4.12 -5.40
C ASP A 48 -4.07 5.08 -6.17
N LYS A 49 -3.85 6.37 -5.98
CA LYS A 49 -4.72 7.35 -6.62
C LYS A 49 -4.21 7.68 -8.01
N ASP A 50 -2.97 7.31 -8.26
CA ASP A 50 -2.34 7.47 -9.58
C ASP A 50 -1.94 6.12 -10.19
N GLY A 51 -2.24 5.05 -9.46
CA GLY A 51 -1.90 3.69 -9.87
C GLY A 51 -0.49 3.49 -10.39
N ASN A 52 0.52 4.09 -9.74
CA ASN A 52 1.91 3.94 -10.22
C ASN A 52 2.51 2.58 -9.82
N GLY A 53 1.65 1.63 -9.48
CA GLY A 53 2.12 0.29 -9.17
C GLY A 53 2.77 0.19 -7.81
N TYR A 54 2.45 1.15 -6.93
CA TYR A 54 3.02 1.18 -5.60
C TYR A 54 2.03 1.82 -4.65
N ILE A 55 1.95 1.31 -3.44
CA ILE A 55 0.96 1.75 -2.48
C ILE A 55 1.60 2.52 -1.33
N SER A 56 1.42 3.83 -1.33
CA SER A 56 1.92 4.66 -0.25
C SER A 56 0.75 5.16 0.59
N ALA A 57 1.05 5.78 1.72
CA ALA A 57 0.01 6.22 2.66
C ALA A 57 -1.00 7.16 2.00
N ALA A 58 -0.51 8.23 1.39
CA ALA A 58 -1.36 9.18 0.66
C ALA A 58 -2.28 8.45 -0.33
N GLU A 59 -1.70 7.53 -1.09
CA GLU A 59 -2.45 6.70 -2.04
C GLU A 59 -3.48 5.89 -1.28
N LEU A 60 -2.98 5.20 -0.26
CA LEU A 60 -3.73 4.23 0.50
C LEU A 60 -4.95 4.87 1.11
N ARG A 61 -4.78 6.06 1.66
CA ARG A 61 -5.86 6.72 2.35
C ARG A 61 -6.85 7.34 1.36
N HIS A 62 -6.35 8.02 0.35
CA HIS A 62 -7.20 8.62 -0.69
C HIS A 62 -8.19 7.60 -1.25
N VAL A 63 -7.73 6.36 -1.39
CA VAL A 63 -8.58 5.31 -1.93
C VAL A 63 -9.40 4.65 -0.81
N MET A 64 -8.75 4.45 0.33
CA MET A 64 -9.30 3.61 1.39
C MET A 64 -10.43 4.30 2.16
N THR A 65 -10.12 5.28 3.00
CA THR A 65 -11.15 5.94 3.81
C THR A 65 -11.06 7.47 3.76
N ASN A 66 -9.91 7.98 3.34
CA ASN A 66 -9.64 9.42 3.40
C ASN A 66 -10.17 10.09 2.13
N LEU A 67 -9.88 11.39 1.97
CA LEU A 67 -10.32 12.18 0.82
C LEU A 67 -10.31 11.39 -0.48
N GLY A 68 -11.47 11.24 -1.09
CA GLY A 68 -11.56 10.49 -2.32
C GLY A 68 -12.86 10.78 -3.06
CA CA B . 8.85 -0.14 -0.05
CA CA C . 0.60 6.29 -6.79
N ALA A 1 -4.37 14.04 10.92
CA ALA A 1 -3.22 13.15 10.69
C ALA A 1 -2.54 13.48 9.37
N GLU A 2 -1.22 13.39 9.36
CA GLU A 2 -0.44 13.69 8.16
C GLU A 2 -0.09 12.41 7.41
N LEU A 3 0.15 12.54 6.12
CA LEU A 3 0.44 11.40 5.27
C LEU A 3 1.88 10.96 5.40
N GLN A 4 2.77 11.88 5.72
CA GLN A 4 4.18 11.56 5.91
C GLN A 4 4.34 10.61 7.10
N ASP A 5 3.55 10.85 8.14
CA ASP A 5 3.53 9.98 9.31
C ASP A 5 3.08 8.58 8.90
N MET A 6 2.05 8.53 8.06
CA MET A 6 1.53 7.28 7.51
C MET A 6 2.64 6.54 6.74
N ILE A 7 3.49 7.30 6.05
CA ILE A 7 4.60 6.72 5.31
C ILE A 7 5.53 6.00 6.26
N ASN A 8 5.84 6.66 7.37
CA ASN A 8 6.77 6.14 8.34
C ASN A 8 6.20 4.92 9.07
N GLU A 9 4.88 4.78 9.07
CA GLU A 9 4.25 3.61 9.66
C GLU A 9 4.31 2.41 8.72
N VAL A 10 4.02 2.64 7.44
CA VAL A 10 3.78 1.54 6.51
C VAL A 10 5.03 1.19 5.70
N ASP A 11 5.87 2.19 5.42
CA ASP A 11 7.11 1.95 4.67
C ASP A 11 8.07 1.10 5.50
N ALA A 12 8.46 -0.01 4.92
CA ALA A 12 9.25 -1.01 5.63
C ALA A 12 10.73 -0.84 5.32
N ASP A 13 11.00 -0.25 4.16
CA ASP A 13 12.36 -0.09 3.70
C ASP A 13 12.73 1.38 3.53
N GLY A 14 11.76 2.26 3.76
CA GLY A 14 12.03 3.69 3.65
C GLY A 14 12.30 4.17 2.23
N ASN A 15 11.67 3.53 1.24
CA ASN A 15 11.81 3.96 -0.15
C ASN A 15 10.70 4.95 -0.53
N GLY A 16 9.82 5.24 0.42
CA GLY A 16 8.80 6.25 0.22
C GLY A 16 7.45 5.63 -0.12
N THR A 17 7.40 4.32 -0.20
CA THR A 17 6.18 3.64 -0.61
C THR A 17 6.21 2.18 -0.14
N ILE A 18 5.11 1.50 -0.36
CA ILE A 18 5.06 0.07 -0.21
C ILE A 18 5.33 -0.55 -1.57
N ASP A 19 6.05 -1.66 -1.58
CA ASP A 19 6.33 -2.37 -2.81
C ASP A 19 5.62 -3.70 -2.73
N PHE A 20 5.72 -4.54 -3.76
CA PHE A 20 5.14 -5.86 -3.67
C PHE A 20 5.69 -6.62 -2.45
N PRO A 21 7.04 -6.71 -2.29
CA PRO A 21 7.64 -7.32 -1.09
C PRO A 21 7.09 -6.73 0.21
N GLU A 22 7.09 -5.39 0.31
CA GLU A 22 6.62 -4.72 1.51
C GLU A 22 5.15 -5.05 1.80
N PHE A 23 4.28 -4.86 0.80
CA PHE A 23 2.85 -5.05 0.98
C PHE A 23 2.51 -6.47 1.38
N LEU A 24 3.07 -7.43 0.64
CA LEU A 24 2.85 -8.82 0.93
C LEU A 24 3.30 -9.17 2.33
N THR A 25 4.50 -8.70 2.71
CA THR A 25 5.01 -8.95 4.03
C THR A 25 4.13 -8.30 5.12
N MET A 26 3.57 -7.14 4.81
CA MET A 26 2.59 -6.50 5.70
C MET A 26 1.47 -7.47 6.06
N MET A 27 0.98 -8.21 5.09
CA MET A 27 0.00 -9.28 5.35
C MET A 27 0.70 -10.48 5.99
N ALA A 28 1.66 -11.03 5.24
CA ALA A 28 2.52 -12.15 5.67
C ALA A 28 3.14 -12.02 7.05
N ARG A 29 2.96 -10.86 7.70
CA ARG A 29 3.67 -10.56 8.94
C ARG A 29 3.59 -11.71 9.92
N LYS A 30 2.43 -12.35 10.02
CA LYS A 30 2.34 -13.60 10.75
C LYS A 30 2.04 -14.75 9.80
N MET A 31 0.94 -14.68 9.06
CA MET A 31 0.63 -15.69 8.06
C MET A 31 0.85 -15.18 6.64
N LYS A 32 1.47 -16.00 5.81
CA LYS A 32 1.54 -15.70 4.39
C LYS A 32 0.50 -16.57 3.67
N ASP A 33 -0.50 -15.92 3.08
CA ASP A 33 -1.53 -16.62 2.31
C ASP A 33 -2.42 -15.59 1.62
N THR A 34 -2.17 -15.38 0.34
CA THR A 34 -2.90 -14.38 -0.42
C THR A 34 -3.60 -15.00 -1.62
N ASP A 35 -4.35 -14.17 -2.32
CA ASP A 35 -4.78 -14.50 -3.67
C ASP A 35 -3.57 -14.31 -4.61
N SER A 36 -3.83 -14.28 -5.89
CA SER A 36 -2.78 -14.21 -6.90
C SER A 36 -2.10 -12.84 -6.90
N GLU A 37 -0.88 -12.83 -7.42
CA GLU A 37 -0.09 -11.61 -7.49
C GLU A 37 -0.69 -10.61 -8.46
N GLU A 38 -1.43 -11.11 -9.44
CA GLU A 38 -2.03 -10.22 -10.43
C GLU A 38 -3.22 -9.48 -9.85
N GLU A 39 -3.88 -10.09 -8.87
CA GLU A 39 -4.89 -9.40 -8.10
C GLU A 39 -4.22 -8.37 -7.22
N ILE A 40 -3.09 -8.75 -6.65
CA ILE A 40 -2.27 -7.86 -5.86
C ILE A 40 -1.82 -6.67 -6.70
N ARG A 41 -1.42 -6.94 -7.94
CA ARG A 41 -1.00 -5.88 -8.85
C ARG A 41 -2.17 -4.94 -9.15
N GLU A 42 -3.36 -5.52 -9.26
CA GLU A 42 -4.55 -4.75 -9.52
C GLU A 42 -4.93 -3.95 -8.28
N ALA A 43 -4.63 -4.51 -7.11
CA ALA A 43 -4.81 -3.80 -5.86
C ALA A 43 -3.88 -2.60 -5.79
N PHE A 44 -2.65 -2.79 -6.27
CA PHE A 44 -1.68 -1.70 -6.34
C PHE A 44 -2.21 -0.56 -7.22
N ARG A 45 -3.01 -0.94 -8.21
CA ARG A 45 -3.68 0.04 -9.07
C ARG A 45 -4.85 0.72 -8.37
N VAL A 46 -5.57 -0.04 -7.55
CA VAL A 46 -6.76 0.46 -6.85
C VAL A 46 -6.38 1.32 -5.65
N PHE A 47 -5.47 0.79 -4.84
CA PHE A 47 -5.03 1.47 -3.63
C PHE A 47 -4.39 2.82 -3.96
N ASP A 48 -3.55 2.83 -4.97
CA ASP A 48 -2.87 4.03 -5.38
C ASP A 48 -3.84 5.06 -5.99
N LYS A 49 -3.52 6.34 -5.79
CA LYS A 49 -4.33 7.44 -6.35
C LYS A 49 -4.19 7.49 -7.86
N ASP A 50 -2.94 7.41 -8.30
CA ASP A 50 -2.58 7.62 -9.69
C ASP A 50 -2.24 6.28 -10.34
N GLY A 51 -2.51 5.21 -9.59
CA GLY A 51 -2.27 3.84 -10.05
C GLY A 51 -0.88 3.60 -10.63
N ASN A 52 0.16 4.19 -10.05
CA ASN A 52 1.53 3.98 -10.57
C ASN A 52 2.12 2.62 -10.19
N GLY A 53 1.26 1.65 -9.88
CA GLY A 53 1.73 0.30 -9.62
C GLY A 53 2.41 0.15 -8.27
N TYR A 54 2.12 1.06 -7.36
CA TYR A 54 2.70 1.01 -6.02
C TYR A 54 1.70 1.54 -5.01
N ILE A 55 1.74 1.03 -3.80
CA ILE A 55 0.84 1.49 -2.76
C ILE A 55 1.61 2.35 -1.75
N SER A 56 1.45 3.66 -1.84
CA SER A 56 2.15 4.57 -0.95
C SER A 56 1.22 5.00 0.19
N ALA A 57 1.71 5.84 1.08
CA ALA A 57 0.93 6.22 2.26
C ALA A 57 -0.29 7.05 1.88
N ALA A 58 -0.06 8.14 1.16
CA ALA A 58 -1.15 8.96 0.64
C ALA A 58 -2.15 8.12 -0.14
N GLU A 59 -1.65 7.07 -0.78
CA GLU A 59 -2.49 6.17 -1.55
C GLU A 59 -3.27 5.28 -0.60
N LEU A 60 -2.57 4.78 0.42
CA LEU A 60 -3.16 3.90 1.41
C LEU A 60 -4.41 4.53 1.96
N ARG A 61 -4.32 5.79 2.29
CA ARG A 61 -5.43 6.48 2.93
C ARG A 61 -6.52 6.80 1.92
N HIS A 62 -6.12 7.24 0.73
CA HIS A 62 -7.05 7.51 -0.37
C HIS A 62 -7.99 6.33 -0.61
N VAL A 63 -7.44 5.14 -0.62
CA VAL A 63 -8.22 3.94 -0.88
C VAL A 63 -8.89 3.45 0.40
N MET A 64 -8.16 3.53 1.49
CA MET A 64 -8.54 2.91 2.75
C MET A 64 -9.68 3.66 3.45
N THR A 65 -9.40 4.83 4.03
CA THR A 65 -10.39 5.52 4.86
C THR A 65 -10.58 6.99 4.47
N ASN A 66 -9.63 7.51 3.70
CA ASN A 66 -9.62 8.93 3.33
C ASN A 66 -10.35 9.12 1.99
N LEU A 67 -10.32 10.35 1.47
CA LEU A 67 -10.97 10.67 0.21
C LEU A 67 -10.49 9.73 -0.89
N GLY A 68 -11.43 9.09 -1.57
CA GLY A 68 -11.08 8.18 -2.63
C GLY A 68 -12.28 7.86 -3.50
CA CA B . 8.95 0.87 1.17
CA CA C . 0.37 6.65 -6.73
N ALA A 1 -3.41 17.32 7.41
CA ALA A 1 -2.71 16.09 7.83
C ALA A 1 -2.11 15.39 6.62
N GLU A 2 -0.80 15.30 6.58
CA GLU A 2 -0.11 14.56 5.53
C GLU A 2 0.12 13.13 5.98
N LEU A 3 0.05 12.21 5.03
CA LEU A 3 0.15 10.79 5.31
C LEU A 3 1.59 10.33 5.54
N GLN A 4 2.52 11.28 5.57
CA GLN A 4 3.95 10.96 5.74
C GLN A 4 4.19 10.03 6.94
N ASP A 5 3.48 10.26 8.03
CA ASP A 5 3.59 9.41 9.21
C ASP A 5 3.23 7.97 8.87
N MET A 6 2.12 7.80 8.18
CA MET A 6 1.66 6.48 7.75
C MET A 6 2.66 5.87 6.76
N ILE A 7 3.31 6.71 5.98
CA ILE A 7 4.36 6.25 5.08
C ILE A 7 5.50 5.66 5.90
N ASN A 8 5.93 6.41 6.90
CA ASN A 8 7.06 6.01 7.74
C ASN A 8 6.70 4.80 8.59
N GLU A 9 5.40 4.55 8.76
CA GLU A 9 4.92 3.41 9.51
C GLU A 9 4.92 2.15 8.64
N VAL A 10 4.46 2.32 7.41
CA VAL A 10 4.26 1.18 6.51
C VAL A 10 5.55 0.79 5.81
N ASP A 11 6.37 1.79 5.56
CA ASP A 11 7.60 1.61 4.85
C ASP A 11 8.57 0.74 5.63
N ALA A 12 9.00 -0.32 4.97
CA ALA A 12 9.83 -1.32 5.61
C ALA A 12 11.31 -1.08 5.30
N ASP A 13 11.58 -0.57 4.11
CA ASP A 13 12.96 -0.38 3.67
C ASP A 13 13.24 1.09 3.39
N GLY A 14 12.28 1.95 3.68
CA GLY A 14 12.50 3.38 3.61
C GLY A 14 12.59 3.91 2.19
N ASN A 15 11.92 3.25 1.25
CA ASN A 15 11.89 3.71 -0.13
C ASN A 15 10.77 4.72 -0.39
N GLY A 16 10.01 5.07 0.66
CA GLY A 16 9.02 6.14 0.56
C GLY A 16 7.64 5.65 0.16
N THR A 17 7.48 4.34 0.04
CA THR A 17 6.24 3.75 -0.40
C THR A 17 6.19 2.29 0.01
N ILE A 18 5.09 1.63 -0.27
CA ILE A 18 5.04 0.19 -0.15
C ILE A 18 5.38 -0.41 -1.51
N ASP A 19 6.13 -1.49 -1.49
CA ASP A 19 6.48 -2.21 -2.69
C ASP A 19 5.77 -3.56 -2.59
N PHE A 20 5.88 -4.41 -3.58
CA PHE A 20 5.28 -5.72 -3.49
C PHE A 20 5.79 -6.49 -2.25
N PRO A 21 7.14 -6.59 -2.05
CA PRO A 21 7.70 -7.20 -0.84
C PRO A 21 7.14 -6.59 0.44
N GLU A 22 7.17 -5.26 0.54
CA GLU A 22 6.65 -4.58 1.73
C GLU A 22 5.18 -4.92 1.97
N PHE A 23 4.35 -4.75 0.93
CA PHE A 23 2.91 -4.94 1.09
C PHE A 23 2.59 -6.33 1.60
N LEU A 24 3.13 -7.34 0.93
CA LEU A 24 2.84 -8.72 1.28
C LEU A 24 3.43 -9.13 2.62
N THR A 25 4.73 -8.93 2.79
CA THR A 25 5.40 -9.42 3.96
C THR A 25 4.97 -8.66 5.22
N MET A 26 4.93 -7.35 5.14
CA MET A 26 4.46 -6.52 6.27
C MET A 26 3.00 -6.84 6.59
N MET A 27 2.20 -7.12 5.56
CA MET A 27 0.83 -7.55 5.80
C MET A 27 0.83 -8.87 6.56
N ALA A 28 1.30 -9.93 5.91
CA ALA A 28 1.40 -11.25 6.52
C ALA A 28 2.22 -11.26 7.81
N ARG A 29 3.03 -10.21 7.99
CA ARG A 29 3.82 -10.06 9.21
C ARG A 29 2.97 -10.33 10.44
N LYS A 30 1.76 -9.78 10.45
CA LYS A 30 0.80 -10.06 11.51
C LYS A 30 -0.56 -10.47 10.92
N MET A 31 -0.91 -9.85 9.80
CA MET A 31 -2.19 -10.07 9.17
C MET A 31 -2.11 -11.20 8.14
N LYS A 32 -3.19 -11.41 7.40
CA LYS A 32 -3.26 -12.47 6.40
C LYS A 32 -2.17 -12.35 5.35
N ASP A 33 -1.70 -13.49 4.86
CA ASP A 33 -0.91 -13.54 3.65
C ASP A 33 -1.84 -13.84 2.50
N THR A 34 -1.71 -13.11 1.42
CA THR A 34 -2.66 -13.24 0.33
C THR A 34 -1.97 -13.65 -0.97
N ASP A 35 -2.19 -14.89 -1.37
CA ASP A 35 -1.76 -15.32 -2.68
C ASP A 35 -2.85 -15.02 -3.70
N SER A 36 -2.68 -13.90 -4.37
CA SER A 36 -3.63 -13.40 -5.33
C SER A 36 -2.90 -12.43 -6.22
N GLU A 37 -1.90 -12.94 -6.92
CA GLU A 37 -0.96 -12.11 -7.66
C GLU A 37 -1.66 -11.11 -8.58
N GLU A 38 -2.62 -11.58 -9.36
CA GLU A 38 -3.42 -10.69 -10.21
C GLU A 38 -4.09 -9.60 -9.36
N GLU A 39 -4.67 -10.03 -8.26
CA GLU A 39 -5.45 -9.16 -7.41
C GLU A 39 -4.59 -8.15 -6.68
N ILE A 40 -3.45 -8.57 -6.18
CA ILE A 40 -2.57 -7.69 -5.44
C ILE A 40 -1.95 -6.65 -6.39
N ARG A 41 -1.61 -7.06 -7.60
CA ARG A 41 -1.13 -6.11 -8.61
C ARG A 41 -2.25 -5.13 -8.95
N GLU A 42 -3.45 -5.65 -9.05
CA GLU A 42 -4.62 -4.84 -9.31
C GLU A 42 -4.85 -3.90 -8.14
N ALA A 43 -4.50 -4.38 -6.96
CA ALA A 43 -4.61 -3.59 -5.74
C ALA A 43 -3.64 -2.44 -5.76
N PHE A 44 -2.41 -2.68 -6.23
CA PHE A 44 -1.42 -1.60 -6.37
C PHE A 44 -1.94 -0.51 -7.29
N ARG A 45 -2.76 -0.89 -8.26
CA ARG A 45 -3.42 0.06 -9.14
C ARG A 45 -4.62 0.76 -8.47
N VAL A 46 -5.41 -0.01 -7.71
CA VAL A 46 -6.65 0.50 -7.12
C VAL A 46 -6.39 1.28 -5.84
N PHE A 47 -5.47 0.77 -5.04
CA PHE A 47 -5.08 1.38 -3.78
C PHE A 47 -4.23 2.63 -4.00
N ASP A 48 -4.27 3.15 -5.21
CA ASP A 48 -3.46 4.29 -5.60
C ASP A 48 -4.37 5.31 -6.30
N LYS A 49 -4.05 6.59 -6.17
CA LYS A 49 -4.84 7.64 -6.80
C LYS A 49 -4.48 7.75 -8.28
N ASP A 50 -3.21 7.48 -8.55
CA ASP A 50 -2.64 7.62 -9.89
C ASP A 50 -2.27 6.26 -10.47
N GLY A 51 -2.50 5.22 -9.67
CA GLY A 51 -2.16 3.86 -10.03
C GLY A 51 -0.74 3.67 -10.55
N ASN A 52 0.26 4.30 -9.92
CA ASN A 52 1.65 4.17 -10.38
C ASN A 52 2.28 2.84 -10.00
N GLY A 53 1.45 1.83 -9.72
CA GLY A 53 1.96 0.50 -9.44
C GLY A 53 2.63 0.41 -8.08
N TYR A 54 2.30 1.32 -7.18
CA TYR A 54 2.84 1.34 -5.84
C TYR A 54 1.81 1.88 -4.88
N ILE A 55 1.74 1.31 -3.71
CA ILE A 55 0.75 1.71 -2.73
C ILE A 55 1.39 2.54 -1.63
N SER A 56 1.20 3.84 -1.69
CA SER A 56 1.73 4.74 -0.69
C SER A 56 0.64 5.13 0.30
N ALA A 57 1.02 5.72 1.42
CA ALA A 57 0.07 6.10 2.46
C ALA A 57 -1.05 7.00 1.90
N ALA A 58 -0.66 8.10 1.27
CA ALA A 58 -1.63 9.02 0.64
C ALA A 58 -2.55 8.28 -0.32
N GLU A 59 -1.99 7.35 -1.08
CA GLU A 59 -2.76 6.53 -2.01
C GLU A 59 -3.77 5.71 -1.24
N LEU A 60 -3.28 5.13 -0.13
CA LEU A 60 -4.10 4.31 0.74
C LEU A 60 -5.30 5.09 1.24
N ARG A 61 -5.11 6.35 1.57
CA ARG A 61 -6.19 7.13 2.13
C ARG A 61 -7.28 7.32 1.07
N HIS A 62 -6.88 7.71 -0.15
CA HIS A 62 -7.83 7.91 -1.25
C HIS A 62 -8.69 6.67 -1.50
N VAL A 63 -8.06 5.52 -1.46
CA VAL A 63 -8.77 4.27 -1.75
C VAL A 63 -9.50 3.75 -0.51
N MET A 64 -8.78 3.70 0.60
CA MET A 64 -9.20 2.95 1.78
C MET A 64 -10.31 3.67 2.54
N THR A 65 -10.01 4.77 3.23
CA THR A 65 -11.02 5.40 4.08
C THR A 65 -11.29 6.87 3.69
N ASN A 66 -10.25 7.58 3.28
CA ASN A 66 -10.38 9.02 3.01
C ASN A 66 -10.92 9.31 1.62
N LEU A 67 -10.92 10.59 1.27
CA LEU A 67 -11.52 11.09 0.04
C LEU A 67 -11.09 10.28 -1.19
N GLY A 68 -12.05 9.61 -1.80
CA GLY A 68 -11.79 8.88 -3.02
C GLY A 68 -12.66 9.41 -4.14
CA CA B . 10.87 -1.39 -0.29
CA CA C . 0.21 6.51 -7.01
N ALA A 1 -4.30 16.28 9.02
CA ALA A 1 -3.77 14.92 9.30
C ALA A 1 -2.51 14.68 8.50
N GLU A 2 -1.48 14.17 9.16
CA GLU A 2 -0.19 13.98 8.51
C GLU A 2 -0.11 12.61 7.83
N LEU A 3 -0.13 12.66 6.50
CA LEU A 3 0.01 11.46 5.70
C LEU A 3 1.47 11.05 5.59
N GLN A 4 2.38 12.01 5.74
CA GLN A 4 3.81 11.72 5.71
C GLN A 4 4.19 10.84 6.90
N ASP A 5 3.51 11.07 8.02
CA ASP A 5 3.68 10.27 9.23
C ASP A 5 3.28 8.82 8.97
N MET A 6 2.11 8.64 8.38
CA MET A 6 1.62 7.32 8.03
C MET A 6 2.54 6.67 7.01
N ILE A 7 3.15 7.50 6.15
CA ILE A 7 4.13 7.01 5.19
C ILE A 7 5.36 6.49 5.92
N ASN A 8 5.73 7.18 6.99
CA ASN A 8 6.89 6.82 7.79
C ASN A 8 6.72 5.44 8.41
N GLU A 9 5.49 5.08 8.74
CA GLU A 9 5.21 3.76 9.28
C GLU A 9 5.35 2.67 8.21
N VAL A 10 4.94 2.99 6.98
CA VAL A 10 4.94 2.00 5.91
C VAL A 10 6.30 1.90 5.23
N ASP A 11 7.05 2.99 5.27
CA ASP A 11 8.40 3.03 4.71
C ASP A 11 9.36 2.11 5.46
N ALA A 12 9.20 0.83 5.22
CA ALA A 12 9.98 -0.21 5.89
C ALA A 12 11.42 -0.26 5.40
N ASP A 13 11.62 -0.16 4.09
CA ASP A 13 12.94 -0.43 3.51
C ASP A 13 13.54 0.81 2.85
N GLY A 14 12.88 1.94 3.01
CA GLY A 14 13.36 3.14 2.35
C GLY A 14 12.93 3.21 0.89
N ASN A 15 11.64 3.42 0.70
CA ASN A 15 11.11 3.56 -0.66
C ASN A 15 10.04 4.64 -0.74
N GLY A 16 9.45 4.99 0.41
CA GLY A 16 8.47 6.06 0.45
C GLY A 16 7.08 5.53 0.15
N THR A 17 6.99 4.22 0.04
CA THR A 17 5.77 3.53 -0.32
C THR A 17 5.86 2.08 0.15
N ILE A 18 4.84 1.30 -0.13
CA ILE A 18 4.91 -0.14 0.08
C ILE A 18 5.35 -0.80 -1.22
N ASP A 19 6.07 -1.90 -1.11
CA ASP A 19 6.58 -2.61 -2.29
C ASP A 19 5.69 -3.83 -2.50
N PHE A 20 5.79 -4.49 -3.64
CA PHE A 20 5.06 -5.75 -3.82
C PHE A 20 5.39 -6.76 -2.71
N PRO A 21 6.68 -7.11 -2.49
CA PRO A 21 7.05 -8.03 -1.40
C PRO A 21 6.68 -7.47 -0.04
N GLU A 22 6.81 -6.16 0.12
CA GLU A 22 6.47 -5.47 1.34
C GLU A 22 4.98 -5.63 1.67
N PHE A 23 4.14 -5.24 0.71
CA PHE A 23 2.69 -5.29 0.89
C PHE A 23 2.23 -6.70 1.25
N LEU A 24 2.76 -7.69 0.54
CA LEU A 24 2.37 -9.07 0.78
C LEU A 24 2.79 -9.53 2.18
N THR A 25 3.97 -9.13 2.60
CA THR A 25 4.48 -9.56 3.88
C THR A 25 3.80 -8.79 5.02
N MET A 26 3.66 -7.49 4.84
CA MET A 26 2.94 -6.64 5.79
C MET A 26 1.46 -7.00 5.88
N MET A 27 0.88 -7.36 4.75
CA MET A 27 -0.49 -7.86 4.75
C MET A 27 -0.58 -9.13 5.58
N ALA A 28 0.11 -10.18 5.12
CA ALA A 28 0.21 -11.44 5.86
C ALA A 28 0.74 -11.28 7.27
N ARG A 29 1.34 -10.13 7.55
CA ARG A 29 1.88 -9.84 8.87
C ARG A 29 0.82 -10.07 9.94
N LYS A 30 -0.34 -9.47 9.73
CA LYS A 30 -1.48 -9.62 10.64
C LYS A 30 -2.72 -10.06 9.87
N MET A 31 -2.95 -9.41 8.74
CA MET A 31 -4.11 -9.66 7.90
C MET A 31 -3.93 -10.95 7.08
N LYS A 32 -4.97 -11.33 6.35
CA LYS A 32 -4.91 -12.50 5.48
C LYS A 32 -3.85 -12.31 4.39
N ASP A 33 -3.23 -13.39 3.95
CA ASP A 33 -2.32 -13.33 2.83
C ASP A 33 -2.99 -13.88 1.58
N THR A 34 -2.80 -13.21 0.47
CA THR A 34 -3.40 -13.61 -0.78
C THR A 34 -2.33 -13.83 -1.84
N ASP A 35 -2.24 -15.03 -2.34
CA ASP A 35 -1.43 -15.28 -3.52
C ASP A 35 -2.33 -15.21 -4.75
N SER A 36 -2.22 -14.10 -5.45
CA SER A 36 -3.11 -13.78 -6.56
C SER A 36 -2.50 -12.61 -7.31
N GLU A 37 -1.36 -12.88 -7.93
CA GLU A 37 -0.48 -11.81 -8.42
C GLU A 37 -1.24 -10.77 -9.22
N GLU A 38 -2.00 -11.21 -10.21
CA GLU A 38 -2.74 -10.29 -11.08
C GLU A 38 -3.70 -9.42 -10.25
N GLU A 39 -4.26 -10.03 -9.21
CA GLU A 39 -5.19 -9.33 -8.33
C GLU A 39 -4.47 -8.31 -7.46
N ILE A 40 -3.34 -8.72 -6.88
CA ILE A 40 -2.60 -7.82 -6.01
C ILE A 40 -2.00 -6.68 -6.83
N ARG A 41 -1.56 -7.00 -8.05
CA ARG A 41 -1.02 -5.98 -8.94
C ARG A 41 -2.10 -4.95 -9.27
N GLU A 42 -3.31 -5.43 -9.52
CA GLU A 42 -4.40 -4.54 -9.80
C GLU A 42 -4.84 -3.83 -8.53
N ALA A 43 -4.61 -4.48 -7.40
CA ALA A 43 -4.92 -3.88 -6.11
C ALA A 43 -3.99 -2.70 -5.88
N PHE A 44 -2.72 -2.88 -6.17
CA PHE A 44 -1.75 -1.79 -6.11
C PHE A 44 -2.24 -0.59 -6.92
N ARG A 45 -2.81 -0.88 -8.08
CA ARG A 45 -3.32 0.16 -8.96
C ARG A 45 -4.65 0.74 -8.43
N VAL A 46 -5.38 -0.06 -7.66
CA VAL A 46 -6.63 0.39 -7.04
C VAL A 46 -6.36 1.22 -5.78
N PHE A 47 -5.42 0.76 -4.96
CA PHE A 47 -5.03 1.47 -3.75
C PHE A 47 -4.46 2.82 -4.13
N ASP A 48 -3.54 2.78 -5.08
CA ASP A 48 -2.86 3.97 -5.59
C ASP A 48 -3.86 5.00 -6.14
N LYS A 49 -3.56 6.27 -5.90
CA LYS A 49 -4.34 7.38 -6.46
C LYS A 49 -3.96 7.56 -7.93
N ASP A 50 -2.67 7.45 -8.17
CA ASP A 50 -2.06 7.77 -9.46
C ASP A 50 -1.69 6.52 -10.24
N GLY A 51 -2.00 5.36 -9.66
CA GLY A 51 -1.70 4.07 -10.27
C GLY A 51 -0.24 3.88 -10.66
N ASN A 52 0.72 4.40 -9.88
CA ASN A 52 2.14 4.21 -10.19
C ASN A 52 2.59 2.80 -9.85
N GLY A 53 1.69 1.97 -9.33
CA GLY A 53 2.01 0.59 -9.10
C GLY A 53 2.54 0.32 -7.70
N TYR A 54 2.21 1.19 -6.77
CA TYR A 54 2.73 1.09 -5.40
C TYR A 54 1.77 1.71 -4.40
N ILE A 55 1.73 1.15 -3.21
CA ILE A 55 0.76 1.54 -2.21
C ILE A 55 1.43 2.30 -1.07
N SER A 56 1.32 3.61 -1.09
CA SER A 56 1.86 4.44 -0.02
C SER A 56 0.73 4.86 0.91
N ALA A 57 1.03 5.63 1.94
CA ALA A 57 0.01 6.04 2.91
C ALA A 57 -1.09 6.86 2.25
N ALA A 58 -0.68 7.94 1.59
CA ALA A 58 -1.61 8.76 0.80
C ALA A 58 -2.49 7.90 -0.10
N GLU A 59 -1.86 6.93 -0.76
CA GLU A 59 -2.57 6.01 -1.65
C GLU A 59 -3.54 5.17 -0.83
N LEU A 60 -3.02 4.64 0.27
CA LEU A 60 -3.75 3.72 1.11
C LEU A 60 -5.04 4.37 1.57
N ARG A 61 -4.96 5.62 2.01
CA ARG A 61 -6.15 6.30 2.49
C ARG A 61 -7.16 6.48 1.37
N HIS A 62 -6.67 6.87 0.20
CA HIS A 62 -7.49 7.02 -1.01
C HIS A 62 -8.36 5.78 -1.26
N VAL A 63 -7.78 4.60 -1.13
CA VAL A 63 -8.51 3.37 -1.37
C VAL A 63 -9.25 2.94 -0.11
N MET A 64 -8.66 3.28 1.03
CA MET A 64 -9.07 2.72 2.32
C MET A 64 -10.31 3.42 2.88
N THR A 65 -10.18 4.64 3.39
CA THR A 65 -11.33 5.32 3.95
C THR A 65 -11.50 6.74 3.38
N ASN A 66 -10.42 7.29 2.82
CA ASN A 66 -10.42 8.67 2.34
C ASN A 66 -11.10 8.75 0.97
N LEU A 67 -11.09 9.93 0.37
CA LEU A 67 -11.77 10.14 -0.90
C LEU A 67 -11.07 9.41 -2.03
N GLY A 68 -11.84 8.69 -2.83
CA GLY A 68 -11.30 8.00 -3.98
C GLY A 68 -11.99 8.41 -5.25
CA CA B . 9.34 -0.81 0.91
CA CA C . 0.67 6.39 -6.73
N ALA A 1 -3.09 18.74 6.69
CA ALA A 1 -2.54 17.46 7.16
C ALA A 1 -1.94 16.68 6.00
N GLU A 2 -0.78 16.07 6.23
CA GLU A 2 -0.11 15.34 5.19
C GLU A 2 0.18 13.91 5.64
N LEU A 3 0.19 12.99 4.70
CA LEU A 3 0.25 11.57 4.98
C LEU A 3 1.67 11.06 5.26
N GLN A 4 2.65 11.95 5.28
CA GLN A 4 4.05 11.54 5.48
C GLN A 4 4.24 10.78 6.79
N ASP A 5 3.45 11.09 7.81
CA ASP A 5 3.48 10.34 9.07
C ASP A 5 3.19 8.87 8.80
N MET A 6 2.02 8.63 8.20
CA MET A 6 1.62 7.28 7.84
C MET A 6 2.63 6.67 6.87
N ILE A 7 3.22 7.52 6.03
CA ILE A 7 4.22 7.07 5.06
C ILE A 7 5.45 6.53 5.77
N ASN A 8 5.84 7.19 6.84
CA ASN A 8 7.02 6.80 7.60
C ASN A 8 6.74 5.55 8.43
N GLU A 9 5.47 5.27 8.67
CA GLU A 9 5.08 4.05 9.36
C GLU A 9 5.03 2.86 8.40
N VAL A 10 4.68 3.13 7.15
CA VAL A 10 4.44 2.06 6.17
C VAL A 10 5.73 1.57 5.51
N ASP A 11 6.68 2.46 5.30
CA ASP A 11 7.96 2.07 4.72
C ASP A 11 8.68 1.05 5.61
N ALA A 12 9.15 -0.02 4.99
CA ALA A 12 9.85 -1.08 5.73
C ALA A 12 11.35 -0.88 5.65
N ASP A 13 11.79 -0.27 4.56
CA ASP A 13 13.21 -0.01 4.34
C ASP A 13 13.44 1.48 4.16
N GLY A 14 12.35 2.23 4.20
CA GLY A 14 12.42 3.66 3.97
C GLY A 14 12.43 4.07 2.52
N ASN A 15 11.86 3.25 1.62
CA ASN A 15 11.67 3.70 0.25
C ASN A 15 10.48 4.65 0.11
N GLY A 16 9.73 4.84 1.19
CA GLY A 16 8.65 5.82 1.20
C GLY A 16 7.38 5.31 0.55
N THR A 17 7.44 4.09 0.06
CA THR A 17 6.31 3.45 -0.57
C THR A 17 6.33 1.98 -0.24
N ILE A 18 5.20 1.32 -0.37
CA ILE A 18 5.18 -0.11 -0.26
C ILE A 18 5.43 -0.71 -1.63
N ASP A 19 6.16 -1.80 -1.67
CA ASP A 19 6.44 -2.50 -2.92
C ASP A 19 5.65 -3.79 -2.86
N PHE A 20 5.61 -4.56 -3.94
CA PHE A 20 4.82 -5.79 -3.96
C PHE A 20 5.11 -6.69 -2.74
N PRO A 21 6.38 -7.07 -2.49
CA PRO A 21 6.72 -7.89 -1.33
C PRO A 21 6.37 -7.21 0.00
N GLU A 22 6.57 -5.89 0.07
CA GLU A 22 6.34 -5.16 1.32
C GLU A 22 4.86 -5.12 1.67
N PHE A 23 4.02 -4.88 0.67
CA PHE A 23 2.57 -4.88 0.86
C PHE A 23 2.10 -6.21 1.44
N LEU A 24 2.56 -7.29 0.83
CA LEU A 24 2.15 -8.62 1.21
C LEU A 24 2.59 -8.96 2.62
N THR A 25 3.75 -8.47 3.01
CA THR A 25 4.28 -8.78 4.33
C THR A 25 3.57 -7.95 5.40
N MET A 26 3.40 -6.66 5.12
CA MET A 26 2.68 -5.75 6.02
C MET A 26 1.23 -6.15 6.18
N MET A 27 0.61 -6.63 5.11
CA MET A 27 -0.74 -7.16 5.21
C MET A 27 -0.71 -8.41 6.09
N ALA A 28 -0.02 -9.44 5.62
CA ALA A 28 0.18 -10.68 6.37
C ALA A 28 0.69 -10.46 7.79
N ARG A 29 1.17 -9.26 8.09
CA ARG A 29 1.65 -8.96 9.43
C ARG A 29 0.65 -9.42 10.47
N LYS A 30 -0.63 -9.16 10.20
CA LYS A 30 -1.70 -9.66 11.05
C LYS A 30 -2.62 -10.59 10.26
N MET A 31 -3.14 -10.11 9.14
CA MET A 31 -4.13 -10.84 8.37
C MET A 31 -3.57 -11.21 7.00
N LYS A 32 -3.59 -12.46 6.61
CA LYS A 32 -3.18 -12.78 5.24
C LYS A 32 -4.39 -12.86 4.33
N ASP A 33 -4.36 -12.04 3.31
CA ASP A 33 -5.44 -11.93 2.35
C ASP A 33 -5.15 -12.75 1.09
N THR A 34 -5.78 -12.38 -0.01
CA THR A 34 -5.54 -12.99 -1.31
C THR A 34 -4.11 -12.72 -1.79
N ASP A 35 -3.44 -13.75 -2.26
CA ASP A 35 -2.11 -13.56 -2.83
C ASP A 35 -1.97 -14.22 -4.20
N SER A 36 -2.50 -13.55 -5.21
CA SER A 36 -2.18 -13.84 -6.59
C SER A 36 -1.45 -12.64 -7.15
N GLU A 37 -0.20 -12.84 -7.57
CA GLU A 37 0.69 -11.72 -7.87
C GLU A 37 0.03 -10.72 -8.81
N GLU A 38 -0.66 -11.21 -9.84
CA GLU A 38 -1.31 -10.35 -10.82
C GLU A 38 -2.47 -9.56 -10.19
N GLU A 39 -3.23 -10.19 -9.30
CA GLU A 39 -4.29 -9.50 -8.58
C GLU A 39 -3.69 -8.43 -7.69
N ILE A 40 -2.55 -8.78 -7.10
CA ILE A 40 -1.82 -7.86 -6.23
C ILE A 40 -1.42 -6.61 -7.02
N ARG A 41 -0.98 -6.81 -8.27
CA ARG A 41 -0.60 -5.70 -9.14
C ARG A 41 -1.78 -4.78 -9.38
N GLU A 42 -2.94 -5.37 -9.61
CA GLU A 42 -4.14 -4.60 -9.90
C GLU A 42 -4.64 -3.95 -8.61
N ALA A 43 -4.33 -4.58 -7.48
CA ALA A 43 -4.63 -4.01 -6.18
C ALA A 43 -3.75 -2.80 -5.94
N PHE A 44 -2.49 -2.88 -6.36
CA PHE A 44 -1.57 -1.74 -6.30
C PHE A 44 -2.11 -0.58 -7.12
N ARG A 45 -2.86 -0.90 -8.15
CA ARG A 45 -3.50 0.11 -8.98
C ARG A 45 -4.72 0.70 -8.28
N VAL A 46 -5.42 -0.13 -7.51
CA VAL A 46 -6.65 0.28 -6.82
C VAL A 46 -6.34 1.02 -5.52
N PHE A 47 -5.35 0.53 -4.78
CA PHE A 47 -4.95 1.11 -3.51
C PHE A 47 -4.09 2.37 -3.70
N ASP A 48 -4.15 2.91 -4.90
CA ASP A 48 -3.38 4.09 -5.27
C ASP A 48 -4.32 5.10 -5.90
N LYS A 49 -4.07 6.38 -5.65
CA LYS A 49 -4.94 7.44 -6.15
C LYS A 49 -4.67 7.68 -7.63
N ASP A 50 -3.43 7.37 -8.02
CA ASP A 50 -2.96 7.57 -9.40
C ASP A 50 -2.62 6.24 -10.07
N GLY A 51 -2.80 5.15 -9.32
CA GLY A 51 -2.43 3.82 -9.78
C GLY A 51 -1.04 3.70 -10.42
N ASN A 52 0.00 4.29 -9.81
CA ASN A 52 1.35 4.18 -10.38
C ASN A 52 1.98 2.82 -10.09
N GLY A 53 1.16 1.83 -9.73
CA GLY A 53 1.67 0.50 -9.51
C GLY A 53 2.37 0.32 -8.18
N TYR A 54 2.04 1.19 -7.24
CA TYR A 54 2.64 1.17 -5.91
C TYR A 54 1.66 1.66 -4.88
N ILE A 55 1.72 1.08 -3.70
CA ILE A 55 0.80 1.44 -2.65
C ILE A 55 1.56 2.19 -1.56
N SER A 56 1.45 3.50 -1.57
CA SER A 56 2.06 4.30 -0.54
C SER A 56 1.01 4.67 0.48
N ALA A 57 1.42 5.11 1.65
CA ALA A 57 0.48 5.44 2.70
C ALA A 57 -0.57 6.44 2.22
N ALA A 58 -0.09 7.55 1.67
CA ALA A 58 -0.97 8.56 1.08
C ALA A 58 -1.96 7.94 0.10
N GLU A 59 -1.46 7.12 -0.81
CA GLU A 59 -2.29 6.45 -1.80
C GLU A 59 -3.33 5.60 -1.09
N LEU A 60 -2.82 4.79 -0.16
CA LEU A 60 -3.61 3.80 0.53
C LEU A 60 -4.77 4.48 1.21
N ARG A 61 -4.46 5.55 1.93
CA ARG A 61 -5.46 6.23 2.74
C ARG A 61 -6.43 7.04 1.90
N HIS A 62 -6.00 7.55 0.76
CA HIS A 62 -6.85 8.44 -0.03
C HIS A 62 -7.85 7.62 -0.85
N VAL A 63 -7.51 6.38 -1.12
CA VAL A 63 -8.45 5.46 -1.72
C VAL A 63 -9.25 4.77 -0.63
N MET A 64 -8.63 4.72 0.55
CA MET A 64 -9.19 4.02 1.69
C MET A 64 -10.30 4.82 2.37
N THR A 65 -9.95 5.89 3.09
CA THR A 65 -10.96 6.69 3.79
C THR A 65 -10.80 8.19 3.48
N ASN A 66 -9.57 8.59 3.14
CA ASN A 66 -9.27 9.98 2.81
C ASN A 66 -9.86 10.34 1.46
N LEU A 67 -9.53 11.53 0.97
CA LEU A 67 -10.12 12.07 -0.24
C LEU A 67 -9.55 11.39 -1.48
N GLY A 68 -10.42 10.76 -2.26
CA GLY A 68 -9.99 10.11 -3.47
C GLY A 68 -11.04 9.15 -3.98
CA CA B . 10.85 -1.27 0.56
CA CA C . 0.18 6.42 -6.88
N ALA A 1 -3.40 16.26 9.41
CA ALA A 1 -3.21 14.80 9.50
C ALA A 1 -2.69 14.25 8.17
N GLU A 2 -1.39 14.42 7.95
CA GLU A 2 -0.78 13.99 6.70
C GLU A 2 -0.35 12.54 6.80
N LEU A 3 -0.66 11.75 5.77
CA LEU A 3 -0.36 10.32 5.77
C LEU A 3 1.12 10.05 5.60
N GLN A 4 1.94 11.09 5.50
CA GLN A 4 3.38 10.91 5.40
C GLN A 4 3.92 10.21 6.64
N ASP A 5 3.30 10.49 7.78
CA ASP A 5 3.64 9.79 9.02
C ASP A 5 3.38 8.30 8.86
N MET A 6 2.20 7.97 8.34
CA MET A 6 1.84 6.59 8.06
C MET A 6 2.80 5.98 7.03
N ILE A 7 3.28 6.81 6.12
CA ILE A 7 4.25 6.38 5.11
C ILE A 7 5.55 5.96 5.78
N ASN A 8 6.01 6.79 6.71
CA ASN A 8 7.29 6.60 7.37
C ASN A 8 7.28 5.35 8.25
N GLU A 9 6.13 5.06 8.83
CA GLU A 9 5.99 3.92 9.74
C GLU A 9 5.79 2.61 8.98
N VAL A 10 4.95 2.67 7.95
CA VAL A 10 4.59 1.46 7.21
C VAL A 10 5.70 1.05 6.23
N ASP A 11 6.41 2.03 5.68
CA ASP A 11 7.52 1.75 4.78
C ASP A 11 8.59 0.91 5.46
N ALA A 12 8.95 -0.15 4.77
CA ALA A 12 9.88 -1.15 5.28
C ALA A 12 11.28 -0.91 4.75
N ASP A 13 11.32 -0.53 3.48
CA ASP A 13 12.59 -0.30 2.79
C ASP A 13 12.98 1.18 2.79
N GLY A 14 12.01 2.05 3.07
CA GLY A 14 12.30 3.48 3.14
C GLY A 14 12.34 4.16 1.78
N ASN A 15 11.72 3.56 0.76
CA ASN A 15 11.65 4.19 -0.56
C ASN A 15 10.53 5.22 -0.64
N GLY A 16 9.73 5.32 0.41
CA GLY A 16 8.66 6.30 0.46
C GLY A 16 7.31 5.70 0.09
N THR A 17 7.27 4.39 -0.05
CA THR A 17 6.06 3.70 -0.46
C THR A 17 6.12 2.23 -0.09
N ILE A 18 4.99 1.56 -0.22
CA ILE A 18 4.96 0.12 -0.09
C ILE A 18 5.26 -0.50 -1.46
N ASP A 19 6.01 -1.59 -1.45
CA ASP A 19 6.38 -2.28 -2.66
C ASP A 19 5.68 -3.62 -2.63
N PHE A 20 5.83 -4.44 -3.66
CA PHE A 20 5.24 -5.77 -3.66
C PHE A 20 5.68 -6.58 -2.43
N PRO A 21 7.00 -6.70 -2.15
CA PRO A 21 7.48 -7.39 -0.95
C PRO A 21 6.89 -6.81 0.34
N GLU A 22 6.86 -5.48 0.44
CA GLU A 22 6.39 -4.80 1.64
C GLU A 22 4.91 -5.09 1.89
N PHE A 23 4.08 -4.83 0.88
CA PHE A 23 2.64 -4.97 1.01
C PHE A 23 2.27 -6.39 1.43
N LEU A 24 2.84 -7.37 0.75
CA LEU A 24 2.54 -8.77 1.02
C LEU A 24 2.98 -9.19 2.40
N THR A 25 4.18 -8.80 2.79
CA THR A 25 4.73 -9.23 4.06
C THR A 25 3.93 -8.66 5.22
N MET A 26 3.67 -7.36 5.18
CA MET A 26 2.92 -6.68 6.22
C MET A 26 1.48 -7.18 6.31
N MET A 27 0.90 -7.55 5.17
CA MET A 27 -0.47 -8.06 5.17
C MET A 27 -0.50 -9.49 5.73
N ALA A 28 0.06 -10.44 4.98
CA ALA A 28 0.17 -11.82 5.43
C ALA A 28 0.89 -11.98 6.76
N ARG A 29 1.59 -10.92 7.20
CA ARG A 29 2.22 -10.91 8.51
C ARG A 29 1.31 -11.54 9.56
N LYS A 30 0.02 -11.23 9.47
CA LYS A 30 -0.97 -11.88 10.30
C LYS A 30 -2.13 -12.43 9.48
N MET A 31 -2.61 -11.65 8.52
CA MET A 31 -3.83 -12.01 7.80
C MET A 31 -3.53 -12.35 6.35
N LYS A 32 -3.77 -13.58 5.93
CA LYS A 32 -3.71 -13.90 4.51
C LYS A 32 -5.10 -14.19 3.98
N ASP A 33 -5.57 -13.36 3.08
CA ASP A 33 -6.92 -13.51 2.53
C ASP A 33 -6.91 -13.35 1.02
N THR A 34 -5.73 -13.12 0.46
CA THR A 34 -5.63 -12.79 -0.94
C THR A 34 -5.51 -14.01 -1.84
N ASP A 35 -6.03 -13.81 -3.04
CA ASP A 35 -5.78 -14.68 -4.16
C ASP A 35 -4.37 -14.41 -4.71
N SER A 36 -4.19 -14.57 -6.00
CA SER A 36 -2.86 -14.67 -6.59
C SER A 36 -2.24 -13.29 -6.73
N GLU A 37 -1.00 -13.23 -7.18
CA GLU A 37 -0.31 -11.96 -7.33
C GLU A 37 -1.08 -11.05 -8.29
N GLU A 38 -1.87 -11.65 -9.19
CA GLU A 38 -2.76 -10.89 -10.08
C GLU A 38 -3.64 -9.95 -9.29
N GLU A 39 -4.22 -10.46 -8.22
CA GLU A 39 -5.09 -9.70 -7.36
C GLU A 39 -4.29 -8.59 -6.68
N ILE A 40 -3.07 -8.93 -6.27
CA ILE A 40 -2.16 -7.95 -5.71
C ILE A 40 -1.83 -6.85 -6.72
N ARG A 41 -1.66 -7.25 -7.99
CA ARG A 41 -1.34 -6.31 -9.05
C ARG A 41 -2.46 -5.30 -9.23
N GLU A 42 -3.70 -5.80 -9.23
CA GLU A 42 -4.85 -4.92 -9.37
C GLU A 42 -4.99 -4.04 -8.14
N ALA A 43 -4.49 -4.52 -7.01
CA ALA A 43 -4.53 -3.74 -5.78
C ALA A 43 -3.60 -2.54 -5.90
N PHE A 44 -2.38 -2.79 -6.37
CA PHE A 44 -1.42 -1.71 -6.59
C PHE A 44 -1.98 -0.64 -7.51
N ARG A 45 -2.76 -1.05 -8.50
CA ARG A 45 -3.43 -0.09 -9.38
C ARG A 45 -4.45 0.76 -8.62
N VAL A 46 -5.30 0.11 -7.85
CA VAL A 46 -6.48 0.76 -7.27
C VAL A 46 -6.15 1.46 -5.96
N PHE A 47 -5.24 0.89 -5.20
CA PHE A 47 -4.93 1.37 -3.86
C PHE A 47 -3.95 2.54 -3.90
N ASP A 48 -3.78 3.09 -5.08
CA ASP A 48 -2.90 4.22 -5.27
C ASP A 48 -3.67 5.34 -5.96
N LYS A 49 -3.34 6.59 -5.69
CA LYS A 49 -4.05 7.72 -6.30
C LYS A 49 -3.88 7.72 -7.80
N ASP A 50 -2.63 7.54 -8.21
CA ASP A 50 -2.24 7.66 -9.60
C ASP A 50 -1.83 6.33 -10.22
N GLY A 51 -2.22 5.23 -9.55
CA GLY A 51 -1.92 3.87 -10.00
C GLY A 51 -0.49 3.68 -10.49
N ASN A 52 0.48 4.33 -9.86
CA ASN A 52 1.88 4.29 -10.32
C ASN A 52 2.58 2.97 -9.99
N GLY A 53 1.82 1.91 -9.78
CA GLY A 53 2.41 0.61 -9.54
C GLY A 53 3.00 0.45 -8.16
N TYR A 54 2.52 1.26 -7.23
CA TYR A 54 2.99 1.25 -5.86
C TYR A 54 1.86 1.67 -4.94
N ILE A 55 1.88 1.20 -3.71
CA ILE A 55 0.84 1.53 -2.75
C ILE A 55 1.42 2.34 -1.58
N SER A 56 1.04 3.60 -1.48
CA SER A 56 1.52 4.45 -0.41
C SER A 56 0.39 4.78 0.56
N ALA A 57 0.71 5.46 1.65
CA ALA A 57 -0.28 5.73 2.70
C ALA A 57 -1.34 6.71 2.23
N ALA A 58 -0.91 7.87 1.74
CA ALA A 58 -1.82 8.85 1.13
C ALA A 58 -2.73 8.20 0.09
N GLU A 59 -2.18 7.24 -0.63
CA GLU A 59 -2.91 6.51 -1.64
C GLU A 59 -3.95 5.61 -0.98
N LEU A 60 -3.55 5.02 0.15
CA LEU A 60 -4.43 4.15 0.90
C LEU A 60 -5.67 4.90 1.33
N ARG A 61 -5.50 6.10 1.85
CA ARG A 61 -6.63 6.86 2.34
C ARG A 61 -7.54 7.25 1.17
N HIS A 62 -6.92 7.62 0.06
CA HIS A 62 -7.62 7.91 -1.19
C HIS A 62 -8.61 6.80 -1.56
N VAL A 63 -8.11 5.58 -1.56
CA VAL A 63 -8.86 4.45 -2.05
C VAL A 63 -9.73 3.83 -0.95
N MET A 64 -9.15 3.76 0.23
CA MET A 64 -9.71 3.01 1.34
C MET A 64 -10.97 3.66 1.90
N THR A 65 -10.82 4.81 2.56
CA THR A 65 -11.98 5.45 3.17
C THR A 65 -12.07 6.95 2.82
N ASN A 66 -10.96 7.67 2.81
CA ASN A 66 -10.98 9.11 2.59
C ASN A 66 -10.79 9.47 1.13
N LEU A 67 -10.64 10.75 0.87
CA LEU A 67 -10.44 11.23 -0.48
C LEU A 67 -8.96 11.44 -0.73
N GLY A 68 -8.53 11.02 -1.90
CA GLY A 68 -7.14 11.18 -2.28
C GLY A 68 -6.96 12.22 -3.36
CA CA B . 8.98 0.68 0.91
CA CA C . 0.41 6.87 -6.29
N ALA A 1 -5.13 15.40 7.85
CA ALA A 1 -4.53 14.07 8.06
C ALA A 1 -3.25 13.94 7.24
N GLU A 2 -2.13 14.22 7.87
CA GLU A 2 -0.84 14.19 7.21
C GLU A 2 -0.31 12.76 7.18
N LEU A 3 -0.61 12.03 6.10
CA LEU A 3 -0.29 10.62 6.00
C LEU A 3 1.20 10.34 5.89
N GLN A 4 2.03 11.38 5.89
CA GLN A 4 3.47 11.22 5.90
C GLN A 4 3.89 10.41 7.12
N ASP A 5 3.17 10.62 8.22
CA ASP A 5 3.37 9.85 9.45
C ASP A 5 3.21 8.36 9.14
N MET A 6 2.10 8.03 8.50
CA MET A 6 1.80 6.66 8.12
C MET A 6 2.83 6.13 7.14
N ILE A 7 3.39 7.02 6.31
CA ILE A 7 4.43 6.63 5.37
C ILE A 7 5.65 6.15 6.14
N ASN A 8 5.99 6.90 7.18
CA ASN A 8 7.17 6.62 7.99
C ASN A 8 7.01 5.33 8.79
N GLU A 9 5.76 4.93 9.03
CA GLU A 9 5.49 3.68 9.74
C GLU A 9 5.39 2.49 8.80
N VAL A 10 4.99 2.75 7.56
CA VAL A 10 4.75 1.67 6.60
C VAL A 10 6.01 1.36 5.78
N ASP A 11 6.81 2.38 5.50
CA ASP A 11 8.05 2.17 4.74
C ASP A 11 8.96 1.13 5.41
N ALA A 12 9.16 0.03 4.70
CA ALA A 12 10.00 -1.05 5.18
C ALA A 12 11.39 -0.97 4.54
N ASP A 13 11.39 -0.72 3.24
CA ASP A 13 12.63 -0.61 2.47
C ASP A 13 13.12 0.83 2.46
N GLY A 14 12.23 1.74 2.80
CA GLY A 14 12.60 3.14 2.93
C GLY A 14 12.52 3.90 1.63
N ASN A 15 11.80 3.37 0.64
CA ASN A 15 11.62 4.08 -0.62
C ASN A 15 10.39 4.98 -0.58
N GLY A 16 9.76 5.04 0.59
CA GLY A 16 8.65 5.96 0.80
C GLY A 16 7.33 5.39 0.34
N THR A 17 7.36 4.15 -0.15
CA THR A 17 6.17 3.50 -0.64
C THR A 17 6.19 2.03 -0.28
N ILE A 18 5.02 1.43 -0.23
CA ILE A 18 4.95 0.00 -0.07
C ILE A 18 5.18 -0.65 -1.43
N ASP A 19 5.89 -1.75 -1.41
CA ASP A 19 6.26 -2.45 -2.61
C ASP A 19 5.52 -3.76 -2.61
N PHE A 20 5.58 -4.52 -3.69
CA PHE A 20 4.98 -5.85 -3.71
C PHE A 20 5.47 -6.69 -2.52
N PRO A 21 6.81 -6.79 -2.31
CA PRO A 21 7.37 -7.46 -1.13
C PRO A 21 6.79 -6.92 0.18
N GLU A 22 6.77 -5.60 0.35
CA GLU A 22 6.31 -5.01 1.60
C GLU A 22 4.81 -5.27 1.85
N PHE A 23 3.97 -4.93 0.87
CA PHE A 23 2.53 -5.01 1.05
C PHE A 23 2.10 -6.43 1.36
N LEU A 24 2.65 -7.38 0.61
CA LEU A 24 2.36 -8.78 0.82
C LEU A 24 2.79 -9.24 2.20
N THR A 25 3.95 -8.79 2.65
CA THR A 25 4.47 -9.20 3.94
C THR A 25 3.71 -8.51 5.07
N MET A 26 3.37 -7.24 4.87
CA MET A 26 2.55 -6.49 5.81
C MET A 26 1.18 -7.14 5.98
N MET A 27 0.65 -7.65 4.88
CA MET A 27 -0.63 -8.36 4.93
C MET A 27 -0.46 -9.70 5.62
N ALA A 28 0.26 -10.62 4.97
CA ALA A 28 0.57 -11.94 5.52
C ALA A 28 1.19 -11.87 6.91
N ARG A 29 1.68 -10.70 7.31
CA ARG A 29 2.25 -10.52 8.63
C ARG A 29 1.40 -11.19 9.70
N LYS A 30 0.10 -10.88 9.68
CA LYS A 30 -0.86 -11.56 10.54
C LYS A 30 -2.08 -12.02 9.75
N MET A 31 -2.29 -11.41 8.59
CA MET A 31 -3.43 -11.73 7.75
C MET A 31 -3.04 -12.77 6.70
N LYS A 32 -3.97 -13.11 5.82
CA LYS A 32 -3.71 -14.13 4.81
C LYS A 32 -2.65 -13.68 3.81
N ASP A 33 -1.90 -14.64 3.29
CA ASP A 33 -1.05 -14.39 2.14
C ASP A 33 -1.87 -14.64 0.89
N THR A 34 -1.75 -13.78 -0.09
CA THR A 34 -2.64 -13.84 -1.23
C THR A 34 -2.06 -14.60 -2.40
N ASP A 35 -2.92 -14.81 -3.38
CA ASP A 35 -2.59 -15.46 -4.63
C ASP A 35 -1.86 -14.52 -5.57
N SER A 36 -2.18 -14.65 -6.85
CA SER A 36 -1.36 -14.19 -7.97
C SER A 36 -0.86 -12.77 -7.77
N GLU A 37 0.40 -12.57 -8.13
CA GLU A 37 1.04 -11.27 -8.03
C GLU A 37 0.34 -10.28 -8.93
N GLU A 38 -0.30 -10.77 -9.98
CA GLU A 38 -1.05 -9.92 -10.91
C GLU A 38 -2.29 -9.35 -10.23
N GLU A 39 -2.90 -10.15 -9.36
CA GLU A 39 -4.05 -9.72 -8.60
C GLU A 39 -3.62 -8.66 -7.60
N ILE A 40 -2.57 -8.97 -6.86
CA ILE A 40 -2.00 -8.02 -5.92
C ILE A 40 -1.52 -6.77 -6.65
N ARG A 41 -1.02 -6.97 -7.85
CA ARG A 41 -0.57 -5.90 -8.73
C ARG A 41 -1.72 -4.95 -9.07
N GLU A 42 -2.88 -5.54 -9.34
CA GLU A 42 -4.05 -4.76 -9.65
C GLU A 42 -4.52 -4.02 -8.40
N ALA A 43 -4.31 -4.64 -7.24
CA ALA A 43 -4.67 -4.02 -5.98
C ALA A 43 -3.79 -2.80 -5.74
N PHE A 44 -2.53 -2.91 -6.11
CA PHE A 44 -1.61 -1.77 -6.08
C PHE A 44 -2.15 -0.61 -6.90
N ARG A 45 -2.77 -0.94 -8.03
CA ARG A 45 -3.36 0.08 -8.88
C ARG A 45 -4.70 0.59 -8.34
N VAL A 46 -5.38 -0.23 -7.55
CA VAL A 46 -6.67 0.15 -6.95
C VAL A 46 -6.45 0.96 -5.66
N PHE A 47 -5.46 0.57 -4.87
CA PHE A 47 -5.10 1.26 -3.64
C PHE A 47 -4.28 2.51 -3.92
N ASP A 48 -4.29 2.96 -5.17
CA ASP A 48 -3.44 4.05 -5.60
C ASP A 48 -4.30 5.14 -6.25
N LYS A 49 -3.91 6.40 -6.07
CA LYS A 49 -4.57 7.53 -6.71
C LYS A 49 -4.21 7.58 -8.19
N ASP A 50 -2.94 7.34 -8.46
CA ASP A 50 -2.35 7.52 -9.78
C ASP A 50 -2.08 6.18 -10.46
N GLY A 51 -2.41 5.09 -9.77
CA GLY A 51 -2.13 3.75 -10.26
C GLY A 51 -0.69 3.52 -10.69
N ASN A 52 0.29 4.10 -9.98
CA ASN A 52 1.69 3.96 -10.37
C ASN A 52 2.25 2.59 -10.01
N GLY A 53 1.42 1.71 -9.46
CA GLY A 53 1.87 0.36 -9.16
C GLY A 53 2.53 0.26 -7.81
N TYR A 54 2.20 1.20 -6.92
CA TYR A 54 2.79 1.25 -5.60
C TYR A 54 1.79 1.84 -4.62
N ILE A 55 1.78 1.31 -3.42
CA ILE A 55 0.78 1.69 -2.44
C ILE A 55 1.43 2.49 -1.31
N SER A 56 1.23 3.80 -1.35
CA SER A 56 1.75 4.68 -0.31
C SER A 56 0.65 5.05 0.67
N ALA A 57 0.98 5.79 1.71
CA ALA A 57 -0.01 6.17 2.71
C ALA A 57 -1.08 7.08 2.12
N ALA A 58 -0.66 8.18 1.49
CA ALA A 58 -1.58 9.07 0.79
C ALA A 58 -2.48 8.32 -0.20
N GLU A 59 -1.89 7.37 -0.91
CA GLU A 59 -2.64 6.51 -1.83
C GLU A 59 -3.74 5.79 -1.05
N LEU A 60 -3.35 5.25 0.09
CA LEU A 60 -4.26 4.51 0.95
C LEU A 60 -5.39 5.40 1.41
N ARG A 61 -5.04 6.56 1.97
CA ARG A 61 -6.04 7.46 2.55
C ARG A 61 -7.08 7.87 1.51
N HIS A 62 -6.66 8.02 0.27
CA HIS A 62 -7.55 8.52 -0.77
C HIS A 62 -8.53 7.45 -1.19
N VAL A 63 -8.03 6.23 -1.30
CA VAL A 63 -8.83 5.14 -1.79
C VAL A 63 -9.59 4.48 -0.66
N MET A 64 -9.01 4.52 0.53
CA MET A 64 -9.52 3.79 1.68
C MET A 64 -10.68 4.51 2.38
N THR A 65 -10.40 5.57 3.14
CA THR A 65 -11.48 6.29 3.82
C THR A 65 -11.38 7.81 3.63
N ASN A 66 -10.17 8.34 3.67
CA ASN A 66 -9.94 9.78 3.59
C ASN A 66 -10.20 10.34 2.18
N LEU A 67 -9.78 11.59 1.97
CA LEU A 67 -10.06 12.36 0.75
C LEU A 67 -9.99 11.49 -0.51
N GLY A 68 -11.13 11.25 -1.11
CA GLY A 68 -11.20 10.45 -2.32
C GLY A 68 -11.66 11.26 -3.50
CA CA B . 9.04 -0.11 -0.23
CA CA C . 0.36 6.02 -6.95
N ALA A 1 -3.21 17.74 9.05
CA ALA A 1 -2.20 16.67 9.23
C ALA A 1 -2.02 15.89 7.93
N GLU A 2 -0.80 15.42 7.70
CA GLU A 2 -0.48 14.69 6.48
C GLU A 2 -0.11 13.25 6.83
N LEU A 3 -0.39 12.35 5.91
CA LEU A 3 -0.13 10.92 6.09
C LEU A 3 1.36 10.57 6.01
N GLN A 4 2.21 11.58 5.87
CA GLN A 4 3.66 11.35 5.81
C GLN A 4 4.13 10.49 6.98
N ASP A 5 3.54 10.70 8.15
CA ASP A 5 3.84 9.87 9.32
C ASP A 5 3.51 8.41 9.03
N MET A 6 2.31 8.20 8.50
CA MET A 6 1.88 6.86 8.09
C MET A 6 2.84 6.28 7.06
N ILE A 7 3.35 7.14 6.18
CA ILE A 7 4.31 6.71 5.17
C ILE A 7 5.56 6.14 5.83
N ASN A 8 5.98 6.79 6.91
CA ASN A 8 7.20 6.40 7.61
C ASN A 8 6.98 5.15 8.44
N GLU A 9 5.73 4.91 8.83
CA GLU A 9 5.39 3.78 9.68
C GLU A 9 5.22 2.51 8.84
N VAL A 10 4.49 2.64 7.74
CA VAL A 10 4.15 1.49 6.91
C VAL A 10 5.32 1.10 6.02
N ASP A 11 6.11 2.10 5.61
CA ASP A 11 7.31 1.85 4.83
C ASP A 11 8.30 0.99 5.60
N ALA A 12 8.72 -0.09 4.98
CA ALA A 12 9.58 -1.06 5.64
C ALA A 12 11.04 -0.84 5.24
N ASP A 13 11.21 -0.33 4.04
CA ASP A 13 12.53 -0.12 3.47
C ASP A 13 12.92 1.36 3.42
N GLY A 14 11.92 2.24 3.59
CA GLY A 14 12.20 3.68 3.50
C GLY A 14 12.32 4.19 2.06
N ASN A 15 11.78 3.44 1.10
CA ASN A 15 11.82 3.86 -0.31
C ASN A 15 10.73 4.90 -0.60
N GLY A 16 9.91 5.19 0.41
CA GLY A 16 8.91 6.23 0.28
C GLY A 16 7.54 5.68 -0.06
N THR A 17 7.43 4.36 -0.14
CA THR A 17 6.18 3.74 -0.53
C THR A 17 6.16 2.28 -0.09
N ILE A 18 5.06 1.62 -0.34
CA ILE A 18 5.01 0.18 -0.21
C ILE A 18 5.30 -0.43 -1.58
N ASP A 19 6.08 -1.49 -1.59
CA ASP A 19 6.45 -2.17 -2.82
C ASP A 19 5.75 -3.52 -2.79
N PHE A 20 5.85 -4.32 -3.84
CA PHE A 20 5.25 -5.65 -3.83
C PHE A 20 5.70 -6.47 -2.61
N PRO A 21 7.03 -6.58 -2.35
CA PRO A 21 7.54 -7.26 -1.15
C PRO A 21 6.98 -6.68 0.14
N GLU A 22 7.02 -5.35 0.25
CA GLU A 22 6.54 -4.67 1.46
C GLU A 22 5.06 -4.93 1.68
N PHE A 23 4.26 -4.74 0.64
CA PHE A 23 2.80 -4.86 0.76
C PHE A 23 2.41 -6.25 1.25
N LEU A 24 2.93 -7.27 0.59
CA LEU A 24 2.57 -8.63 0.92
C LEU A 24 2.98 -9.01 2.33
N THR A 25 4.19 -8.63 2.72
CA THR A 25 4.68 -8.98 4.04
C THR A 25 3.90 -8.22 5.11
N MET A 26 3.67 -6.94 4.87
CA MET A 26 2.90 -6.09 5.78
C MET A 26 1.43 -6.45 5.79
N MET A 27 0.91 -6.97 4.68
CA MET A 27 -0.48 -7.39 4.63
C MET A 27 -0.65 -8.69 5.40
N ALA A 28 -0.08 -9.78 4.86
CA ALA A 28 -0.05 -11.08 5.53
C ALA A 28 0.51 -11.01 6.94
N ARG A 29 1.15 -9.89 7.26
CA ARG A 29 1.66 -9.64 8.61
C ARG A 29 0.60 -10.03 9.64
N LYS A 30 -0.61 -9.51 9.44
CA LYS A 30 -1.75 -9.87 10.29
C LYS A 30 -2.95 -10.26 9.44
N MET A 31 -3.00 -9.76 8.22
CA MET A 31 -4.13 -9.96 7.32
C MET A 31 -3.88 -11.12 6.37
N LYS A 32 -4.81 -11.30 5.43
CA LYS A 32 -4.73 -12.33 4.39
C LYS A 32 -3.35 -12.46 3.77
N ASP A 33 -2.93 -13.72 3.59
CA ASP A 33 -1.60 -14.06 3.09
C ASP A 33 -1.62 -14.25 1.57
N THR A 34 -2.73 -13.83 0.97
CA THR A 34 -2.94 -13.99 -0.47
C THR A 34 -1.85 -13.30 -1.29
N ASP A 35 -1.01 -14.10 -1.95
CA ASP A 35 -0.05 -13.54 -2.89
C ASP A 35 -0.30 -14.10 -4.29
N SER A 36 -1.28 -13.52 -4.95
CA SER A 36 -1.48 -13.72 -6.37
C SER A 36 -1.19 -12.41 -7.07
N GLU A 37 -0.07 -12.39 -7.78
CA GLU A 37 0.52 -11.14 -8.22
C GLU A 37 -0.43 -10.30 -9.07
N GLU A 38 -1.24 -10.94 -9.90
CA GLU A 38 -2.19 -10.21 -10.74
C GLU A 38 -3.24 -9.50 -9.89
N GLU A 39 -3.75 -10.20 -8.88
CA GLU A 39 -4.75 -9.62 -7.99
C GLU A 39 -4.10 -8.53 -7.15
N ILE A 40 -2.87 -8.81 -6.73
CA ILE A 40 -2.09 -7.84 -5.97
C ILE A 40 -1.83 -6.60 -6.82
N ARG A 41 -1.48 -6.80 -8.10
CA ARG A 41 -1.25 -5.70 -9.03
C ARG A 41 -2.51 -4.89 -9.24
N GLU A 42 -3.64 -5.57 -9.26
CA GLU A 42 -4.94 -4.93 -9.40
C GLU A 42 -5.17 -4.02 -8.20
N ALA A 43 -4.80 -4.50 -7.03
CA ALA A 43 -4.94 -3.75 -5.81
C ALA A 43 -3.96 -2.58 -5.81
N PHE A 44 -2.72 -2.83 -6.23
CA PHE A 44 -1.72 -1.77 -6.37
C PHE A 44 -2.23 -0.62 -7.24
N ARG A 45 -3.05 -0.94 -8.22
CA ARG A 45 -3.63 0.07 -9.09
C ARG A 45 -4.78 0.80 -8.40
N VAL A 46 -5.57 0.07 -7.61
CA VAL A 46 -6.77 0.63 -7.01
C VAL A 46 -6.45 1.30 -5.66
N PHE A 47 -5.44 0.79 -4.98
CA PHE A 47 -5.02 1.28 -3.68
C PHE A 47 -4.07 2.45 -3.81
N ASP A 48 -3.98 3.01 -5.00
CA ASP A 48 -3.08 4.12 -5.27
C ASP A 48 -3.81 5.19 -6.06
N LYS A 49 -3.40 6.44 -5.88
CA LYS A 49 -4.02 7.56 -6.58
C LYS A 49 -3.63 7.54 -8.06
N ASP A 50 -2.35 7.28 -8.29
CA ASP A 50 -1.75 7.36 -9.61
C ASP A 50 -1.72 6.00 -10.28
N GLY A 51 -2.17 4.97 -9.55
CA GLY A 51 -2.03 3.59 -9.99
C GLY A 51 -0.63 3.25 -10.48
N ASN A 52 0.39 3.90 -9.92
CA ASN A 52 1.75 3.78 -10.42
C ASN A 52 2.44 2.47 -10.04
N GLY A 53 1.66 1.44 -9.73
CA GLY A 53 2.24 0.14 -9.44
C GLY A 53 2.90 0.08 -8.08
N TYR A 54 2.51 1.01 -7.20
CA TYR A 54 3.02 1.06 -5.84
C TYR A 54 1.93 1.60 -4.94
N ILE A 55 1.89 1.14 -3.71
CA ILE A 55 0.87 1.58 -2.78
C ILE A 55 1.50 2.44 -1.67
N SER A 56 1.31 3.75 -1.77
CA SER A 56 1.86 4.67 -0.79
C SER A 56 0.82 4.99 0.28
N ALA A 57 1.26 5.55 1.40
CA ALA A 57 0.36 5.77 2.54
C ALA A 57 -0.85 6.65 2.17
N ALA A 58 -0.59 7.83 1.62
CA ALA A 58 -1.66 8.72 1.16
C ALA A 58 -2.63 8.03 0.20
N GLU A 59 -2.13 7.00 -0.48
CA GLU A 59 -2.93 6.24 -1.43
C GLU A 59 -3.90 5.34 -0.67
N LEU A 60 -3.45 4.82 0.47
CA LEU A 60 -4.29 4.01 1.33
C LEU A 60 -5.53 4.78 1.69
N ARG A 61 -5.37 6.06 2.00
CA ARG A 61 -6.48 6.87 2.44
C ARG A 61 -7.39 7.19 1.25
N HIS A 62 -6.77 7.39 0.09
CA HIS A 62 -7.49 7.56 -1.17
C HIS A 62 -8.45 6.40 -1.43
N VAL A 63 -7.95 5.18 -1.31
CA VAL A 63 -8.74 4.00 -1.64
C VAL A 63 -9.60 3.53 -0.45
N MET A 64 -8.95 3.38 0.70
CA MET A 64 -9.49 2.63 1.83
C MET A 64 -10.71 3.30 2.47
N THR A 65 -10.52 4.40 3.19
CA THR A 65 -11.64 5.04 3.87
C THR A 65 -11.69 6.56 3.63
N ASN A 66 -10.53 7.20 3.64
CA ASN A 66 -10.45 8.67 3.57
C ASN A 66 -10.73 9.19 2.16
N LEU A 67 -10.44 10.48 1.97
CA LEU A 67 -10.70 11.18 0.71
C LEU A 67 -10.18 10.39 -0.50
N GLY A 68 -11.08 10.11 -1.42
CA GLY A 68 -10.73 9.34 -2.60
C GLY A 68 -11.46 9.83 -3.83
CA CA B . 9.13 0.81 1.14
CA CA C . 0.47 6.51 -6.03
N ALA A 1 -4.72 12.81 11.07
CA ALA A 1 -4.13 11.80 10.17
C ALA A 1 -2.95 12.37 9.41
N GLU A 2 -1.75 12.16 9.93
CA GLU A 2 -0.53 12.54 9.23
C GLU A 2 -0.11 11.41 8.31
N LEU A 3 -0.16 11.67 7.02
CA LEU A 3 0.18 10.66 6.03
C LEU A 3 1.65 10.30 6.08
N GLN A 4 2.51 11.26 6.43
CA GLN A 4 3.93 10.97 6.58
C GLN A 4 4.13 9.93 7.66
N ASP A 5 3.31 10.01 8.69
CA ASP A 5 3.36 9.07 9.80
C ASP A 5 3.13 7.65 9.31
N MET A 6 2.02 7.45 8.59
CA MET A 6 1.69 6.14 8.06
C MET A 6 2.71 5.74 6.99
N ILE A 7 3.12 6.70 6.16
CA ILE A 7 4.11 6.44 5.13
C ILE A 7 5.41 5.94 5.74
N ASN A 8 5.83 6.61 6.81
CA ASN A 8 7.11 6.33 7.46
C ASN A 8 7.07 5.03 8.26
N GLU A 9 5.88 4.64 8.69
CA GLU A 9 5.72 3.38 9.40
C GLU A 9 5.65 2.20 8.44
N VAL A 10 4.99 2.42 7.31
CA VAL A 10 4.82 1.39 6.31
C VAL A 10 6.10 1.22 5.49
N ASP A 11 6.85 2.31 5.35
CA ASP A 11 8.17 2.26 4.71
C ASP A 11 9.07 1.26 5.43
N ALA A 12 9.31 0.14 4.77
CA ALA A 12 10.05 -0.96 5.40
C ALA A 12 11.52 -0.96 5.01
N ASP A 13 11.79 -0.79 3.72
CA ASP A 13 13.16 -0.84 3.23
C ASP A 13 13.57 0.45 2.56
N GLY A 14 12.63 1.40 2.46
CA GLY A 14 12.94 2.66 1.83
C GLY A 14 12.32 2.79 0.45
N ASN A 15 11.04 3.08 0.45
CA ASN A 15 10.29 3.28 -0.79
C ASN A 15 9.56 4.61 -0.76
N GLY A 16 9.27 5.10 0.46
CA GLY A 16 8.37 6.24 0.61
C GLY A 16 6.94 5.80 0.31
N THR A 17 6.84 4.50 0.09
CA THR A 17 5.67 3.85 -0.44
C THR A 17 5.74 2.37 -0.05
N ILE A 18 4.67 1.62 -0.24
CA ILE A 18 4.73 0.19 -0.05
C ILE A 18 5.09 -0.47 -1.38
N ASP A 19 5.86 -1.54 -1.31
CA ASP A 19 6.25 -2.28 -2.51
C ASP A 19 5.55 -3.62 -2.46
N PHE A 20 5.59 -4.41 -3.52
CA PHE A 20 4.95 -5.71 -3.51
C PHE A 20 5.40 -6.57 -2.32
N PRO A 21 6.73 -6.76 -2.13
CA PRO A 21 7.24 -7.50 -0.98
C PRO A 21 6.80 -6.90 0.36
N GLU A 22 6.84 -5.58 0.45
CA GLU A 22 6.50 -4.90 1.71
C GLU A 22 5.00 -4.96 2.00
N PHE A 23 4.18 -4.79 0.98
CA PHE A 23 2.73 -4.85 1.15
C PHE A 23 2.32 -6.21 1.70
N LEU A 24 2.87 -7.25 1.08
CA LEU A 24 2.55 -8.61 1.49
C LEU A 24 3.11 -8.93 2.86
N THR A 25 4.28 -8.42 3.15
CA THR A 25 4.92 -8.72 4.41
C THR A 25 4.26 -7.97 5.57
N MET A 26 3.94 -6.69 5.36
CA MET A 26 3.22 -5.90 6.35
C MET A 26 1.85 -6.53 6.65
N MET A 27 1.25 -7.12 5.64
CA MET A 27 0.00 -7.84 5.83
C MET A 27 0.26 -9.12 6.63
N ALA A 28 0.95 -10.07 6.00
CA ALA A 28 1.31 -11.35 6.63
C ALA A 28 2.03 -11.19 7.96
N ARG A 29 2.53 -9.97 8.21
CA ARG A 29 3.16 -9.63 9.47
C ARG A 29 2.40 -10.24 10.65
N LYS A 30 1.09 -10.06 10.63
CA LYS A 30 0.19 -10.75 11.55
C LYS A 30 -0.95 -11.43 10.80
N MET A 31 -1.50 -10.73 9.82
CA MET A 31 -2.76 -11.15 9.22
C MET A 31 -2.54 -11.73 7.82
N LYS A 32 -2.87 -12.99 7.62
CA LYS A 32 -2.86 -13.51 6.27
C LYS A 32 -4.28 -13.77 5.80
N ASP A 33 -4.67 -13.03 4.78
CA ASP A 33 -6.01 -13.10 4.20
C ASP A 33 -5.96 -12.40 2.86
N THR A 34 -5.49 -13.12 1.85
CA THR A 34 -5.18 -12.50 0.57
C THR A 34 -6.01 -13.07 -0.55
N ASP A 35 -5.89 -12.41 -1.68
CA ASP A 35 -6.25 -12.97 -2.95
C ASP A 35 -4.97 -13.41 -3.65
N SER A 36 -5.08 -13.75 -4.91
CA SER A 36 -3.93 -14.09 -5.72
C SER A 36 -2.97 -12.91 -5.77
N GLU A 37 -1.66 -13.19 -5.85
CA GLU A 37 -0.66 -12.15 -5.88
C GLU A 37 -0.87 -11.23 -7.08
N GLU A 38 -1.38 -11.79 -8.18
CA GLU A 38 -1.68 -11.00 -9.36
C GLU A 38 -2.80 -9.99 -9.06
N GLU A 39 -3.76 -10.43 -8.27
CA GLU A 39 -4.85 -9.55 -7.83
C GLU A 39 -4.28 -8.45 -6.94
N ILE A 40 -3.25 -8.81 -6.17
CA ILE A 40 -2.55 -7.85 -5.33
C ILE A 40 -1.88 -6.77 -6.17
N ARG A 41 -1.34 -7.17 -7.31
CA ARG A 41 -0.70 -6.23 -8.22
C ARG A 41 -1.74 -5.27 -8.79
N GLU A 42 -2.90 -5.80 -9.10
CA GLU A 42 -4.01 -4.99 -9.58
C GLU A 42 -4.51 -4.10 -8.44
N ALA A 43 -4.40 -4.60 -7.22
CA ALA A 43 -4.76 -3.82 -6.05
C ALA A 43 -3.79 -2.65 -5.88
N PHE A 44 -2.52 -2.89 -6.19
CA PHE A 44 -1.53 -1.81 -6.22
C PHE A 44 -1.95 -0.70 -7.16
N ARG A 45 -2.61 -1.07 -8.25
CA ARG A 45 -3.12 -0.08 -9.20
C ARG A 45 -4.36 0.63 -8.65
N VAL A 46 -5.14 -0.08 -7.83
CA VAL A 46 -6.38 0.46 -7.26
C VAL A 46 -6.10 1.31 -6.03
N PHE A 47 -5.25 0.80 -5.14
CA PHE A 47 -4.95 1.46 -3.87
C PHE A 47 -4.04 2.67 -4.04
N ASP A 48 -3.97 3.17 -5.27
CA ASP A 48 -3.13 4.30 -5.58
C ASP A 48 -4.00 5.40 -6.20
N LYS A 49 -3.71 6.66 -5.88
CA LYS A 49 -4.43 7.79 -6.44
C LYS A 49 -4.17 7.88 -7.94
N ASP A 50 -2.90 7.71 -8.28
CA ASP A 50 -2.42 7.88 -9.65
C ASP A 50 -2.13 6.53 -10.31
N GLY A 51 -2.35 5.46 -9.56
CA GLY A 51 -2.03 4.11 -10.01
C GLY A 51 -0.63 3.93 -10.58
N ASN A 52 0.40 4.49 -9.93
CA ASN A 52 1.78 4.33 -10.41
C ASN A 52 2.35 2.95 -10.11
N GLY A 53 1.49 1.99 -9.76
CA GLY A 53 1.93 0.63 -9.56
C GLY A 53 2.53 0.40 -8.18
N TYR A 54 2.15 1.24 -7.23
CA TYR A 54 2.67 1.18 -5.87
C TYR A 54 1.66 1.78 -4.91
N ILE A 55 1.70 1.38 -3.65
CA ILE A 55 0.72 1.84 -2.69
C ILE A 55 1.37 2.64 -1.57
N SER A 56 1.26 3.96 -1.64
CA SER A 56 1.76 4.83 -0.60
C SER A 56 0.64 5.09 0.40
N ALA A 57 0.97 5.49 1.62
CA ALA A 57 -0.07 5.78 2.61
C ALA A 57 -1.09 6.78 2.07
N ALA A 58 -0.60 7.89 1.53
CA ALA A 58 -1.44 8.90 0.89
C ALA A 58 -2.38 8.26 -0.15
N GLU A 59 -1.79 7.45 -1.04
CA GLU A 59 -2.56 6.76 -2.08
C GLU A 59 -3.61 5.88 -1.44
N LEU A 60 -3.13 5.12 -0.45
CA LEU A 60 -3.92 4.13 0.25
C LEU A 60 -5.14 4.78 0.88
N ARG A 61 -4.94 5.93 1.50
CA ARG A 61 -6.02 6.58 2.22
C ARG A 61 -7.10 7.05 1.24
N HIS A 62 -6.67 7.61 0.12
CA HIS A 62 -7.57 7.99 -0.97
C HIS A 62 -8.51 6.82 -1.36
N VAL A 63 -7.93 5.65 -1.51
CA VAL A 63 -8.68 4.50 -2.00
C VAL A 63 -9.37 3.74 -0.86
N MET A 64 -8.62 3.55 0.22
CA MET A 64 -9.01 2.69 1.31
C MET A 64 -10.18 3.26 2.12
N THR A 65 -9.95 4.31 2.89
CA THR A 65 -10.97 4.81 3.79
C THR A 65 -11.29 6.30 3.56
N ASN A 66 -10.26 7.10 3.31
CA ASN A 66 -10.44 8.55 3.18
C ASN A 66 -10.96 8.91 1.78
N LEU A 67 -11.01 10.20 1.48
CA LEU A 67 -11.64 10.70 0.26
C LEU A 67 -10.97 10.14 -0.99
N GLY A 68 -11.78 9.54 -1.86
CA GLY A 68 -11.29 9.01 -3.10
C GLY A 68 -12.35 9.03 -4.17
CA CA B . 10.89 -1.66 -0.33
CA CA C . 0.53 6.59 -6.99
#